data_3C3J
#
_entry.id   3C3J
#
_cell.length_a   100.941
_cell.length_b   81.211
_cell.length_c   138.325
_cell.angle_alpha   90.00
_cell.angle_beta   90.21
_cell.angle_gamma   90.00
#
_symmetry.space_group_name_H-M   'P 1 21 1'
#
loop_
_entity.id
_entity.type
_entity.pdbx_description
1 polymer 'Putative tagatose-6-phosphate ketose/aldose isomerase'
2 water water
#
_entity_poly.entity_id   1
_entity_poly.type   'polypeptide(L)'
_entity_poly.pdbx_seq_one_letter_code
;(MSE)PENYTPAAAATGTWTEEEIRHQPRAWIRSLTNIDALRSALNNFLEPLLRKENLRIILTGAGTSAFIGDIIAPWLA
SHTGKNFSAVPTTDLVTNP(MSE)DYLNPAHPLLLISFGRSGNSPESVAAVELANQFVPECYHLPITCNEAGALYQNAIN
SDNAFALL(MSE)PAETHDRGFA(MSE)TSSITT(MSE)(MSE)ASCLAVFAPETINSQTFRDVADRCQAILTSLGDFSE
GVFGYAPWKRIVYLGSGGLQGAARESALKVLELTAGKLAAFYDSPTGFRHGPKSLVDDETLVVVFVSSHPYTRQYDLDLL
AELRRDNQA(MSE)RVIAIAAESSDIVAAGPHIILPPSRHFIDVEQAFCFL(MSE)YAQTFAL(MSE)QSLH(MSE)GNT
PDTPSASGTVNRVVQGVIIHPWQA
;
_entity_poly.pdbx_strand_id   A,B,C,D,E,F
#
# COMPACT_ATOMS: atom_id res chain seq x y z
N ASN A 4 -64.48 -7.66 -38.95
CA ASN A 4 -63.73 -6.73 -38.02
C ASN A 4 -62.38 -6.36 -38.62
N TYR A 5 -62.13 -5.06 -38.82
CA TYR A 5 -60.84 -4.59 -39.31
C TYR A 5 -60.43 -5.27 -40.62
N THR A 6 -61.40 -5.50 -41.50
CA THR A 6 -61.11 -6.19 -42.75
C THR A 6 -60.24 -5.31 -43.65
N PRO A 7 -59.09 -5.83 -44.08
CA PRO A 7 -58.22 -5.06 -44.96
C PRO A 7 -58.85 -4.80 -46.32
N ALA A 8 -58.55 -3.65 -46.92
CA ALA A 8 -58.82 -3.42 -48.33
C ALA A 8 -57.89 -4.31 -49.15
N ALA A 9 -58.16 -4.43 -50.44
CA ALA A 9 -57.31 -5.23 -51.32
C ALA A 9 -55.90 -4.65 -51.35
N ALA A 10 -54.90 -5.54 -51.42
CA ALA A 10 -53.50 -5.14 -51.55
C ALA A 10 -53.14 -4.94 -53.03
N ALA A 11 -53.55 -3.79 -53.58
CA ALA A 11 -53.38 -3.48 -55.01
C ALA A 11 -51.93 -3.39 -55.53
N THR A 12 -50.94 -3.18 -54.65
CA THR A 12 -49.55 -3.32 -55.10
C THR A 12 -49.12 -4.74 -55.41
N GLY A 13 -49.90 -5.73 -54.97
CA GLY A 13 -49.52 -7.13 -55.10
C GLY A 13 -48.38 -7.60 -54.21
N THR A 14 -48.01 -6.79 -53.21
CA THR A 14 -46.86 -7.08 -52.35
C THR A 14 -47.34 -7.70 -51.03
N TRP A 15 -46.52 -8.59 -50.49
CA TRP A 15 -46.74 -9.11 -49.15
C TRP A 15 -46.67 -7.98 -48.12
N THR A 16 -45.79 -7.00 -48.36
CA THR A 16 -45.58 -5.90 -47.41
C THR A 16 -46.88 -5.11 -47.25
N GLU A 17 -47.57 -4.83 -48.36
CA GLU A 17 -48.83 -4.10 -48.27
C GLU A 17 -49.89 -4.91 -47.52
N GLU A 18 -49.98 -6.20 -47.83
CA GLU A 18 -50.89 -7.10 -47.15
C GLU A 18 -50.65 -7.09 -45.63
N GLU A 19 -49.38 -7.12 -45.26
CA GLU A 19 -48.93 -7.17 -43.88
C GLU A 19 -49.18 -5.85 -43.16
N ILE A 20 -49.04 -4.74 -43.86
CA ILE A 20 -49.38 -3.45 -43.29
C ILE A 20 -50.88 -3.38 -43.02
N ARG A 21 -51.68 -3.76 -44.02
CA ARG A 21 -53.13 -3.61 -43.90
C ARG A 21 -53.79 -4.53 -42.86
N HIS A 22 -53.24 -5.72 -42.61
CA HIS A 22 -53.81 -6.64 -41.63
C HIS A 22 -53.40 -6.40 -40.16
N GLN A 23 -52.69 -5.30 -39.92
CA GLN A 23 -52.23 -4.97 -38.56
C GLN A 23 -53.35 -4.75 -37.51
N PRO A 24 -54.30 -3.83 -37.76
CA PRO A 24 -55.35 -3.63 -36.74
C PRO A 24 -56.05 -4.94 -36.33
N ARG A 25 -56.35 -5.79 -37.31
CA ARG A 25 -57.01 -7.04 -37.04
C ARG A 25 -56.10 -7.99 -36.25
N ALA A 26 -54.82 -8.02 -36.64
CA ALA A 26 -53.84 -8.87 -35.94
C ALA A 26 -53.65 -8.45 -34.47
N TRP A 27 -53.67 -7.14 -34.23
CA TRP A 27 -53.48 -6.61 -32.87
C TRP A 27 -54.56 -7.14 -31.92
N ILE A 28 -55.80 -7.06 -32.36
CA ILE A 28 -56.93 -7.48 -31.54
C ILE A 28 -56.99 -9.01 -31.39
N ARG A 29 -56.62 -9.74 -32.44
CA ARG A 29 -56.46 -11.17 -32.39
C ARG A 29 -55.42 -11.54 -31.33
N SER A 30 -54.29 -10.82 -31.28
CA SER A 30 -53.27 -11.19 -30.31
C SER A 30 -53.75 -10.92 -28.87
N LEU A 31 -54.37 -9.75 -28.66
CA LEU A 31 -54.82 -9.34 -27.30
C LEU A 31 -55.97 -10.20 -26.79
N THR A 32 -56.87 -10.61 -27.70
CA THR A 32 -57.90 -11.60 -27.32
C THR A 32 -57.28 -12.97 -26.99
N ASN A 33 -56.22 -13.37 -27.69
CA ASN A 33 -55.48 -14.57 -27.28
C ASN A 33 -54.86 -14.47 -25.89
N ILE A 34 -54.29 -13.31 -25.59
CA ILE A 34 -53.70 -13.04 -24.30
C ILE A 34 -54.80 -13.16 -23.22
N ASP A 35 -56.01 -12.69 -23.54
CA ASP A 35 -57.15 -12.88 -22.61
C ASP A 35 -57.35 -14.33 -22.28
N ALA A 36 -57.28 -15.18 -23.29
CA ALA A 36 -57.43 -16.63 -23.13
C ALA A 36 -56.30 -17.24 -22.28
N LEU A 37 -55.09 -16.68 -22.42
CA LEU A 37 -53.88 -17.16 -21.73
C LEU A 37 -53.62 -16.42 -20.41
N ARG A 38 -54.50 -15.50 -20.03
CA ARG A 38 -54.21 -14.59 -18.92
C ARG A 38 -53.85 -15.32 -17.62
N SER A 39 -54.61 -16.35 -17.28
CA SER A 39 -54.40 -16.96 -15.96
C SER A 39 -53.08 -17.76 -15.94
N ALA A 40 -52.75 -18.43 -17.04
CA ALA A 40 -51.42 -19.04 -17.24
C ALA A 40 -50.26 -18.01 -17.18
N LEU A 41 -50.43 -16.89 -17.89
CA LEU A 41 -49.46 -15.79 -17.85
C LEU A 41 -49.26 -15.32 -16.43
N ASN A 42 -50.37 -15.06 -15.75
CA ASN A 42 -50.33 -14.55 -14.39
C ASN A 42 -49.65 -15.53 -13.45
N ASN A 43 -49.91 -16.83 -13.62
CA ASN A 43 -49.24 -17.86 -12.80
C ASN A 43 -47.72 -17.85 -12.98
N PHE A 44 -47.29 -17.59 -14.20
CA PHE A 44 -45.87 -17.56 -14.51
C PHE A 44 -45.25 -16.27 -13.98
N LEU A 45 -45.91 -15.15 -14.25
CA LEU A 45 -45.27 -13.84 -14.06
C LEU A 45 -45.39 -13.30 -12.65
N GLU A 46 -46.52 -13.53 -11.99
CA GLU A 46 -46.76 -12.89 -10.70
C GLU A 46 -45.69 -13.22 -9.66
N PRO A 47 -45.25 -14.50 -9.58
CA PRO A 47 -44.18 -14.80 -8.63
C PRO A 47 -42.85 -14.12 -8.95
N LEU A 48 -42.62 -13.83 -10.24
CA LEU A 48 -41.39 -13.17 -10.66
C LEU A 48 -41.45 -11.69 -10.33
N LEU A 49 -42.56 -11.07 -10.69
CA LEU A 49 -42.75 -9.65 -10.51
C LEU A 49 -42.79 -9.24 -9.04
N ARG A 50 -43.03 -10.20 -8.14
CA ARG A 50 -42.95 -9.92 -6.70
C ARG A 50 -41.50 -9.83 -6.20
N LYS A 51 -40.52 -10.26 -7.00
CA LYS A 51 -39.11 -10.14 -6.64
C LYS A 51 -38.63 -8.69 -6.81
N GLU A 52 -38.40 -8.04 -5.67
CA GLU A 52 -37.91 -6.67 -5.58
C GLU A 52 -36.75 -6.35 -6.55
N ASN A 53 -35.78 -7.26 -6.58
CA ASN A 53 -34.55 -7.04 -7.31
C ASN A 53 -34.56 -7.54 -8.77
N LEU A 54 -35.72 -7.97 -9.27
CA LEU A 54 -35.84 -8.45 -10.65
C LEU A 54 -35.43 -7.38 -11.64
N ARG A 55 -34.59 -7.78 -12.60
CA ARG A 55 -34.33 -6.99 -13.83
C ARG A 55 -35.16 -7.59 -14.96
N ILE A 56 -35.75 -6.74 -15.77
CA ILE A 56 -36.50 -7.19 -16.93
C ILE A 56 -35.85 -6.54 -18.14
N ILE A 57 -35.35 -7.37 -19.06
CA ILE A 57 -34.69 -6.85 -20.25
C ILE A 57 -35.53 -7.21 -21.47
N LEU A 58 -35.87 -6.20 -22.27
CA LEU A 58 -36.51 -6.43 -23.56
C LEU A 58 -35.40 -6.49 -24.62
N THR A 59 -35.36 -7.58 -25.38
CA THR A 59 -34.30 -7.77 -26.35
C THR A 59 -34.81 -8.24 -27.71
N GLY A 60 -34.20 -7.70 -28.76
CA GLY A 60 -34.43 -8.11 -30.15
C GLY A 60 -33.31 -7.55 -31.01
N ALA A 61 -33.27 -7.97 -32.27
CA ALA A 61 -32.30 -7.46 -33.24
C ALA A 61 -33.02 -6.59 -34.27
N GLY A 62 -32.32 -5.58 -34.79
CA GLY A 62 -32.89 -4.72 -35.84
C GLY A 62 -34.19 -4.05 -35.37
N THR A 63 -35.19 -4.09 -36.25
CA THR A 63 -36.55 -3.63 -35.92
C THR A 63 -37.08 -4.14 -34.58
N SER A 64 -36.80 -5.40 -34.27
CA SER A 64 -37.26 -6.01 -33.01
C SER A 64 -36.60 -5.36 -31.80
N ALA A 65 -35.40 -4.79 -31.99
CA ALA A 65 -34.74 -4.05 -30.91
C ALA A 65 -35.49 -2.78 -30.58
N PHE A 66 -36.15 -2.19 -31.57
CA PHE A 66 -36.78 -0.87 -31.36
C PHE A 66 -38.05 -0.96 -30.53
N ILE A 67 -38.62 -2.15 -30.37
CA ILE A 67 -39.77 -2.32 -29.50
C ILE A 67 -39.42 -1.82 -28.08
N GLY A 68 -38.36 -2.36 -27.51
CA GLY A 68 -37.91 -1.95 -26.19
C GLY A 68 -37.57 -0.49 -26.14
N ASP A 69 -36.99 0.05 -27.21
CA ASP A 69 -36.70 1.48 -27.31
C ASP A 69 -37.96 2.33 -27.16
N ILE A 70 -39.07 1.87 -27.74
CA ILE A 70 -40.33 2.60 -27.65
C ILE A 70 -40.98 2.42 -26.25
N ILE A 71 -41.01 1.20 -25.71
CA ILE A 71 -41.88 0.91 -24.57
C ILE A 71 -41.20 0.66 -23.23
N ALA A 72 -39.89 0.34 -23.17
CA ALA A 72 -39.24 -0.01 -21.90
C ALA A 72 -39.32 1.12 -20.86
N PRO A 73 -39.03 2.37 -21.25
CA PRO A 73 -39.12 3.44 -20.25
C PRO A 73 -40.53 3.65 -19.71
N TRP A 74 -41.51 3.71 -20.60
CA TRP A 74 -42.90 3.77 -20.15
C TRP A 74 -43.28 2.62 -19.24
N LEU A 75 -42.91 1.40 -19.62
CA LEU A 75 -43.19 0.24 -18.77
C LEU A 75 -42.52 0.37 -17.38
N ALA A 76 -41.28 0.83 -17.36
CA ALA A 76 -40.55 1.06 -16.12
C ALA A 76 -41.34 2.01 -15.20
N SER A 77 -41.75 3.15 -15.74
CA SER A 77 -42.41 4.18 -14.94
C SER A 77 -43.81 3.78 -14.60
N HIS A 78 -44.52 3.19 -15.56
CA HIS A 78 -45.91 2.76 -15.32
C HIS A 78 -46.03 1.70 -14.24
N THR A 79 -45.11 0.73 -14.24
CA THR A 79 -45.15 -0.42 -13.31
C THR A 79 -44.29 -0.22 -12.05
N GLY A 80 -43.30 0.68 -12.12
CA GLY A 80 -42.29 0.79 -11.08
C GLY A 80 -41.29 -0.37 -11.02
N LYS A 81 -41.27 -1.21 -12.04
CA LYS A 81 -40.32 -2.32 -12.10
C LYS A 81 -39.14 -1.93 -12.96
N ASN A 82 -38.09 -2.74 -12.87
CA ASN A 82 -36.82 -2.49 -13.53
C ASN A 82 -36.80 -2.97 -14.98
N PHE A 83 -37.55 -2.29 -15.86
CA PHE A 83 -37.58 -2.59 -17.29
C PHE A 83 -36.48 -1.80 -18.00
N SER A 84 -35.78 -2.46 -18.92
CA SER A 84 -34.83 -1.82 -19.82
C SER A 84 -34.79 -2.57 -21.16
N ALA A 85 -34.19 -1.95 -22.16
CA ALA A 85 -34.04 -2.54 -23.47
C ALA A 85 -32.54 -2.68 -23.82
N VAL A 86 -32.14 -3.87 -24.26
CA VAL A 86 -30.77 -4.11 -24.74
C VAL A 86 -30.92 -4.97 -25.97
N PRO A 87 -30.45 -4.49 -27.11
CA PRO A 87 -30.54 -5.28 -28.34
C PRO A 87 -29.83 -6.61 -28.22
N THR A 88 -30.36 -7.64 -28.87
CA THR A 88 -29.69 -8.94 -28.86
C THR A 88 -28.30 -8.84 -29.42
N THR A 89 -28.09 -7.92 -30.36
CA THR A 89 -26.77 -7.74 -30.97
C THR A 89 -25.74 -7.27 -29.93
N ASP A 90 -26.15 -6.48 -28.94
CA ASP A 90 -25.25 -6.10 -27.82
C ASP A 90 -25.07 -7.21 -26.77
N LEU A 91 -26.13 -7.96 -26.49
CA LEU A 91 -26.03 -9.09 -25.57
C LEU A 91 -25.06 -10.13 -26.09
N VAL A 92 -25.07 -10.37 -27.40
CA VAL A 92 -24.26 -11.43 -27.99
C VAL A 92 -22.77 -11.03 -28.03
N THR A 93 -22.46 -9.76 -28.31
CA THR A 93 -21.07 -9.31 -28.44
C THR A 93 -20.43 -8.91 -27.11
N ASN A 94 -21.23 -8.38 -26.18
CA ASN A 94 -20.75 -7.85 -24.90
C ASN A 94 -21.64 -8.31 -23.72
N PRO A 95 -21.87 -9.62 -23.56
CA PRO A 95 -22.79 -10.09 -22.52
C PRO A 95 -22.43 -9.62 -21.12
N ASP A 97 -21.24 -6.87 -20.13
CA ASP A 97 -21.62 -5.49 -19.87
C ASP A 97 -23.08 -5.27 -19.53
N TYR A 98 -23.93 -6.27 -19.81
CA TYR A 98 -25.40 -6.11 -19.71
C TYR A 98 -26.11 -7.11 -18.78
N LEU A 99 -25.53 -8.29 -18.59
CA LEU A 99 -26.18 -9.37 -17.86
C LEU A 99 -25.58 -9.43 -16.48
N ASN A 100 -26.43 -9.22 -15.48
CA ASN A 100 -25.97 -9.03 -14.10
C ASN A 100 -26.20 -10.32 -13.30
N PRO A 101 -25.12 -11.03 -12.95
CA PRO A 101 -25.26 -12.28 -12.21
C PRO A 101 -25.83 -12.14 -10.79
N ALA A 102 -25.92 -10.92 -10.26
CA ALA A 102 -26.28 -10.69 -8.86
C ALA A 102 -27.77 -10.52 -8.63
N HIS A 103 -28.56 -10.43 -9.70
CA HIS A 103 -30.00 -10.22 -9.61
C HIS A 103 -30.75 -11.23 -10.47
N PRO A 104 -32.01 -11.52 -10.13
CA PRO A 104 -32.79 -12.33 -11.05
C PRO A 104 -33.05 -11.53 -12.34
N LEU A 105 -33.25 -12.25 -13.43
CA LEU A 105 -33.55 -11.66 -14.72
C LEU A 105 -34.76 -12.30 -15.38
N LEU A 106 -35.61 -11.48 -15.98
CA LEU A 106 -36.65 -11.93 -16.87
C LEU A 106 -36.29 -11.36 -18.24
N LEU A 107 -35.99 -12.22 -19.18
CA LEU A 107 -35.60 -11.80 -20.53
C LEU A 107 -36.79 -11.94 -21.46
N ILE A 108 -37.23 -10.81 -22.02
CA ILE A 108 -38.32 -10.78 -22.99
C ILE A 108 -37.69 -10.75 -24.40
N SER A 109 -37.75 -11.86 -25.10
CA SER A 109 -37.05 -12.02 -26.38
C SER A 109 -38.06 -11.87 -27.51
N PHE A 110 -37.89 -10.86 -28.35
CA PHE A 110 -38.67 -10.69 -29.56
C PHE A 110 -37.98 -11.33 -30.75
N GLY A 111 -38.71 -12.11 -31.53
CA GLY A 111 -38.18 -12.63 -32.81
C GLY A 111 -39.30 -13.08 -33.71
N ARG A 112 -39.32 -12.56 -34.93
CA ARG A 112 -40.29 -12.95 -35.93
C ARG A 112 -40.16 -14.45 -36.24
N SER A 113 -38.98 -14.89 -36.66
CA SER A 113 -38.76 -16.31 -36.97
C SER A 113 -38.46 -17.17 -35.76
N GLY A 114 -37.90 -16.56 -34.71
CA GLY A 114 -37.47 -17.29 -33.52
C GLY A 114 -36.19 -18.06 -33.76
N ASN A 115 -35.61 -17.88 -34.94
CA ASN A 115 -34.48 -18.64 -35.40
C ASN A 115 -33.21 -17.78 -35.66
N SER A 116 -33.31 -16.46 -35.51
CA SER A 116 -32.15 -15.57 -35.60
C SER A 116 -31.05 -16.12 -34.68
N PRO A 117 -29.83 -16.39 -35.22
CA PRO A 117 -28.79 -16.91 -34.34
C PRO A 117 -28.59 -16.03 -33.10
N GLU A 118 -28.72 -14.72 -33.22
CA GLU A 118 -28.56 -13.83 -32.08
C GLU A 118 -29.66 -14.01 -31.05
N SER A 119 -30.87 -14.32 -31.49
CA SER A 119 -31.99 -14.53 -30.55
C SER A 119 -31.69 -15.73 -29.63
N VAL A 120 -31.30 -16.84 -30.23
CA VAL A 120 -31.00 -18.05 -29.48
C VAL A 120 -29.74 -17.87 -28.63
N ALA A 121 -28.74 -17.24 -29.21
CA ALA A 121 -27.49 -16.95 -28.50
C ALA A 121 -27.73 -16.05 -27.27
N ALA A 122 -28.60 -15.02 -27.40
CA ALA A 122 -28.90 -14.16 -26.26
C ALA A 122 -29.58 -14.92 -25.09
N VAL A 123 -30.49 -15.82 -25.43
CA VAL A 123 -31.14 -16.67 -24.45
C VAL A 123 -30.10 -17.53 -23.69
N GLU A 124 -29.21 -18.17 -24.44
CA GLU A 124 -28.19 -19.07 -23.87
C GLU A 124 -27.23 -18.29 -22.98
N LEU A 125 -26.83 -17.11 -23.44
CA LEU A 125 -25.92 -16.26 -22.68
C LEU A 125 -26.56 -15.77 -21.38
N ALA A 126 -27.85 -15.42 -21.43
CA ALA A 126 -28.56 -14.97 -20.24
C ALA A 126 -28.61 -16.12 -19.22
N ASN A 127 -28.92 -17.32 -19.70
CA ASN A 127 -28.91 -18.51 -18.84
C ASN A 127 -27.52 -18.81 -18.24
N GLN A 128 -26.48 -18.69 -19.07
CA GLN A 128 -25.10 -18.89 -18.62
C GLN A 128 -24.67 -17.85 -17.57
N PHE A 129 -24.99 -16.59 -17.81
CA PHE A 129 -24.53 -15.49 -16.94
C PHE A 129 -25.36 -15.30 -15.65
N VAL A 130 -26.67 -15.52 -15.72
CA VAL A 130 -27.57 -15.12 -14.64
C VAL A 130 -28.16 -16.36 -13.99
N PRO A 131 -27.74 -16.65 -12.75
CA PRO A 131 -28.18 -17.86 -12.08
C PRO A 131 -29.69 -18.03 -12.00
N GLU A 132 -30.41 -16.98 -11.66
CA GLU A 132 -31.87 -17.02 -11.63
C GLU A 132 -32.45 -16.26 -12.83
N CYS A 133 -32.69 -17.00 -13.89
CA CYS A 133 -33.05 -16.45 -15.18
C CYS A 133 -34.34 -17.06 -15.68
N TYR A 134 -35.24 -16.18 -16.12
CA TYR A 134 -36.54 -16.56 -16.66
C TYR A 134 -36.70 -15.92 -18.02
N HIS A 135 -37.55 -16.51 -18.84
CA HIS A 135 -37.75 -16.10 -20.24
C HIS A 135 -39.21 -15.99 -20.61
N LEU A 136 -39.54 -14.92 -21.35
CA LEU A 136 -40.82 -14.76 -22.02
C LEU A 136 -40.56 -14.38 -23.47
N PRO A 137 -40.30 -15.37 -24.33
CA PRO A 137 -40.23 -15.03 -25.75
C PRO A 137 -41.59 -14.63 -26.33
N ILE A 138 -41.56 -13.61 -27.18
CA ILE A 138 -42.74 -13.13 -27.90
C ILE A 138 -42.34 -13.25 -29.36
N THR A 139 -42.98 -14.19 -30.05
CA THR A 139 -42.49 -14.67 -31.34
C THR A 139 -43.62 -15.05 -32.31
N CYS A 140 -43.33 -14.98 -33.61
CA CYS A 140 -44.32 -15.23 -34.66
C CYS A 140 -44.24 -16.61 -35.32
N ASN A 141 -43.35 -17.49 -34.85
CA ASN A 141 -43.11 -18.80 -35.46
C ASN A 141 -43.18 -19.92 -34.43
N GLU A 142 -44.24 -20.73 -34.50
CA GLU A 142 -44.44 -21.83 -33.56
C GLU A 142 -43.28 -22.86 -33.59
N ALA A 143 -42.69 -23.02 -34.77
CA ALA A 143 -41.63 -24.01 -34.97
C ALA A 143 -40.22 -23.44 -34.70
N GLY A 144 -40.10 -22.14 -34.39
CA GLY A 144 -38.80 -21.54 -34.13
C GLY A 144 -38.23 -21.94 -32.80
N ALA A 145 -36.91 -21.85 -32.71
CA ALA A 145 -36.13 -22.13 -31.52
C ALA A 145 -36.62 -21.36 -30.29
N LEU A 146 -36.89 -20.06 -30.42
CA LEU A 146 -37.37 -19.28 -29.27
C LEU A 146 -38.59 -19.93 -28.65
N TYR A 147 -39.58 -20.26 -29.51
CA TYR A 147 -40.82 -20.83 -29.01
C TYR A 147 -40.56 -22.24 -28.44
N GLN A 148 -39.92 -23.06 -29.24
CA GLN A 148 -39.71 -24.48 -28.86
C GLN A 148 -38.81 -24.66 -27.64
N ASN A 149 -37.71 -23.89 -27.56
CA ASN A 149 -36.85 -24.00 -26.38
C ASN A 149 -37.60 -23.58 -25.14
N ALA A 150 -38.45 -22.56 -25.26
CA ALA A 150 -39.19 -22.03 -24.12
C ALA A 150 -40.20 -23.03 -23.58
N ILE A 151 -40.92 -23.69 -24.47
CA ILE A 151 -41.98 -24.60 -24.03
C ILE A 151 -41.36 -25.86 -23.43
N ASN A 152 -40.14 -26.15 -23.85
CA ASN A 152 -39.31 -27.25 -23.32
C ASN A 152 -38.66 -26.95 -21.95
N SER A 153 -38.75 -25.72 -21.43
CA SER A 153 -38.11 -25.42 -20.15
C SER A 153 -39.00 -24.74 -19.13
N ASP A 154 -38.79 -25.08 -17.85
CA ASP A 154 -39.65 -24.59 -16.76
C ASP A 154 -39.46 -23.11 -16.41
N ASN A 155 -38.35 -22.52 -16.85
CA ASN A 155 -38.04 -21.12 -16.55
C ASN A 155 -38.57 -20.17 -17.62
N ALA A 156 -39.46 -20.65 -18.50
CA ALA A 156 -39.84 -19.91 -19.70
C ALA A 156 -41.33 -20.06 -19.98
N PHE A 157 -41.92 -19.01 -20.55
CA PHE A 157 -43.31 -19.03 -20.98
C PHE A 157 -43.34 -18.27 -22.30
N ALA A 158 -43.68 -18.95 -23.37
CA ALA A 158 -43.62 -18.35 -24.70
C ALA A 158 -45.00 -17.93 -25.15
N LEU A 159 -45.04 -16.78 -25.78
CA LEU A 159 -46.26 -16.23 -26.31
C LEU A 159 -46.16 -16.18 -27.84
N LEU A 160 -47.07 -16.88 -28.49
CA LEU A 160 -47.09 -16.97 -29.94
C LEU A 160 -48.00 -15.89 -30.54
N PRO A 162 -50.30 -14.09 -33.69
CA PRO A 162 -51.15 -14.67 -34.72
C PRO A 162 -50.37 -15.03 -35.99
N ALA A 163 -50.79 -16.10 -36.64
CA ALA A 163 -50.06 -16.67 -37.77
C ALA A 163 -49.76 -15.67 -38.89
N GLU A 164 -50.69 -14.76 -39.18
CA GLU A 164 -50.48 -13.80 -40.27
C GLU A 164 -49.36 -12.81 -40.01
N THR A 165 -48.91 -12.72 -38.77
CA THR A 165 -47.85 -11.77 -38.41
C THR A 165 -46.44 -12.34 -38.62
N HIS A 166 -46.31 -13.60 -39.09
CA HIS A 166 -45.00 -14.12 -39.50
C HIS A 166 -44.75 -13.52 -40.88
N ASP A 167 -44.34 -12.25 -40.91
CA ASP A 167 -44.26 -11.45 -42.14
C ASP A 167 -43.37 -12.11 -43.18
N ARG A 168 -43.90 -12.21 -44.41
CA ARG A 168 -43.15 -12.70 -45.57
C ARG A 168 -42.24 -11.61 -46.15
N GLY A 169 -42.68 -10.36 -46.08
CA GLY A 169 -41.86 -9.22 -46.48
C GLY A 169 -40.55 -9.17 -45.71
N PHE A 170 -39.47 -8.82 -46.42
CA PHE A 170 -38.16 -8.54 -45.83
C PHE A 170 -38.26 -7.60 -44.60
N ALA A 171 -38.96 -6.49 -44.81
CA ALA A 171 -39.17 -5.47 -43.80
C ALA A 171 -40.32 -5.86 -42.90
N THR A 173 -43.38 -5.53 -40.45
CA THR A 173 -44.46 -4.56 -40.22
C THR A 173 -45.40 -5.13 -39.14
N SER A 174 -46.31 -6.02 -39.53
CA SER A 174 -47.26 -6.58 -38.53
C SER A 174 -46.58 -7.39 -37.42
N SER A 175 -45.42 -7.98 -37.69
CA SER A 175 -44.70 -8.73 -36.65
C SER A 175 -44.29 -7.78 -35.50
N ILE A 176 -43.60 -6.69 -35.86
CA ILE A 176 -43.16 -5.73 -34.86
C ILE A 176 -44.34 -5.09 -34.10
N THR A 177 -45.33 -4.56 -34.80
CA THR A 177 -46.44 -3.90 -34.10
C THR A 177 -47.25 -4.88 -33.23
N THR A 178 -47.42 -6.11 -33.69
CA THR A 178 -48.21 -7.06 -32.90
C THR A 178 -47.44 -7.52 -31.66
N ALA A 181 -47.64 -4.48 -29.14
CA ALA A 181 -48.95 -4.41 -28.49
C ALA A 181 -49.12 -5.54 -27.49
N SER A 182 -48.64 -6.74 -27.85
CA SER A 182 -48.70 -7.89 -26.94
C SER A 182 -47.89 -7.65 -25.65
N CYS A 183 -46.66 -7.18 -25.79
CA CYS A 183 -45.82 -6.90 -24.64
C CYS A 183 -46.46 -5.87 -23.70
N LEU A 184 -46.99 -4.78 -24.26
CA LEU A 184 -47.70 -3.78 -23.47
C LEU A 184 -48.88 -4.42 -22.72
N ALA A 185 -49.64 -5.29 -23.42
CA ALA A 185 -50.83 -5.93 -22.84
C ALA A 185 -50.46 -6.90 -21.75
N VAL A 186 -49.32 -7.56 -21.88
CA VAL A 186 -48.89 -8.51 -20.86
C VAL A 186 -48.59 -7.78 -19.57
N PHE A 187 -47.87 -6.66 -19.65
CA PHE A 187 -47.37 -6.00 -18.43
C PHE A 187 -48.20 -4.84 -17.91
N ALA A 188 -49.05 -4.27 -18.76
CA ALA A 188 -49.93 -3.16 -18.36
C ALA A 188 -51.39 -3.42 -18.79
N PRO A 189 -51.96 -4.56 -18.38
CA PRO A 189 -53.30 -4.90 -18.88
C PRO A 189 -54.42 -4.00 -18.39
N GLU A 190 -54.15 -3.25 -17.32
CA GLU A 190 -55.14 -2.32 -16.81
C GLU A 190 -55.27 -1.07 -17.70
N THR A 191 -54.31 -0.90 -18.63
CA THR A 191 -54.23 0.24 -19.53
C THR A 191 -54.33 -0.20 -20.98
N ILE A 192 -53.59 -1.25 -21.32
CA ILE A 192 -53.52 -1.73 -22.69
C ILE A 192 -54.12 -3.12 -22.69
N ASN A 193 -55.31 -3.24 -23.26
CA ASN A 193 -55.99 -4.52 -23.24
C ASN A 193 -56.89 -4.65 -24.44
N SER A 194 -57.56 -5.79 -24.54
CA SER A 194 -58.32 -6.11 -25.76
C SER A 194 -59.51 -5.21 -25.92
N GLN A 195 -59.87 -4.48 -24.86
CA GLN A 195 -60.89 -3.46 -24.95
C GLN A 195 -60.32 -2.10 -25.34
N THR A 196 -59.43 -1.56 -24.49
CA THR A 196 -58.87 -0.22 -24.73
C THR A 196 -58.13 -0.15 -26.08
N PHE A 197 -57.43 -1.23 -26.45
CA PHE A 197 -56.62 -1.20 -27.66
C PHE A 197 -57.46 -1.20 -28.91
N ARG A 198 -58.74 -1.57 -28.81
CA ARG A 198 -59.63 -1.42 -29.98
C ARG A 198 -59.70 0.01 -30.49
N ASP A 199 -59.54 1.00 -29.61
CA ASP A 199 -59.49 2.41 -30.07
C ASP A 199 -58.24 2.64 -30.93
N VAL A 200 -57.14 1.94 -30.62
CA VAL A 200 -55.89 2.12 -31.36
C VAL A 200 -56.02 1.42 -32.72
N ALA A 201 -56.53 0.20 -32.71
CA ALA A 201 -56.82 -0.55 -33.91
C ALA A 201 -57.79 0.23 -34.80
N ASP A 202 -58.84 0.77 -34.20
CA ASP A 202 -59.83 1.59 -34.93
C ASP A 202 -59.19 2.82 -35.62
N ARG A 203 -58.32 3.52 -34.89
CA ARG A 203 -57.70 4.71 -35.41
C ARG A 203 -56.71 4.38 -36.49
N CYS A 204 -55.94 3.31 -36.31
CA CYS A 204 -54.99 2.90 -37.34
C CYS A 204 -55.70 2.38 -38.59
N GLN A 205 -56.84 1.70 -38.41
CA GLN A 205 -57.68 1.31 -39.56
C GLN A 205 -58.18 2.56 -40.29
N ALA A 206 -58.58 3.59 -39.56
CA ALA A 206 -58.97 4.89 -40.17
C ALA A 206 -57.82 5.57 -40.93
N ILE A 207 -56.60 5.46 -40.39
CA ILE A 207 -55.43 6.03 -41.04
C ILE A 207 -55.22 5.33 -42.37
N LEU A 208 -55.20 4.01 -42.34
CA LEU A 208 -54.99 3.25 -43.57
C LEU A 208 -56.08 3.56 -44.60
N THR A 209 -57.33 3.61 -44.15
CA THR A 209 -58.45 4.00 -45.02
C THR A 209 -58.25 5.40 -45.62
N SER A 210 -57.78 6.33 -44.79
CA SER A 210 -57.52 7.69 -45.24
C SER A 210 -56.47 7.81 -46.34
N LEU A 211 -55.59 6.81 -46.43
CA LEU A 211 -54.54 6.76 -47.44
C LEU A 211 -54.99 6.10 -48.75
N GLY A 212 -56.24 5.65 -48.80
CA GLY A 212 -56.78 5.01 -50.01
C GLY A 212 -55.95 3.81 -50.46
N ASP A 213 -55.68 3.71 -51.77
CA ASP A 213 -54.86 2.61 -52.29
C ASP A 213 -53.33 2.85 -52.22
N PHE A 214 -52.97 3.94 -51.54
CA PHE A 214 -51.61 4.34 -51.19
C PHE A 214 -50.86 5.00 -52.36
N SER A 215 -51.51 5.12 -53.51
CA SER A 215 -50.82 5.53 -54.73
C SER A 215 -50.28 6.96 -54.64
N GLU A 216 -50.84 7.80 -53.76
CA GLU A 216 -50.31 9.15 -53.55
C GLU A 216 -48.96 9.19 -52.81
N GLY A 217 -48.56 8.05 -52.22
CA GLY A 217 -47.23 7.94 -51.62
C GLY A 217 -47.10 8.54 -50.23
N VAL A 218 -48.23 8.90 -49.61
CA VAL A 218 -48.33 9.30 -48.18
C VAL A 218 -47.78 10.69 -47.82
N PHE A 219 -46.46 10.87 -47.92
CA PHE A 219 -45.86 12.20 -47.86
C PHE A 219 -45.64 12.71 -49.28
N GLY A 220 -45.64 11.82 -50.28
CA GLY A 220 -45.51 12.23 -51.69
C GLY A 220 -44.24 11.70 -52.34
N TYR A 221 -43.98 12.15 -53.56
CA TYR A 221 -42.85 11.68 -54.36
C TYR A 221 -41.83 12.76 -54.76
N ALA A 222 -41.63 13.74 -53.91
CA ALA A 222 -40.63 14.78 -54.16
C ALA A 222 -39.22 14.20 -54.19
N PRO A 223 -38.28 14.89 -54.87
CA PRO A 223 -36.95 14.34 -55.03
C PRO A 223 -36.04 14.55 -53.79
N TRP A 224 -36.53 14.21 -52.62
CA TRP A 224 -35.69 14.26 -51.43
C TRP A 224 -34.61 13.18 -51.50
N LYS A 225 -33.46 13.49 -50.89
CA LYS A 225 -32.31 12.61 -50.78
C LYS A 225 -32.05 12.17 -49.32
N ARG A 226 -32.65 12.87 -48.38
CA ARG A 226 -32.52 12.55 -46.96
C ARG A 226 -33.87 12.63 -46.31
N ILE A 227 -34.11 11.71 -45.40
CA ILE A 227 -35.27 11.78 -44.55
C ILE A 227 -34.85 11.68 -43.09
N VAL A 228 -35.44 12.52 -42.26
CA VAL A 228 -35.20 12.52 -40.84
C VAL A 228 -36.53 12.38 -40.12
N TYR A 229 -36.62 11.38 -39.25
CA TYR A 229 -37.77 11.26 -38.34
C TYR A 229 -37.37 11.69 -36.95
N LEU A 230 -38.24 12.46 -36.30
CA LEU A 230 -38.00 12.99 -34.95
C LEU A 230 -39.15 12.65 -34.01
N GLY A 231 -38.81 12.17 -32.81
CA GLY A 231 -39.80 11.88 -31.77
C GLY A 231 -39.15 11.93 -30.40
N SER A 232 -39.89 12.44 -29.41
CA SER A 232 -39.36 12.59 -28.07
C SER A 232 -39.51 11.32 -27.26
N GLY A 233 -38.59 11.08 -26.34
CA GLY A 233 -38.72 9.95 -25.42
C GLY A 233 -38.74 8.66 -26.20
N GLY A 234 -39.69 7.79 -25.87
CA GLY A 234 -39.87 6.53 -26.58
C GLY A 234 -40.27 6.65 -28.05
N LEU A 235 -40.86 7.77 -28.45
CA LEU A 235 -41.16 7.98 -29.86
C LEU A 235 -39.91 8.10 -30.72
N GLN A 236 -38.77 8.35 -30.11
CA GLN A 236 -37.51 8.28 -30.84
C GLN A 236 -37.32 6.85 -31.41
N GLY A 237 -37.72 5.83 -30.64
CA GLY A 237 -37.69 4.46 -31.16
C GLY A 237 -38.59 4.25 -32.38
N ALA A 238 -39.76 4.89 -32.38
CA ALA A 238 -40.65 4.88 -33.55
C ALA A 238 -40.00 5.58 -34.74
N ALA A 239 -39.35 6.71 -34.46
CA ALA A 239 -38.56 7.42 -35.49
C ALA A 239 -37.45 6.55 -36.06
N ARG A 240 -36.78 5.78 -35.20
CA ARG A 240 -35.71 4.88 -35.61
C ARG A 240 -36.20 3.77 -36.51
N GLU A 241 -37.31 3.15 -36.12
CA GLU A 241 -37.96 2.13 -36.97
C GLU A 241 -38.40 2.71 -38.33
N SER A 242 -38.99 3.91 -38.29
CA SER A 242 -39.41 4.61 -39.48
C SER A 242 -38.25 4.88 -40.42
N ALA A 243 -37.14 5.33 -39.86
CA ALA A 243 -35.94 5.59 -40.67
C ALA A 243 -35.44 4.27 -41.27
N LEU A 244 -35.37 3.20 -40.48
CA LEU A 244 -34.84 1.94 -41.00
C LEU A 244 -35.72 1.39 -42.14
N LYS A 245 -37.03 1.52 -42.03
CA LYS A 245 -37.93 1.06 -43.09
C LYS A 245 -37.62 1.72 -44.44
N VAL A 246 -37.44 3.04 -44.43
CA VAL A 246 -37.07 3.83 -45.63
C VAL A 246 -35.78 3.34 -46.22
N LEU A 247 -34.82 3.14 -45.34
CA LEU A 247 -33.51 2.74 -45.75
C LEU A 247 -33.57 1.34 -46.38
N GLU A 248 -34.23 0.41 -45.70
CA GLU A 248 -34.37 -0.96 -46.19
C GLU A 248 -35.07 -1.01 -47.55
N LEU A 249 -36.26 -0.43 -47.60
CA LEU A 249 -37.12 -0.63 -48.76
C LEU A 249 -36.63 0.15 -49.99
N THR A 250 -35.85 1.20 -49.78
CA THR A 250 -35.22 1.91 -50.91
C THR A 250 -33.82 1.44 -51.23
N ALA A 251 -33.41 0.30 -50.65
CA ALA A 251 -32.05 -0.24 -50.79
C ALA A 251 -30.99 0.83 -50.56
N GLY A 252 -31.20 1.66 -49.56
CA GLY A 252 -30.22 2.69 -49.23
C GLY A 252 -30.29 3.95 -50.06
N LYS A 253 -31.12 4.00 -51.08
CA LYS A 253 -31.10 5.16 -51.96
C LYS A 253 -31.55 6.43 -51.26
N LEU A 254 -32.51 6.33 -50.36
CA LEU A 254 -32.87 7.48 -49.54
C LEU A 254 -32.17 7.32 -48.20
N ALA A 255 -31.23 8.22 -47.92
CA ALA A 255 -30.54 8.25 -46.63
C ALA A 255 -31.57 8.59 -45.55
N ALA A 256 -31.56 7.85 -44.45
CA ALA A 256 -32.53 8.07 -43.37
C ALA A 256 -31.86 8.20 -42.01
N PHE A 257 -32.39 9.13 -41.21
CA PHE A 257 -31.83 9.52 -39.90
C PHE A 257 -32.97 9.59 -38.91
N TYR A 258 -32.63 9.48 -37.63
CA TYR A 258 -33.61 9.66 -36.55
C TYR A 258 -32.98 10.43 -35.40
N ASP A 259 -33.82 11.03 -34.58
CA ASP A 259 -33.38 11.68 -33.35
C ASP A 259 -34.59 12.10 -32.56
N SER A 260 -34.33 12.69 -31.39
CA SER A 260 -35.37 13.37 -30.66
C SER A 260 -35.35 14.84 -31.09
N PRO A 261 -36.49 15.53 -31.02
CA PRO A 261 -36.51 16.96 -31.32
C PRO A 261 -35.46 17.78 -30.57
N THR A 262 -35.31 17.56 -29.25
CA THR A 262 -34.36 18.34 -28.46
C THR A 262 -32.90 17.90 -28.74
N GLY A 263 -32.68 16.59 -28.92
CA GLY A 263 -31.39 16.05 -29.31
C GLY A 263 -30.90 16.60 -30.64
N PHE A 264 -31.85 16.82 -31.55
CA PHE A 264 -31.55 17.27 -32.92
C PHE A 264 -30.80 18.60 -32.98
N ARG A 265 -31.04 19.47 -32.01
CA ARG A 265 -30.39 20.78 -31.97
C ARG A 265 -28.89 20.72 -31.74
N HIS A 266 -28.41 19.68 -31.04
CA HIS A 266 -27.02 19.59 -30.59
C HIS A 266 -26.05 18.95 -31.61
N GLY A 267 -26.15 19.38 -32.86
CA GLY A 267 -25.27 18.92 -33.95
C GLY A 267 -25.98 18.32 -35.15
N PRO A 268 -26.86 17.34 -34.91
CA PRO A 268 -27.48 16.61 -36.02
C PRO A 268 -28.30 17.43 -37.02
N LYS A 269 -28.80 18.58 -36.57
CA LYS A 269 -29.56 19.51 -37.40
C LYS A 269 -28.79 19.93 -38.65
N SER A 270 -27.47 19.86 -38.58
CA SER A 270 -26.61 20.20 -39.70
C SER A 270 -26.89 19.32 -40.90
N LEU A 271 -27.47 18.15 -40.68
CA LEU A 271 -27.84 17.32 -41.82
C LEU A 271 -29.01 17.89 -42.67
N VAL A 272 -29.79 18.81 -42.13
CA VAL A 272 -30.91 19.34 -42.88
C VAL A 272 -30.44 20.21 -44.06
N ASP A 273 -30.77 19.77 -45.26
CA ASP A 273 -30.48 20.55 -46.47
C ASP A 273 -31.75 20.67 -47.31
N ASP A 274 -31.64 21.29 -48.48
CA ASP A 274 -32.82 21.54 -49.31
C ASP A 274 -33.31 20.32 -50.10
N GLU A 275 -32.72 19.16 -49.85
CA GLU A 275 -33.20 17.89 -50.35
C GLU A 275 -33.63 16.95 -49.20
N THR A 276 -33.87 17.52 -48.02
CA THR A 276 -34.24 16.77 -46.82
C THR A 276 -35.70 16.94 -46.46
N LEU A 277 -36.38 15.81 -46.24
CA LEU A 277 -37.69 15.74 -45.61
C LEU A 277 -37.50 15.50 -44.13
N VAL A 278 -38.15 16.30 -43.31
CA VAL A 278 -38.17 16.11 -41.86
C VAL A 278 -39.59 15.80 -41.45
N VAL A 279 -39.78 14.69 -40.73
CA VAL A 279 -41.09 14.32 -40.20
C VAL A 279 -41.05 14.30 -38.68
N VAL A 280 -41.96 15.03 -38.06
CA VAL A 280 -42.01 15.17 -36.62
C VAL A 280 -43.22 14.46 -36.07
N PHE A 281 -42.99 13.45 -35.23
CA PHE A 281 -44.02 12.76 -34.50
C PHE A 281 -44.31 13.53 -33.18
N VAL A 282 -45.39 14.31 -33.17
CA VAL A 282 -45.68 15.19 -32.05
C VAL A 282 -46.29 14.42 -30.86
N SER A 283 -45.70 14.61 -29.68
CA SER A 283 -46.20 13.97 -28.47
C SER A 283 -47.63 14.38 -28.16
N SER A 284 -48.40 13.46 -27.59
CA SER A 284 -49.71 13.74 -27.00
C SER A 284 -49.62 14.15 -25.53
N HIS A 285 -48.42 14.04 -24.97
CA HIS A 285 -48.22 14.40 -23.59
C HIS A 285 -48.11 15.92 -23.50
N PRO A 286 -48.92 16.52 -22.64
CA PRO A 286 -49.01 17.99 -22.62
C PRO A 286 -47.70 18.72 -22.21
N TYR A 287 -46.86 18.09 -21.40
CA TYR A 287 -45.54 18.64 -21.10
C TYR A 287 -44.58 18.47 -22.30
N THR A 288 -44.41 17.21 -22.68
CA THR A 288 -43.47 16.79 -23.73
C THR A 288 -43.70 17.53 -25.03
N ARG A 289 -44.95 17.64 -25.45
CA ARG A 289 -45.26 18.23 -26.75
C ARG A 289 -44.86 19.69 -26.91
N GLN A 290 -44.75 20.41 -25.80
CA GLN A 290 -44.26 21.79 -25.85
C GLN A 290 -42.87 21.86 -26.51
N TYR A 291 -42.03 20.89 -26.18
CA TYR A 291 -40.69 20.83 -26.73
C TYR A 291 -40.71 20.46 -28.20
N ASP A 292 -41.56 19.50 -28.54
CA ASP A 292 -41.77 19.10 -29.95
C ASP A 292 -42.21 20.28 -30.81
N LEU A 293 -43.15 21.05 -30.30
CA LEU A 293 -43.67 22.17 -31.06
C LEU A 293 -42.67 23.35 -31.16
N ASP A 294 -41.87 23.61 -30.14
CA ASP A 294 -40.78 24.59 -30.24
C ASP A 294 -39.75 24.22 -31.30
N LEU A 295 -39.37 22.95 -31.36
CA LEU A 295 -38.48 22.48 -32.41
C LEU A 295 -39.13 22.57 -33.82
N LEU A 296 -40.39 22.15 -33.93
CA LEU A 296 -41.13 22.29 -35.19
C LEU A 296 -41.10 23.75 -35.66
N ALA A 297 -41.41 24.66 -34.74
CA ALA A 297 -41.39 26.12 -35.06
C ALA A 297 -40.05 26.56 -35.61
N GLU A 298 -38.98 26.08 -35.00
CA GLU A 298 -37.63 26.39 -35.43
C GLU A 298 -37.34 25.84 -36.83
N LEU A 299 -37.71 24.59 -37.10
CA LEU A 299 -37.52 24.03 -38.44
C LEU A 299 -38.35 24.76 -39.50
N ARG A 300 -39.55 25.20 -39.14
CA ARG A 300 -40.44 25.90 -40.06
C ARG A 300 -39.88 27.31 -40.38
N ARG A 301 -39.43 27.97 -39.33
CA ARG A 301 -38.81 29.29 -39.45
C ARG A 301 -37.50 29.25 -40.25
N ASP A 302 -36.66 28.25 -40.00
CA ASP A 302 -35.40 28.05 -40.74
C ASP A 302 -35.65 27.96 -42.25
N ASN A 303 -36.72 27.28 -42.62
CA ASN A 303 -37.08 27.12 -44.02
C ASN A 303 -35.94 26.55 -44.87
N GLN A 304 -35.19 25.59 -44.34
CA GLN A 304 -34.08 25.05 -45.11
C GLN A 304 -34.31 23.65 -45.66
N ALA A 305 -35.17 22.86 -45.00
CA ALA A 305 -35.56 21.55 -45.49
C ALA A 305 -36.38 21.67 -46.77
N ARG A 307 -38.95 19.84 -47.15
CA ARG A 307 -40.29 19.76 -46.55
C ARG A 307 -40.20 19.38 -45.08
N VAL A 308 -41.04 20.00 -44.25
CA VAL A 308 -41.19 19.67 -42.83
C VAL A 308 -42.65 19.28 -42.61
N ILE A 309 -42.88 18.03 -42.18
CA ILE A 309 -44.23 17.50 -41.95
C ILE A 309 -44.38 17.19 -40.46
N ALA A 310 -45.40 17.78 -39.84
CA ALA A 310 -45.79 17.46 -38.48
C ALA A 310 -46.95 16.49 -38.54
N ILE A 311 -46.87 15.41 -37.78
CA ILE A 311 -47.99 14.50 -37.57
C ILE A 311 -48.44 14.64 -36.12
N ALA A 312 -49.70 15.02 -35.90
CA ALA A 312 -50.21 15.30 -34.56
C ALA A 312 -51.70 14.99 -34.40
N ALA A 313 -52.08 14.71 -33.14
CA ALA A 313 -53.48 14.54 -32.76
C ALA A 313 -54.25 15.85 -32.79
N GLU A 314 -53.61 16.94 -32.36
CA GLU A 314 -54.23 18.27 -32.32
C GLU A 314 -53.48 19.20 -33.23
N SER A 315 -54.21 19.97 -34.03
CA SER A 315 -53.59 21.04 -34.79
C SER A 315 -53.25 22.20 -33.83
N SER A 316 -52.42 23.11 -34.31
CA SER A 316 -52.08 24.32 -33.58
C SER A 316 -51.52 25.24 -34.65
N ASP A 317 -51.24 26.48 -34.29
CA ASP A 317 -50.70 27.39 -35.27
C ASP A 317 -49.39 26.89 -35.84
N ILE A 318 -48.50 26.42 -34.97
CA ILE A 318 -47.21 25.89 -35.40
C ILE A 318 -47.38 24.68 -36.33
N VAL A 319 -48.24 23.75 -35.93
CA VAL A 319 -48.49 22.53 -36.71
C VAL A 319 -49.12 22.88 -38.05
N ALA A 320 -50.08 23.81 -38.05
CA ALA A 320 -50.74 24.30 -39.29
C ALA A 320 -49.92 25.25 -40.20
N ALA A 321 -48.81 25.80 -39.72
CA ALA A 321 -47.99 26.76 -40.49
C ALA A 321 -47.12 26.10 -41.55
N GLY A 322 -47.41 24.84 -41.90
CA GLY A 322 -46.72 24.12 -42.96
C GLY A 322 -47.32 22.72 -43.09
N PRO A 323 -46.72 21.85 -43.94
CA PRO A 323 -47.24 20.51 -44.19
C PRO A 323 -47.48 19.78 -42.90
N HIS A 324 -48.63 19.13 -42.79
CA HIS A 324 -49.03 18.44 -41.59
C HIS A 324 -50.12 17.43 -41.84
N ILE A 325 -50.20 16.45 -40.94
CA ILE A 325 -51.22 15.44 -40.96
C ILE A 325 -51.82 15.41 -39.56
N ILE A 326 -53.13 15.62 -39.45
CA ILE A 326 -53.82 15.46 -38.17
C ILE A 326 -54.41 14.06 -38.13
N LEU A 327 -54.12 13.33 -37.06
CA LEU A 327 -54.61 11.98 -36.90
C LEU A 327 -56.14 11.95 -36.84
N PRO A 328 -56.77 10.85 -37.27
CA PRO A 328 -58.23 10.74 -37.13
C PRO A 328 -58.69 10.99 -35.70
N PRO A 329 -59.90 11.56 -35.51
CA PRO A 329 -60.36 11.81 -34.16
C PRO A 329 -60.45 10.54 -33.35
N SER A 330 -60.06 10.64 -32.09
CA SER A 330 -60.20 9.56 -31.12
C SER A 330 -60.11 10.12 -29.72
N ARG A 331 -60.24 9.24 -28.73
CA ARG A 331 -59.91 9.61 -27.36
C ARG A 331 -58.44 10.00 -27.24
N HIS A 332 -58.07 10.54 -26.09
CA HIS A 332 -56.65 10.86 -25.83
C HIS A 332 -55.88 9.55 -25.84
N PHE A 333 -54.76 9.52 -26.57
CA PHE A 333 -53.84 8.41 -26.59
C PHE A 333 -52.56 8.82 -25.85
N ILE A 334 -51.96 7.88 -25.13
CA ILE A 334 -50.64 8.09 -24.58
C ILE A 334 -49.58 7.79 -25.67
N ASP A 335 -48.32 8.13 -25.43
CA ASP A 335 -47.35 8.05 -26.51
C ASP A 335 -47.09 6.64 -27.01
N VAL A 336 -47.14 5.65 -26.13
CA VAL A 336 -46.92 4.27 -26.60
C VAL A 336 -48.07 3.81 -27.52
N GLU A 337 -49.29 4.35 -27.29
CA GLU A 337 -50.43 4.12 -28.20
C GLU A 337 -50.25 4.84 -29.52
N GLN A 338 -49.85 6.11 -29.46
CA GLN A 338 -49.51 6.92 -30.66
C GLN A 338 -48.47 6.31 -31.59
N ALA A 339 -47.49 5.60 -31.03
CA ALA A 339 -46.43 4.99 -31.79
C ALA A 339 -47.03 4.16 -32.94
N PHE A 340 -48.10 3.44 -32.65
CA PHE A 340 -48.81 2.62 -33.66
C PHE A 340 -49.32 3.47 -34.84
N CYS A 341 -49.96 4.57 -34.50
CA CYS A 341 -50.45 5.53 -35.51
C CYS A 341 -49.34 6.09 -36.39
N PHE A 342 -48.25 6.55 -35.77
CA PHE A 342 -47.13 7.11 -36.55
C PHE A 342 -46.54 6.07 -37.48
N LEU A 343 -46.37 4.85 -36.99
CA LEU A 343 -45.83 3.76 -37.78
C LEU A 343 -46.65 3.46 -39.05
N TYR A 345 -48.06 5.59 -41.01
CA TYR A 345 -47.57 6.52 -42.02
C TYR A 345 -46.17 6.14 -42.49
N ALA A 346 -45.25 5.86 -41.56
CA ALA A 346 -43.88 5.50 -41.90
C ALA A 346 -43.77 4.23 -42.76
N GLN A 347 -44.56 3.21 -42.42
CA GLN A 347 -44.51 1.94 -43.17
C GLN A 347 -45.01 2.12 -44.60
N THR A 348 -46.15 2.78 -44.71
CA THR A 348 -46.79 2.97 -46.01
C THR A 348 -45.96 3.93 -46.84
N PHE A 349 -45.39 4.97 -46.23
CA PHE A 349 -44.44 5.84 -46.96
C PHE A 349 -43.27 5.06 -47.58
N ALA A 350 -42.59 4.25 -46.76
CA ALA A 350 -41.46 3.47 -47.22
C ALA A 350 -41.83 2.51 -48.36
N LEU A 351 -42.96 1.83 -48.23
CA LEU A 351 -43.42 0.89 -49.25
C LEU A 351 -43.59 1.60 -50.60
N GLN A 353 -42.39 4.69 -51.56
CA GLN A 353 -41.09 5.16 -52.06
C GLN A 353 -40.36 4.03 -52.81
N SER A 354 -40.38 2.83 -52.23
CA SER A 354 -39.72 1.67 -52.81
C SER A 354 -40.31 1.35 -54.18
N LEU A 355 -41.64 1.28 -54.24
CA LEU A 355 -42.31 0.97 -55.49
C LEU A 355 -42.10 2.07 -56.52
N HIS A 356 -42.19 3.32 -56.09
CA HIS A 356 -42.02 4.48 -56.97
C HIS A 356 -40.65 4.49 -57.67
N GLY A 358 -39.06 1.83 -58.51
CA GLY A 358 -38.92 0.61 -59.30
C GLY A 358 -38.31 -0.58 -58.56
N ASN A 359 -38.23 -0.48 -57.23
CA ASN A 359 -37.72 -1.58 -56.43
C ASN A 359 -38.83 -2.60 -56.14
N THR A 360 -38.42 -3.76 -55.65
CA THR A 360 -39.32 -4.83 -55.28
C THR A 360 -39.33 -4.89 -53.73
N PRO A 361 -40.33 -4.27 -53.09
CA PRO A 361 -40.23 -4.08 -51.63
C PRO A 361 -40.16 -5.35 -50.79
N ASP A 362 -40.76 -6.45 -51.26
CA ASP A 362 -40.76 -7.70 -50.48
C ASP A 362 -39.36 -8.30 -50.40
N THR A 363 -38.53 -7.97 -51.40
CA THR A 363 -37.13 -8.39 -51.54
C THR A 363 -36.34 -7.21 -52.18
N PRO A 364 -36.10 -6.16 -51.40
CA PRO A 364 -35.58 -4.92 -52.02
C PRO A 364 -34.05 -4.85 -52.14
N GLY A 376 -23.79 -14.14 -43.12
CA GLY A 376 -24.34 -13.37 -41.99
C GLY A 376 -23.57 -13.63 -40.70
N VAL A 377 -24.25 -13.46 -39.58
CA VAL A 377 -23.58 -13.57 -38.30
C VAL A 377 -23.14 -15.02 -38.00
N ILE A 378 -21.97 -15.14 -37.41
CA ILE A 378 -21.50 -16.38 -36.84
C ILE A 378 -21.52 -16.22 -35.32
N ILE A 379 -22.09 -17.19 -34.63
CA ILE A 379 -22.11 -17.16 -33.16
C ILE A 379 -20.89 -17.89 -32.64
N HIS A 380 -20.21 -17.25 -31.69
CA HIS A 380 -19.04 -17.80 -31.06
C HIS A 380 -19.35 -18.07 -29.61
N PRO A 381 -18.81 -19.16 -29.08
CA PRO A 381 -19.13 -19.53 -27.72
C PRO A 381 -18.40 -18.65 -26.70
N TRP A 382 -19.06 -18.31 -25.61
CA TRP A 382 -18.42 -17.56 -24.54
C TRP A 382 -17.28 -18.40 -23.95
N GLN A 383 -17.54 -19.69 -23.74
CA GLN A 383 -16.46 -20.61 -23.37
C GLN A 383 -15.58 -20.97 -24.59
N ALA A 384 -14.38 -20.39 -24.67
CA ALA A 384 -13.48 -20.65 -25.79
C ALA A 384 -13.08 -22.10 -25.79
N TYR B 5 3.77 15.73 -22.87
CA TYR B 5 2.57 15.80 -23.76
C TYR B 5 2.46 17.17 -24.42
N THR B 6 3.60 17.80 -24.70
CA THR B 6 3.55 19.14 -25.30
C THR B 6 2.98 19.02 -26.72
N PRO B 7 1.92 19.78 -27.03
CA PRO B 7 1.36 19.74 -28.37
C PRO B 7 2.30 20.32 -29.41
N ALA B 8 2.30 19.74 -30.60
CA ALA B 8 2.91 20.37 -31.77
C ALA B 8 2.12 21.63 -32.13
N ALA B 9 2.71 22.49 -32.95
CA ALA B 9 2.02 23.69 -33.41
C ALA B 9 0.77 23.31 -34.20
N ALA B 10 -0.26 24.15 -34.06
CA ALA B 10 -1.52 23.97 -34.76
C ALA B 10 -1.47 24.73 -36.08
N ALA B 11 -0.86 24.11 -37.09
CA ALA B 11 -0.65 24.73 -38.41
C ALA B 11 -1.94 25.18 -39.14
N THR B 12 -3.10 24.60 -38.81
CA THR B 12 -4.36 25.05 -39.41
C THR B 12 -4.83 26.40 -38.85
N GLY B 13 -4.26 26.82 -37.73
CA GLY B 13 -4.69 28.05 -37.06
C GLY B 13 -6.09 28.00 -36.44
N THR B 14 -6.62 26.81 -36.20
CA THR B 14 -7.93 26.68 -35.58
C THR B 14 -7.82 26.29 -34.11
N TRP B 15 -8.79 26.77 -33.34
CA TRP B 15 -8.95 26.35 -31.97
C TRP B 15 -9.14 24.83 -31.90
N THR B 16 -9.93 24.31 -32.84
CA THR B 16 -10.24 22.87 -32.88
C THR B 16 -8.97 22.03 -32.91
N GLU B 17 -8.01 22.41 -33.76
CA GLU B 17 -6.77 21.66 -33.85
C GLU B 17 -6.00 21.75 -32.54
N GLU B 18 -5.93 22.95 -31.98
CA GLU B 18 -5.27 23.13 -30.69
C GLU B 18 -5.92 22.26 -29.63
N GLU B 19 -7.24 22.19 -29.65
CA GLU B 19 -8.00 21.45 -28.66
C GLU B 19 -7.83 19.92 -28.80
N ILE B 20 -7.76 19.44 -30.04
CA ILE B 20 -7.40 18.03 -30.30
C ILE B 20 -6.00 17.77 -29.73
N ARG B 21 -5.03 18.61 -30.08
CA ARG B 21 -3.63 18.34 -29.74
C ARG B 21 -3.34 18.40 -28.24
N HIS B 22 -4.07 19.22 -27.49
CA HIS B 22 -3.78 19.38 -26.07
C HIS B 22 -4.48 18.34 -25.20
N GLN B 23 -5.10 17.36 -25.83
CA GLN B 23 -5.84 16.34 -25.08
C GLN B 23 -5.00 15.46 -24.12
N PRO B 24 -3.94 14.79 -24.62
CA PRO B 24 -3.20 13.95 -23.65
C PRO B 24 -2.75 14.70 -22.38
N ARG B 25 -2.29 15.93 -22.56
CA ARG B 25 -1.83 16.75 -21.45
C ARG B 25 -2.99 17.11 -20.52
N ALA B 26 -4.12 17.44 -21.11
CA ALA B 26 -5.34 17.80 -20.37
C ALA B 26 -5.82 16.63 -19.52
N TRP B 27 -5.77 15.42 -20.10
CA TRP B 27 -6.22 14.21 -19.39
C TRP B 27 -5.42 13.97 -18.11
N ILE B 28 -4.09 14.05 -18.20
CA ILE B 28 -3.26 13.82 -17.03
C ILE B 28 -3.43 14.96 -16.03
N ARG B 29 -3.56 16.20 -16.50
CA ARG B 29 -3.89 17.33 -15.61
C ARG B 29 -5.16 17.06 -14.82
N SER B 30 -6.22 16.60 -15.51
CA SER B 30 -7.47 16.33 -14.83
C SER B 30 -7.33 15.23 -13.76
N LEU B 31 -6.60 14.17 -14.09
CA LEU B 31 -6.49 13.04 -13.17
C LEU B 31 -5.61 13.37 -11.96
N THR B 32 -4.62 14.22 -12.16
CA THR B 32 -3.82 14.68 -11.01
C THR B 32 -4.67 15.61 -10.14
N ASN B 33 -5.60 16.38 -10.75
CA ASN B 33 -6.59 17.15 -9.96
C ASN B 33 -7.48 16.26 -9.11
N ILE B 34 -7.95 15.17 -9.72
CA ILE B 34 -8.75 14.17 -9.00
C ILE B 34 -7.94 13.59 -7.84
N ASP B 35 -6.65 13.35 -8.03
CA ASP B 35 -5.83 12.85 -6.91
C ASP B 35 -5.86 13.83 -5.72
N ALA B 36 -5.71 15.11 -6.00
CA ALA B 36 -5.76 16.16 -5.01
C ALA B 36 -7.13 16.24 -4.32
N LEU B 37 -8.20 15.93 -5.06
CA LEU B 37 -9.59 15.97 -4.58
C LEU B 37 -10.10 14.65 -4.04
N ARG B 38 -9.23 13.63 -3.97
CA ARG B 38 -9.70 12.27 -3.76
C ARG B 38 -10.42 12.07 -2.42
N SER B 39 -9.88 12.62 -1.34
CA SER B 39 -10.53 12.48 -0.03
C SER B 39 -11.90 13.17 0.00
N ALA B 40 -11.98 14.35 -0.61
CA ALA B 40 -13.22 15.11 -0.67
C ALA B 40 -14.25 14.33 -1.46
N LEU B 41 -13.84 13.82 -2.62
CA LEU B 41 -14.71 13.01 -3.49
C LEU B 41 -15.20 11.75 -2.77
N ASN B 42 -14.28 11.04 -2.11
CA ASN B 42 -14.65 9.83 -1.37
C ASN B 42 -15.63 10.13 -0.23
N ASN B 43 -15.40 11.23 0.48
CA ASN B 43 -16.28 11.63 1.59
C ASN B 43 -17.66 11.98 1.12
N PHE B 44 -17.77 12.56 -0.07
CA PHE B 44 -19.06 12.80 -0.72
C PHE B 44 -19.70 11.49 -1.25
N LEU B 45 -18.94 10.70 -2.00
CA LEU B 45 -19.48 9.55 -2.75
C LEU B 45 -19.60 8.26 -1.95
N GLU B 46 -18.70 8.00 -1.02
CA GLU B 46 -18.71 6.71 -0.31
C GLU B 46 -20.04 6.43 0.40
N PRO B 47 -20.61 7.41 1.13
CA PRO B 47 -21.92 7.17 1.80
C PRO B 47 -23.07 6.88 0.80
N LEU B 48 -22.98 7.49 -0.38
CA LEU B 48 -23.97 7.29 -1.45
C LEU B 48 -23.90 5.87 -2.05
N LEU B 49 -22.68 5.47 -2.39
CA LEU B 49 -22.41 4.22 -3.05
C LEU B 49 -22.70 3.03 -2.13
N ARG B 50 -22.77 3.28 -0.82
CA ARG B 50 -23.21 2.26 0.15
C ARG B 50 -24.73 1.99 0.15
N LYS B 51 -25.52 2.83 -0.51
CA LYS B 51 -26.96 2.65 -0.62
C LYS B 51 -27.22 1.63 -1.71
N GLU B 52 -27.67 0.43 -1.32
CA GLU B 52 -27.80 -0.65 -2.31
C GLU B 52 -28.81 -0.32 -3.44
N ASN B 53 -29.83 0.50 -3.14
CA ASN B 53 -30.81 0.90 -4.15
C ASN B 53 -30.46 2.18 -4.92
N LEU B 54 -29.27 2.71 -4.75
CA LEU B 54 -28.86 3.90 -5.49
C LEU B 54 -28.92 3.66 -7.01
N ARG B 55 -29.54 4.60 -7.70
CA ARG B 55 -29.41 4.71 -9.18
C ARG B 55 -28.40 5.81 -9.48
N ILE B 56 -27.53 5.57 -10.47
CA ILE B 56 -26.56 6.56 -10.91
C ILE B 56 -26.84 6.78 -12.40
N ILE B 57 -27.15 8.01 -12.78
CA ILE B 57 -27.46 8.29 -14.15
C ILE B 57 -26.45 9.26 -14.68
N LEU B 58 -25.81 8.90 -15.78
CA LEU B 58 -24.90 9.78 -16.51
C LEU B 58 -25.72 10.50 -17.57
N THR B 59 -25.64 11.84 -17.57
CA THR B 59 -26.47 12.66 -18.44
C THR B 59 -25.69 13.80 -19.06
N GLY B 60 -25.92 13.97 -20.34
CA GLY B 60 -25.46 15.12 -21.09
C GLY B 60 -26.30 15.30 -22.35
N ALA B 61 -26.10 16.43 -23.02
CA ALA B 61 -26.74 16.71 -24.32
C ALA B 61 -25.71 16.63 -25.47
N GLY B 62 -26.16 16.17 -26.63
CA GLY B 62 -25.31 16.06 -27.82
C GLY B 62 -24.11 15.18 -27.54
N THR B 63 -22.92 15.68 -27.87
CA THR B 63 -21.68 14.95 -27.63
C THR B 63 -21.51 14.50 -26.17
N SER B 64 -21.95 15.34 -25.23
CA SER B 64 -21.87 15.01 -23.82
C SER B 64 -22.73 13.81 -23.42
N ALA B 65 -23.79 13.53 -24.19
CA ALA B 65 -24.61 12.33 -23.99
C ALA B 65 -23.86 11.04 -24.33
N PHE B 66 -22.85 11.14 -25.19
CA PHE B 66 -22.17 9.93 -25.67
C PHE B 66 -21.17 9.37 -24.66
N ILE B 67 -20.74 10.20 -23.70
CA ILE B 67 -19.86 9.72 -22.62
C ILE B 67 -20.51 8.55 -21.91
N GLY B 68 -21.75 8.76 -21.48
CA GLY B 68 -22.54 7.70 -20.87
C GLY B 68 -22.73 6.50 -21.75
N ASP B 69 -22.99 6.71 -23.03
CA ASP B 69 -23.16 5.60 -23.96
C ASP B 69 -21.91 4.72 -24.02
N ILE B 70 -20.72 5.34 -23.90
CA ILE B 70 -19.46 4.62 -23.98
C ILE B 70 -19.13 3.92 -22.65
N ILE B 71 -19.33 4.62 -21.53
CA ILE B 71 -18.81 4.09 -20.24
C ILE B 71 -19.81 3.54 -19.24
N ALA B 72 -21.11 3.81 -19.37
CA ALA B 72 -22.03 3.44 -18.30
C ALA B 72 -22.12 1.91 -18.13
N PRO B 73 -22.25 1.14 -19.22
CA PRO B 73 -22.27 -0.33 -19.04
C PRO B 73 -21.03 -0.90 -18.40
N TRP B 74 -19.86 -0.43 -18.83
CA TRP B 74 -18.60 -0.87 -18.23
C TRP B 74 -18.59 -0.51 -16.76
N LEU B 75 -18.98 0.72 -16.43
CA LEU B 75 -19.01 1.10 -15.01
C LEU B 75 -19.98 0.24 -14.18
N ALA B 76 -21.15 -0.06 -14.75
CA ALA B 76 -22.14 -0.92 -14.06
C ALA B 76 -21.55 -2.32 -13.80
N SER B 77 -20.98 -2.91 -14.85
CA SER B 77 -20.36 -4.22 -14.76
C SER B 77 -19.18 -4.27 -13.79
N HIS B 78 -18.31 -3.30 -13.94
CA HIS B 78 -17.09 -3.24 -13.15
C HIS B 78 -17.37 -3.06 -11.65
N THR B 79 -18.27 -2.14 -11.31
CA THR B 79 -18.56 -1.77 -9.92
C THR B 79 -19.66 -2.61 -9.29
N GLY B 80 -20.49 -3.24 -10.10
CA GLY B 80 -21.71 -3.88 -9.65
C GLY B 80 -22.82 -2.94 -9.19
N LYS B 81 -22.67 -1.64 -9.47
CA LYS B 81 -23.66 -0.62 -9.13
C LYS B 81 -24.56 -0.27 -10.32
N ASN B 82 -25.66 0.39 -10.03
CA ASN B 82 -26.68 0.73 -11.00
C ASN B 82 -26.37 2.00 -11.82
N PHE B 83 -25.38 1.89 -12.71
CA PHE B 83 -25.01 3.00 -13.62
C PHE B 83 -25.78 2.84 -14.90
N SER B 84 -26.35 3.94 -15.39
CA SER B 84 -26.99 3.97 -16.69
C SER B 84 -26.77 5.34 -17.29
N ALA B 85 -27.06 5.47 -18.59
CA ALA B 85 -26.93 6.72 -19.34
C ALA B 85 -28.31 7.15 -19.88
N VAL B 86 -28.70 8.38 -19.59
CA VAL B 86 -29.89 9.00 -20.17
C VAL B 86 -29.53 10.42 -20.60
N PRO B 87 -29.73 10.76 -21.87
CA PRO B 87 -29.41 12.14 -22.24
C PRO B 87 -30.26 13.19 -21.53
N THR B 88 -29.67 14.38 -21.32
CA THR B 88 -30.39 15.46 -20.67
C THR B 88 -31.59 15.86 -21.54
N THR B 89 -31.47 15.63 -22.84
CA THR B 89 -32.54 15.97 -23.78
C THR B 89 -33.76 15.06 -23.57
N ASP B 90 -33.56 13.81 -23.13
CA ASP B 90 -34.65 12.93 -22.76
C ASP B 90 -35.15 13.22 -21.33
N LEU B 91 -34.26 13.50 -20.38
CA LEU B 91 -34.68 13.85 -19.03
C LEU B 91 -35.59 15.09 -19.05
N VAL B 92 -35.27 16.06 -19.91
CA VAL B 92 -36.00 17.32 -19.92
C VAL B 92 -37.38 17.18 -20.57
N THR B 93 -37.53 16.34 -21.59
CA THR B 93 -38.82 16.19 -22.28
C THR B 93 -39.70 15.12 -21.64
N ASN B 94 -39.09 14.11 -21.02
CA ASN B 94 -39.80 12.92 -20.49
C ASN B 94 -39.32 12.51 -19.12
N PRO B 95 -39.30 13.46 -18.18
CA PRO B 95 -38.68 13.19 -16.88
C PRO B 95 -39.32 12.01 -16.18
N ASP B 97 -40.47 9.32 -17.32
CA ASP B 97 -40.04 8.02 -17.84
C ASP B 97 -38.72 7.52 -17.27
N TYR B 98 -37.94 8.41 -16.64
CA TYR B 98 -36.56 8.06 -16.24
C TYR B 98 -36.22 8.33 -14.79
N LEU B 99 -36.91 9.28 -14.15
CA LEU B 99 -36.58 9.66 -12.79
C LEU B 99 -37.51 8.90 -11.83
N ASN B 100 -36.93 8.05 -10.99
CA ASN B 100 -37.72 7.20 -10.10
C ASN B 100 -37.73 7.74 -8.67
N PRO B 101 -38.89 8.26 -8.22
CA PRO B 101 -39.01 8.76 -6.84
C PRO B 101 -38.82 7.74 -5.73
N ALA B 102 -38.80 6.45 -6.07
CA ALA B 102 -38.72 5.36 -5.08
C ALA B 102 -37.29 4.99 -4.66
N HIS B 103 -36.29 5.49 -5.37
CA HIS B 103 -34.89 5.20 -5.05
C HIS B 103 -34.09 6.49 -4.94
N PRO B 104 -32.97 6.44 -4.19
CA PRO B 104 -32.07 7.58 -4.28
C PRO B 104 -31.45 7.64 -5.66
N LEU B 105 -31.03 8.83 -6.05
CA LEU B 105 -30.40 9.08 -7.35
C LEU B 105 -29.12 9.87 -7.15
N LEU B 106 -28.07 9.47 -7.87
CA LEU B 106 -26.91 10.31 -8.10
C LEU B 106 -26.85 10.63 -9.59
N LEU B 107 -26.99 11.91 -9.89
CA LEU B 107 -26.99 12.39 -11.27
C LEU B 107 -25.63 12.97 -11.58
N ILE B 108 -24.95 12.34 -12.52
CA ILE B 108 -23.69 12.80 -13.03
C ILE B 108 -23.96 13.60 -14.30
N SER B 109 -23.82 14.91 -14.20
CA SER B 109 -24.17 15.86 -15.27
C SER B 109 -22.91 16.39 -15.97
N PHE B 110 -22.81 16.16 -17.27
CA PHE B 110 -21.69 16.63 -18.09
C PHE B 110 -22.07 17.88 -18.86
N GLY B 111 -21.18 18.86 -18.89
CA GLY B 111 -21.39 20.03 -19.72
C GLY B 111 -20.08 20.75 -20.04
N ARG B 112 -19.81 20.96 -21.33
CA ARG B 112 -18.65 21.73 -21.76
C ARG B 112 -18.84 23.18 -21.31
N SER B 113 -19.91 23.84 -21.74
CA SER B 113 -20.18 25.22 -21.32
C SER B 113 -20.92 25.27 -19.96
N GLY B 114 -21.65 24.20 -19.66
CA GLY B 114 -22.58 24.20 -18.55
C GLY B 114 -23.79 25.10 -18.78
N ASN B 115 -23.89 25.66 -19.99
CA ASN B 115 -24.93 26.65 -20.32
C ASN B 115 -26.08 26.19 -21.23
N SER B 116 -26.05 24.93 -21.70
CA SER B 116 -27.22 24.36 -22.37
C SER B 116 -28.35 24.43 -21.37
N PRO B 117 -29.49 25.06 -21.73
CA PRO B 117 -30.59 25.08 -20.75
C PRO B 117 -31.03 23.73 -20.22
N GLU B 118 -30.87 22.67 -21.01
CA GLU B 118 -31.25 21.33 -20.58
C GLU B 118 -30.43 20.82 -19.41
N SER B 119 -29.18 21.28 -19.26
CA SER B 119 -28.33 20.81 -18.17
C SER B 119 -28.92 21.20 -16.81
N VAL B 120 -29.21 22.49 -16.61
CA VAL B 120 -29.75 22.93 -15.33
C VAL B 120 -31.18 22.44 -15.19
N ALA B 121 -31.93 22.40 -16.31
CA ALA B 121 -33.31 21.89 -16.28
C ALA B 121 -33.36 20.43 -15.78
N ALA B 122 -32.43 19.59 -16.22
CA ALA B 122 -32.40 18.18 -15.80
C ALA B 122 -32.09 18.02 -14.32
N VAL B 123 -31.16 18.83 -13.82
CA VAL B 123 -30.81 18.86 -12.41
C VAL B 123 -32.05 19.26 -11.61
N GLU B 124 -32.77 20.30 -12.06
CA GLU B 124 -33.96 20.76 -11.32
C GLU B 124 -35.08 19.72 -11.34
N LEU B 125 -35.26 19.09 -12.50
CA LEU B 125 -36.24 18.02 -12.62
C LEU B 125 -35.91 16.83 -11.73
N ALA B 126 -34.64 16.43 -11.67
CA ALA B 126 -34.20 15.37 -10.78
C ALA B 126 -34.54 15.71 -9.32
N ASN B 127 -34.30 16.95 -8.92
CA ASN B 127 -34.55 17.40 -7.55
C ASN B 127 -36.05 17.38 -7.24
N GLN B 128 -36.85 17.80 -8.23
CA GLN B 128 -38.29 17.78 -8.11
C GLN B 128 -38.87 16.38 -7.97
N PHE B 129 -38.39 15.46 -8.83
CA PHE B 129 -38.94 14.10 -8.93
C PHE B 129 -38.46 13.13 -7.86
N VAL B 130 -37.18 13.25 -7.48
CA VAL B 130 -36.51 12.25 -6.64
C VAL B 130 -36.18 12.86 -5.29
N PRO B 131 -36.90 12.42 -4.24
CA PRO B 131 -36.74 12.98 -2.90
C PRO B 131 -35.33 12.93 -2.37
N GLU B 132 -34.64 11.79 -2.56
CA GLU B 132 -33.27 11.66 -2.12
C GLU B 132 -32.37 11.71 -3.39
N CYS B 133 -31.93 12.92 -3.71
CA CYS B 133 -31.22 13.22 -4.95
C CYS B 133 -29.87 13.92 -4.67
N TYR B 134 -28.83 13.47 -5.36
CA TYR B 134 -27.48 13.98 -5.24
C TYR B 134 -26.93 14.23 -6.63
N HIS B 135 -25.94 15.12 -6.71
CA HIS B 135 -25.38 15.54 -7.98
C HIS B 135 -23.85 15.55 -7.98
N LEU B 136 -23.30 15.08 -9.09
CA LEU B 136 -21.87 15.24 -9.38
C LEU B 136 -21.73 15.81 -10.78
N PRO B 137 -21.89 17.13 -10.93
CA PRO B 137 -21.61 17.70 -12.23
C PRO B 137 -20.12 17.65 -12.57
N ILE B 138 -19.82 17.32 -13.80
CA ILE B 138 -18.47 17.28 -14.29
C ILE B 138 -18.50 18.24 -15.48
N THR B 139 -17.79 19.37 -15.38
CA THR B 139 -17.98 20.46 -16.33
C THR B 139 -16.68 21.23 -16.62
N CYS B 140 -16.62 21.90 -17.77
CA CYS B 140 -15.41 22.58 -18.23
C CYS B 140 -15.41 24.10 -18.04
N ASN B 141 -16.49 24.65 -17.53
CA ASN B 141 -16.69 26.08 -17.45
C ASN B 141 -17.14 26.46 -16.04
N GLU B 142 -16.22 27.01 -15.26
CA GLU B 142 -16.52 27.38 -13.86
C GLU B 142 -17.63 28.45 -13.80
N ALA B 143 -17.75 29.23 -14.85
CA ALA B 143 -18.73 30.29 -14.94
C ALA B 143 -20.07 29.82 -15.51
N GLY B 144 -20.15 28.56 -15.90
CA GLY B 144 -21.36 28.02 -16.48
C GLY B 144 -22.49 27.86 -15.47
N ALA B 145 -23.71 27.86 -16.01
CA ALA B 145 -24.91 27.70 -15.23
C ALA B 145 -24.86 26.42 -14.40
N LEU B 146 -24.43 25.32 -15.02
CA LEU B 146 -24.40 24.03 -14.33
C LEU B 146 -23.53 24.04 -13.09
N TYR B 147 -22.30 24.57 -13.19
CA TYR B 147 -21.42 24.66 -12.03
C TYR B 147 -21.96 25.69 -11.03
N GLN B 148 -22.40 26.82 -11.54
CA GLN B 148 -22.87 27.89 -10.65
C GLN B 148 -24.08 27.43 -9.82
N ASN B 149 -24.97 26.68 -10.46
CA ASN B 149 -26.16 26.11 -9.79
C ASN B 149 -25.74 25.13 -8.67
N ALA B 150 -24.69 24.35 -8.91
CA ALA B 150 -24.24 23.30 -7.99
C ALA B 150 -23.57 23.85 -6.74
N ILE B 151 -22.76 24.91 -6.90
CA ILE B 151 -22.05 25.49 -5.76
C ILE B 151 -23.10 26.10 -4.84
N ASN B 152 -24.21 26.50 -5.45
CA ASN B 152 -25.40 27.00 -4.77
C ASN B 152 -26.30 25.93 -4.13
N SER B 153 -25.86 24.66 -4.05
CA SER B 153 -26.62 23.53 -3.45
C SER B 153 -25.82 22.84 -2.38
N ASP B 154 -26.45 21.98 -1.57
CA ASP B 154 -25.71 21.13 -0.59
C ASP B 154 -25.73 19.63 -0.90
N ASN B 155 -26.51 19.22 -1.91
CA ASN B 155 -26.53 17.83 -2.38
C ASN B 155 -25.61 17.58 -3.59
N ALA B 156 -24.66 18.49 -3.83
CA ALA B 156 -23.88 18.49 -5.08
C ALA B 156 -22.39 18.61 -4.83
N PHE B 157 -21.59 17.93 -5.65
CA PHE B 157 -20.13 18.07 -5.62
C PHE B 157 -19.72 18.26 -7.07
N ALA B 158 -19.31 19.48 -7.44
CA ALA B 158 -19.03 19.81 -8.82
C ALA B 158 -17.54 19.65 -9.07
N LEU B 159 -17.19 19.04 -10.18
CA LEU B 159 -15.79 18.77 -10.51
C LEU B 159 -15.48 19.56 -11.77
N LEU B 160 -14.51 20.48 -11.65
CA LEU B 160 -14.07 21.33 -12.74
C LEU B 160 -12.94 20.68 -13.51
N PRO B 162 -9.75 20.89 -16.39
CA PRO B 162 -8.73 21.91 -16.62
C PRO B 162 -9.24 22.98 -17.59
N ALA B 163 -8.84 24.21 -17.30
CA ALA B 163 -9.31 25.39 -18.01
C ALA B 163 -9.24 25.29 -19.53
N GLU B 164 -8.18 24.68 -20.07
CA GLU B 164 -8.02 24.59 -21.53
C GLU B 164 -9.06 23.71 -22.22
N THR B 165 -9.78 22.88 -21.46
CA THR B 165 -10.78 21.98 -22.04
C THR B 165 -12.15 22.64 -22.24
N HIS B 166 -12.25 23.92 -21.89
CA HIS B 166 -13.43 24.68 -22.26
C HIS B 166 -13.31 25.00 -23.73
N ASP B 167 -13.65 24.04 -24.59
CA ASP B 167 -13.30 24.14 -26.02
C ASP B 167 -13.99 25.33 -26.65
N ARG B 168 -13.23 26.12 -27.40
CA ARG B 168 -13.74 27.23 -28.19
C ARG B 168 -14.28 26.80 -29.53
N GLY B 169 -13.72 25.73 -30.09
CA GLY B 169 -14.28 25.10 -31.27
C GLY B 169 -15.73 24.72 -31.04
N PHE B 170 -16.58 24.89 -32.05
CA PHE B 170 -17.98 24.45 -32.02
C PHE B 170 -18.04 22.97 -31.65
N ALA B 171 -17.22 22.18 -32.33
CA ALA B 171 -17.21 20.74 -32.09
C ALA B 171 -16.36 20.40 -30.85
N THR B 173 -13.96 18.45 -28.39
CA THR B 173 -12.87 17.51 -28.50
C THR B 173 -12.33 17.24 -27.11
N SER B 174 -11.44 18.10 -26.61
CA SER B 174 -10.84 17.90 -25.30
C SER B 174 -11.85 17.94 -24.15
N SER B 175 -12.99 18.61 -24.34
CA SER B 175 -14.03 18.63 -23.31
C SER B 175 -14.59 17.23 -23.10
N ILE B 176 -15.03 16.57 -24.18
CA ILE B 176 -15.61 15.21 -24.04
C ILE B 176 -14.59 14.20 -23.47
N THR B 177 -13.39 14.17 -24.05
CA THR B 177 -12.42 13.19 -23.64
C THR B 177 -11.96 13.40 -22.21
N THR B 178 -11.76 14.65 -21.82
CA THR B 178 -11.32 14.92 -20.46
C THR B 178 -12.42 14.59 -19.43
N ALA B 181 -12.60 10.64 -19.18
CA ALA B 181 -11.46 10.15 -18.41
C ALA B 181 -11.69 10.43 -16.95
N SER B 182 -12.17 11.65 -16.64
CA SER B 182 -12.40 12.08 -15.24
C SER B 182 -13.48 11.24 -14.58
N CYS B 183 -14.59 11.00 -15.27
CA CYS B 183 -15.64 10.14 -14.72
C CYS B 183 -15.16 8.71 -14.44
N LEU B 184 -14.45 8.14 -15.40
CA LEU B 184 -13.84 6.83 -15.20
C LEU B 184 -12.95 6.79 -13.93
N ALA B 185 -12.09 7.80 -13.80
CA ALA B 185 -11.15 7.88 -12.65
C ALA B 185 -11.87 8.08 -11.31
N VAL B 186 -13.00 8.80 -11.31
CA VAL B 186 -13.74 9.01 -10.08
C VAL B 186 -14.28 7.69 -9.56
N PHE B 187 -14.83 6.86 -10.45
CA PHE B 187 -15.59 5.69 -10.01
C PHE B 187 -14.83 4.38 -10.12
N ALA B 188 -13.75 4.36 -10.90
CA ALA B 188 -12.91 3.16 -11.02
C ALA B 188 -11.41 3.51 -10.85
N PRO B 189 -11.04 4.18 -9.74
CA PRO B 189 -9.64 4.61 -9.56
C PRO B 189 -8.63 3.45 -9.49
N GLU B 190 -9.07 2.26 -9.12
CA GLU B 190 -8.17 1.11 -9.10
C GLU B 190 -7.71 0.70 -10.51
N THR B 191 -8.47 1.12 -11.53
CA THR B 191 -8.24 0.74 -12.92
C THR B 191 -7.79 1.94 -13.78
N ILE B 192 -8.52 3.05 -13.65
CA ILE B 192 -8.25 4.26 -14.41
C ILE B 192 -7.82 5.34 -13.40
N ASN B 193 -6.52 5.65 -13.41
CA ASN B 193 -5.95 6.63 -12.50
C ASN B 193 -4.77 7.38 -13.15
N SER B 194 -4.17 8.30 -12.40
CA SER B 194 -3.16 9.19 -12.95
C SER B 194 -1.87 8.47 -13.36
N GLN B 195 -1.69 7.24 -12.89
CA GLN B 195 -0.61 6.39 -13.37
C GLN B 195 -0.99 5.54 -14.59
N THR B 196 -2.03 4.71 -14.49
CA THR B 196 -2.41 3.82 -15.60
C THR B 196 -2.79 4.61 -16.85
N PHE B 197 -3.40 5.76 -16.66
CA PHE B 197 -3.95 6.51 -17.79
C PHE B 197 -2.88 7.28 -18.56
N ARG B 198 -1.68 7.37 -17.96
CA ARG B 198 -0.51 7.85 -18.67
C ARG B 198 -0.23 6.99 -19.89
N ASP B 199 -0.54 5.70 -19.82
CA ASP B 199 -0.34 4.81 -20.98
C ASP B 199 -1.30 5.20 -22.10
N VAL B 200 -2.50 5.63 -21.73
CA VAL B 200 -3.51 6.05 -22.72
C VAL B 200 -3.11 7.42 -23.32
N ALA B 201 -2.74 8.36 -22.46
CA ALA B 201 -2.22 9.64 -22.92
C ALA B 201 -1.00 9.44 -23.85
N ASP B 202 -0.07 8.56 -23.47
CA ASP B 202 1.16 8.33 -24.27
C ASP B 202 0.81 7.80 -25.67
N ARG B 203 -0.15 6.87 -25.71
CA ARG B 203 -0.52 6.23 -26.97
C ARG B 203 -1.26 7.22 -27.87
N CYS B 204 -2.14 8.03 -27.27
CA CYS B 204 -2.84 9.06 -28.04
C CYS B 204 -1.92 10.17 -28.53
N GLN B 205 -0.93 10.55 -27.72
CA GLN B 205 0.13 11.46 -28.17
C GLN B 205 0.88 10.82 -29.38
N ALA B 206 1.20 9.53 -29.30
CA ALA B 206 1.83 8.83 -30.42
C ALA B 206 0.93 8.79 -31.67
N ILE B 207 -0.38 8.60 -31.48
CA ILE B 207 -1.33 8.64 -32.60
C ILE B 207 -1.24 10.03 -33.25
N LEU B 208 -1.37 11.07 -32.44
CA LEU B 208 -1.33 12.42 -33.01
C LEU B 208 0.00 12.68 -33.70
N THR B 209 1.12 12.31 -33.08
CA THR B 209 2.42 12.45 -33.71
C THR B 209 2.50 11.68 -35.05
N SER B 210 1.95 10.47 -35.08
CA SER B 210 1.94 9.65 -36.29
C SER B 210 1.19 10.30 -37.45
N LEU B 211 0.28 11.21 -37.14
CA LEU B 211 -0.50 11.89 -38.17
C LEU B 211 0.15 13.20 -38.67
N GLY B 212 1.32 13.54 -38.14
CA GLY B 212 2.07 14.73 -38.55
C GLY B 212 1.28 16.01 -38.49
N ASP B 213 1.32 16.79 -39.57
CA ASP B 213 0.56 18.06 -39.60
C ASP B 213 -0.92 17.88 -39.99
N PHE B 214 -1.35 16.62 -40.08
CA PHE B 214 -2.73 16.23 -40.44
C PHE B 214 -3.09 16.40 -41.94
N SER B 215 -2.17 16.93 -42.74
CA SER B 215 -2.47 17.30 -44.13
C SER B 215 -2.89 16.14 -45.04
N GLU B 216 -2.54 14.91 -44.69
CA GLU B 216 -2.94 13.75 -45.49
C GLU B 216 -4.32 13.20 -45.15
N GLY B 217 -5.00 13.88 -44.22
CA GLY B 217 -6.43 13.68 -44.03
C GLY B 217 -6.86 12.49 -43.20
N VAL B 218 -5.90 11.76 -42.62
CA VAL B 218 -6.15 10.62 -41.72
C VAL B 218 -6.65 9.35 -42.43
N PHE B 219 -7.83 9.44 -43.03
CA PHE B 219 -8.37 8.36 -43.88
C PHE B 219 -8.23 8.74 -45.34
N GLY B 220 -7.61 9.90 -45.57
CA GLY B 220 -7.40 10.44 -46.91
C GLY B 220 -8.55 11.33 -47.31
N TYR B 221 -8.59 11.64 -48.60
CA TYR B 221 -9.68 12.44 -49.14
C TYR B 221 -10.20 11.74 -50.37
N ALA B 222 -11.52 11.82 -50.55
CA ALA B 222 -12.21 11.09 -51.61
C ALA B 222 -13.62 11.65 -51.73
N PRO B 223 -14.26 11.44 -52.88
CA PRO B 223 -15.61 11.97 -53.06
C PRO B 223 -16.71 11.10 -52.41
N TRP B 224 -16.43 10.60 -51.22
CA TRP B 224 -17.44 9.89 -50.45
C TRP B 224 -18.53 10.87 -50.05
N LYS B 225 -19.78 10.39 -50.02
CA LYS B 225 -20.91 11.19 -49.58
C LYS B 225 -21.53 10.68 -48.30
N ARG B 226 -21.11 9.50 -47.86
CA ARG B 226 -21.62 8.87 -46.65
C ARG B 226 -20.46 8.26 -45.89
N ILE B 227 -20.46 8.46 -44.57
CA ILE B 227 -19.52 7.79 -43.69
C ILE B 227 -20.25 7.01 -42.59
N VAL B 228 -19.80 5.81 -42.31
CA VAL B 228 -20.38 5.02 -41.24
C VAL B 228 -19.27 4.54 -40.32
N TYR B 229 -19.44 4.81 -39.02
CA TYR B 229 -18.57 4.29 -38.01
C TYR B 229 -19.28 3.14 -37.28
N LEU B 230 -18.53 2.07 -37.01
CA LEU B 230 -19.05 0.87 -36.35
C LEU B 230 -18.19 0.51 -35.14
N GLY B 231 -18.86 0.17 -34.06
CA GLY B 231 -18.16 -0.35 -32.89
C GLY B 231 -19.12 -1.14 -32.01
N SER B 232 -18.60 -2.19 -31.37
CA SER B 232 -19.41 -3.06 -30.51
C SER B 232 -19.54 -2.50 -29.10
N GLY B 233 -20.67 -2.80 -28.47
CA GLY B 233 -20.93 -2.40 -27.10
C GLY B 233 -20.77 -0.90 -26.94
N GLY B 234 -20.00 -0.48 -25.95
CA GLY B 234 -19.78 0.95 -25.68
C GLY B 234 -19.06 1.69 -26.78
N LEU B 235 -18.29 0.95 -27.58
CA LEU B 235 -17.63 1.53 -28.73
C LEU B 235 -18.61 2.07 -29.77
N GLN B 236 -19.86 1.60 -29.73
CA GLN B 236 -20.89 2.19 -30.56
C GLN B 236 -21.07 3.68 -30.18
N GLY B 237 -20.97 4.00 -28.90
CA GLY B 237 -20.95 5.39 -28.44
C GLY B 237 -19.82 6.21 -29.00
N ALA B 238 -18.64 5.61 -29.10
CA ALA B 238 -17.53 6.27 -29.79
C ALA B 238 -17.81 6.45 -31.29
N ALA B 239 -18.44 5.46 -31.92
CA ALA B 239 -18.85 5.58 -33.33
C ALA B 239 -19.86 6.70 -33.54
N ARG B 240 -20.81 6.83 -32.62
CA ARG B 240 -21.82 7.90 -32.67
C ARG B 240 -21.21 9.31 -32.57
N GLU B 241 -20.30 9.50 -31.63
CA GLU B 241 -19.52 10.73 -31.50
C GLU B 241 -18.70 11.02 -32.76
N SER B 242 -18.07 9.98 -33.31
CA SER B 242 -17.25 10.12 -34.51
C SER B 242 -18.10 10.59 -35.70
N ALA B 243 -19.30 10.02 -35.81
CA ALA B 243 -20.24 10.39 -36.86
C ALA B 243 -20.71 11.83 -36.69
N LEU B 244 -21.08 12.18 -35.45
CA LEU B 244 -21.53 13.54 -35.20
C LEU B 244 -20.45 14.56 -35.54
N LYS B 245 -19.19 14.28 -35.19
CA LYS B 245 -18.09 15.19 -35.53
C LYS B 245 -18.02 15.50 -37.03
N VAL B 246 -18.07 14.45 -37.86
CA VAL B 246 -18.08 14.57 -39.34
C VAL B 246 -19.23 15.44 -39.78
N LEU B 247 -20.40 15.15 -39.24
CA LEU B 247 -21.59 15.85 -39.62
C LEU B 247 -21.50 17.35 -39.26
N GLU B 248 -21.11 17.66 -38.01
CA GLU B 248 -20.99 19.05 -37.56
C GLU B 248 -19.98 19.82 -38.42
N LEU B 249 -18.79 19.24 -38.58
CA LEU B 249 -17.66 19.98 -39.15
C LEU B 249 -17.76 20.12 -40.65
N THR B 250 -18.50 19.24 -41.31
CA THR B 250 -18.78 19.41 -42.73
C THR B 250 -20.12 20.10 -43.02
N ALA B 251 -20.77 20.63 -41.98
CA ALA B 251 -22.03 21.36 -42.14
C ALA B 251 -23.07 20.49 -42.83
N GLY B 252 -23.00 19.19 -42.53
CA GLY B 252 -23.91 18.19 -43.06
C GLY B 252 -23.62 17.73 -44.48
N LYS B 253 -22.56 18.21 -45.10
CA LYS B 253 -22.27 17.84 -46.46
C LYS B 253 -21.99 16.34 -46.59
N LEU B 254 -21.27 15.77 -45.62
CA LEU B 254 -21.01 14.35 -45.60
C LEU B 254 -22.01 13.74 -44.63
N ALA B 255 -22.89 12.88 -45.15
CA ALA B 255 -23.89 12.23 -44.31
C ALA B 255 -23.16 11.20 -43.46
N ALA B 256 -23.45 11.16 -42.16
CA ALA B 256 -22.76 10.24 -41.24
C ALA B 256 -23.72 9.38 -40.44
N PHE B 257 -23.29 8.15 -40.20
CA PHE B 257 -24.09 7.12 -39.58
C PHE B 257 -23.21 6.33 -38.62
N TYR B 258 -23.85 5.64 -37.70
CA TYR B 258 -23.20 4.80 -36.71
C TYR B 258 -24.04 3.58 -36.39
N ASP B 259 -23.35 2.52 -35.98
CA ASP B 259 -24.00 1.30 -35.54
C ASP B 259 -22.99 0.40 -34.87
N SER B 260 -23.46 -0.75 -34.41
CA SER B 260 -22.57 -1.81 -33.99
C SER B 260 -22.38 -2.72 -35.19
N PRO B 261 -21.25 -3.43 -35.26
CA PRO B 261 -21.04 -4.37 -36.39
C PRO B 261 -22.19 -5.38 -36.55
N THR B 262 -22.64 -5.96 -35.45
CA THR B 262 -23.67 -6.97 -35.56
C THR B 262 -25.04 -6.32 -35.82
N GLY B 263 -25.31 -5.14 -35.24
CA GLY B 263 -26.56 -4.42 -35.49
C GLY B 263 -26.68 -3.99 -36.95
N PHE B 264 -25.54 -3.67 -37.54
CA PHE B 264 -25.47 -3.16 -38.91
C PHE B 264 -26.07 -4.14 -39.93
N ARG B 265 -25.97 -5.43 -39.67
CA ARG B 265 -26.47 -6.44 -40.58
C ARG B 265 -27.99 -6.43 -40.71
N HIS B 266 -28.69 -5.96 -39.70
CA HIS B 266 -30.15 -6.07 -39.61
C HIS B 266 -30.90 -4.90 -40.29
N GLY B 267 -30.47 -4.54 -41.49
CA GLY B 267 -31.09 -3.49 -42.25
C GLY B 267 -30.20 -2.30 -42.60
N PRO B 268 -29.49 -1.73 -41.60
CA PRO B 268 -28.71 -0.51 -41.89
C PRO B 268 -27.63 -0.62 -42.97
N LYS B 269 -27.14 -1.83 -43.20
CA LYS B 269 -26.10 -2.09 -44.17
C LYS B 269 -26.53 -1.73 -45.57
N SER B 270 -27.84 -1.62 -45.79
CA SER B 270 -28.37 -1.18 -47.09
C SER B 270 -27.88 0.23 -47.44
N LEU B 271 -27.49 1.02 -46.43
CA LEU B 271 -26.96 2.36 -46.72
C LEU B 271 -25.59 2.35 -47.48
N VAL B 272 -24.85 1.26 -47.40
CA VAL B 272 -23.51 1.21 -47.96
C VAL B 272 -23.60 1.23 -49.50
N ASP B 273 -23.03 2.27 -50.10
CA ASP B 273 -22.91 2.39 -51.56
C ASP B 273 -21.46 2.71 -51.97
N ASP B 274 -21.23 2.82 -53.27
CA ASP B 274 -19.88 3.04 -53.75
C ASP B 274 -19.35 4.46 -53.50
N GLU B 275 -20.13 5.27 -52.80
CA GLU B 275 -19.66 6.54 -52.26
C GLU B 275 -19.63 6.56 -50.73
N THR B 276 -19.57 5.36 -50.14
CA THR B 276 -19.56 5.21 -48.68
C THR B 276 -18.17 4.74 -48.12
N LEU B 277 -17.73 5.42 -47.06
CA LEU B 277 -16.57 5.04 -46.27
C LEU B 277 -17.09 4.38 -45.02
N VAL B 278 -16.57 3.21 -44.72
CA VAL B 278 -16.91 2.49 -43.50
C VAL B 278 -15.66 2.36 -42.65
N VAL B 279 -15.75 2.77 -41.39
CA VAL B 279 -14.66 2.65 -40.44
C VAL B 279 -15.09 1.76 -39.28
N VAL B 280 -14.30 0.71 -39.03
CA VAL B 280 -14.56 -0.25 -37.95
C VAL B 280 -13.56 -0.08 -36.79
N PHE B 281 -14.08 0.23 -35.61
CA PHE B 281 -13.33 0.33 -34.38
C PHE B 281 -13.29 -1.07 -33.77
N VAL B 282 -12.18 -1.79 -33.91
CA VAL B 282 -12.12 -3.19 -33.54
C VAL B 282 -11.89 -3.34 -32.04
N SER B 283 -12.72 -4.13 -31.38
CA SER B 283 -12.58 -4.37 -29.93
C SER B 283 -11.25 -5.04 -29.58
N SER B 284 -10.75 -4.77 -28.39
CA SER B 284 -9.55 -5.43 -27.86
C SER B 284 -9.89 -6.66 -27.00
N HIS B 285 -11.18 -6.92 -26.83
CA HIS B 285 -11.67 -8.04 -26.07
C HIS B 285 -11.84 -9.17 -27.07
N PRO B 286 -11.00 -10.20 -26.96
CA PRO B 286 -11.00 -11.22 -28.01
C PRO B 286 -12.37 -11.83 -28.34
N TYR B 287 -13.21 -12.06 -27.34
CA TYR B 287 -14.55 -12.62 -27.60
C TYR B 287 -15.35 -11.68 -28.52
N THR B 288 -15.40 -10.42 -28.14
CA THR B 288 -16.13 -9.38 -28.90
C THR B 288 -15.51 -9.16 -30.28
N ARG B 289 -14.18 -9.10 -30.31
CA ARG B 289 -13.40 -8.86 -31.52
C ARG B 289 -13.75 -9.83 -32.63
N GLN B 290 -14.08 -11.07 -32.28
CA GLN B 290 -14.45 -12.08 -33.27
C GLN B 290 -15.62 -11.59 -34.14
N TYR B 291 -16.61 -10.98 -33.49
CA TYR B 291 -17.79 -10.47 -34.18
C TYR B 291 -17.44 -9.27 -35.08
N ASP B 292 -16.57 -8.39 -34.60
CA ASP B 292 -16.07 -7.26 -35.39
C ASP B 292 -15.35 -7.75 -36.62
N LEU B 293 -14.49 -8.74 -36.45
CA LEU B 293 -13.73 -9.25 -37.58
C LEU B 293 -14.57 -10.01 -38.58
N ASP B 294 -15.57 -10.78 -38.11
CA ASP B 294 -16.49 -11.45 -39.03
C ASP B 294 -17.23 -10.45 -39.91
N LEU B 295 -17.69 -9.34 -39.32
CA LEU B 295 -18.33 -8.30 -40.09
C LEU B 295 -17.35 -7.60 -41.05
N LEU B 296 -16.13 -7.33 -40.59
CA LEU B 296 -15.11 -6.75 -41.45
C LEU B 296 -14.89 -7.62 -42.71
N ALA B 297 -14.74 -8.94 -42.51
CA ALA B 297 -14.65 -9.91 -43.64
C ALA B 297 -15.83 -9.77 -44.61
N GLU B 298 -17.03 -9.67 -44.08
CA GLU B 298 -18.22 -9.49 -44.89
C GLU B 298 -18.15 -8.19 -45.71
N LEU B 299 -17.84 -7.07 -45.06
CA LEU B 299 -17.76 -5.78 -45.75
C LEU B 299 -16.68 -5.75 -46.83
N ARG B 300 -15.57 -6.42 -46.58
CA ARG B 300 -14.52 -6.49 -47.58
C ARG B 300 -14.97 -7.34 -48.80
N ARG B 301 -15.70 -8.40 -48.49
CA ARG B 301 -16.22 -9.33 -49.50
C ARG B 301 -17.35 -8.70 -50.32
N ASP B 302 -18.15 -7.84 -49.69
CA ASP B 302 -19.37 -7.27 -50.30
C ASP B 302 -19.08 -6.42 -51.53
N ASN B 303 -17.95 -5.71 -51.54
CA ASN B 303 -17.56 -4.84 -52.66
C ASN B 303 -18.58 -3.75 -52.98
N GLN B 304 -19.28 -3.28 -51.96
CA GLN B 304 -20.23 -2.19 -52.13
C GLN B 304 -19.61 -0.83 -51.81
N ALA B 305 -18.84 -0.78 -50.74
CA ALA B 305 -18.33 0.50 -50.20
C ALA B 305 -17.20 1.09 -51.05
N ARG B 307 -14.64 2.55 -49.50
CA ARG B 307 -13.45 2.21 -48.73
C ARG B 307 -13.88 1.61 -47.38
N VAL B 308 -13.23 0.55 -46.95
CA VAL B 308 -13.50 -0.08 -45.65
C VAL B 308 -12.19 -0.04 -44.85
N ILE B 309 -12.18 0.69 -43.72
CA ILE B 309 -10.99 0.85 -42.87
C ILE B 309 -11.20 0.18 -41.53
N ALA B 310 -10.26 -0.70 -41.17
CA ALA B 310 -10.21 -1.30 -39.86
C ALA B 310 -9.16 -0.61 -39.01
N ILE B 311 -9.55 -0.22 -37.79
CA ILE B 311 -8.61 0.36 -36.84
C ILE B 311 -8.54 -0.61 -35.66
N ALA B 312 -7.34 -1.10 -35.35
CA ALA B 312 -7.15 -2.22 -34.43
C ALA B 312 -5.81 -2.18 -33.73
N ALA B 313 -5.76 -2.72 -32.51
CA ALA B 313 -4.50 -2.86 -31.77
C ALA B 313 -3.67 -3.95 -32.40
N GLU B 314 -4.34 -5.00 -32.82
CA GLU B 314 -3.66 -6.19 -33.28
C GLU B 314 -3.92 -6.39 -34.78
N SER B 315 -2.85 -6.60 -35.53
CA SER B 315 -3.02 -6.87 -36.93
C SER B 315 -3.37 -8.34 -37.02
N SER B 316 -4.23 -8.65 -37.97
CA SER B 316 -4.65 -10.01 -38.26
C SER B 316 -4.83 -10.00 -39.76
N ASP B 317 -5.00 -11.18 -40.33
CA ASP B 317 -5.12 -11.31 -41.78
C ASP B 317 -6.28 -10.51 -42.37
N ILE B 318 -7.45 -10.54 -41.76
CA ILE B 318 -8.57 -9.77 -42.27
C ILE B 318 -8.34 -8.27 -42.03
N VAL B 319 -7.79 -7.90 -40.88
CA VAL B 319 -7.46 -6.49 -40.66
C VAL B 319 -6.44 -5.99 -41.71
N ALA B 320 -5.34 -6.72 -41.87
CA ALA B 320 -4.29 -6.29 -42.78
C ALA B 320 -4.62 -6.40 -44.28
N ALA B 321 -5.70 -7.11 -44.62
CA ALA B 321 -5.98 -7.45 -46.03
C ALA B 321 -6.32 -6.23 -46.86
N GLY B 322 -6.90 -5.23 -46.23
CA GLY B 322 -7.28 -4.01 -46.92
C GLY B 322 -7.00 -2.81 -46.04
N PRO B 323 -7.55 -1.65 -46.40
CA PRO B 323 -7.23 -0.44 -45.66
C PRO B 323 -7.31 -0.61 -44.14
N HIS B 324 -6.24 -0.22 -43.45
CA HIS B 324 -6.18 -0.41 -42.01
C HIS B 324 -5.21 0.52 -41.32
N ILE B 325 -5.46 0.72 -40.03
CA ILE B 325 -4.58 1.46 -39.16
C ILE B 325 -4.32 0.60 -37.93
N ILE B 326 -3.06 0.35 -37.62
CA ILE B 326 -2.71 -0.38 -36.42
C ILE B 326 -2.30 0.65 -35.38
N LEU B 327 -2.96 0.58 -34.24
CA LEU B 327 -2.67 1.48 -33.12
C LEU B 327 -1.21 1.37 -32.68
N PRO B 328 -0.62 2.49 -32.22
CA PRO B 328 0.76 2.37 -31.73
C PRO B 328 0.93 1.31 -30.66
N PRO B 329 2.12 0.70 -30.58
CA PRO B 329 2.27 -0.38 -29.64
C PRO B 329 2.10 0.07 -28.19
N SER B 330 1.37 -0.72 -27.41
CA SER B 330 1.16 -0.44 -25.99
C SER B 330 0.82 -1.71 -25.23
N ARG B 331 0.61 -1.56 -23.93
CA ARG B 331 0.00 -2.60 -23.13
C ARG B 331 -1.43 -2.83 -23.63
N HIS B 332 -1.99 -3.95 -23.23
CA HIS B 332 -3.39 -4.23 -23.48
C HIS B 332 -4.25 -3.11 -22.91
N PHE B 333 -5.16 -2.57 -23.74
CA PHE B 333 -6.18 -1.59 -23.31
C PHE B 333 -7.55 -2.26 -23.29
N ILE B 334 -8.38 -1.90 -22.32
CA ILE B 334 -9.76 -2.33 -22.35
C ILE B 334 -10.52 -1.37 -23.29
N ASP B 335 -11.73 -1.72 -23.64
CA ASP B 335 -12.44 -0.93 -24.65
C ASP B 335 -12.73 0.54 -24.26
N VAL B 336 -13.01 0.83 -23.01
CA VAL B 336 -13.17 2.23 -22.60
C VAL B 336 -11.86 3.03 -22.72
N GLU B 337 -10.71 2.36 -22.59
CA GLU B 337 -9.43 3.03 -22.87
C GLU B 337 -9.22 3.20 -24.37
N GLN B 338 -9.50 2.16 -25.13
CA GLN B 338 -9.42 2.24 -26.61
C GLN B 338 -10.27 3.34 -27.21
N ALA B 339 -11.40 3.66 -26.59
CA ALA B 339 -12.27 4.70 -27.08
C ALA B 339 -11.50 6.01 -27.30
N PHE B 340 -10.58 6.33 -26.39
CA PHE B 340 -9.78 7.57 -26.53
C PHE B 340 -8.94 7.54 -27.81
N CYS B 341 -8.31 6.39 -28.08
CA CYS B 341 -7.50 6.19 -29.27
C CYS B 341 -8.31 6.33 -30.55
N PHE B 342 -9.47 5.67 -30.61
CA PHE B 342 -10.34 5.79 -31.80
C PHE B 342 -10.77 7.22 -32.05
N LEU B 343 -11.13 7.92 -31.00
CA LEU B 343 -11.55 9.31 -31.16
C LEU B 343 -10.48 10.25 -31.74
N TYR B 345 -8.44 9.59 -34.14
CA TYR B 345 -8.59 9.51 -35.59
C TYR B 345 -9.85 10.21 -36.10
N ALA B 346 -10.97 9.98 -35.42
CA ALA B 346 -12.27 10.50 -35.85
C ALA B 346 -12.30 12.05 -35.78
N GLN B 347 -11.73 12.61 -34.71
CA GLN B 347 -11.67 14.06 -34.55
C GLN B 347 -10.81 14.70 -35.63
N THR B 348 -9.63 14.14 -35.87
CA THR B 348 -8.69 14.70 -36.82
C THR B 348 -9.25 14.53 -38.24
N PHE B 349 -9.87 13.38 -38.50
CA PHE B 349 -10.49 13.17 -39.80
C PHE B 349 -11.52 14.26 -40.07
N ALA B 350 -12.43 14.48 -39.12
CA ALA B 350 -13.49 15.45 -39.28
C ALA B 350 -12.97 16.89 -39.47
N LEU B 351 -11.94 17.25 -38.69
CA LEU B 351 -11.29 18.57 -38.83
C LEU B 351 -10.79 18.76 -40.27
N GLN B 353 -11.55 17.11 -43.10
CA GLN B 353 -12.62 17.09 -44.09
C GLN B 353 -13.23 18.49 -44.21
N SER B 354 -13.46 19.11 -43.06
CA SER B 354 -13.98 20.46 -42.97
C SER B 354 -13.06 21.44 -43.70
N LEU B 355 -11.76 21.35 -43.44
CA LEU B 355 -10.79 22.26 -44.07
C LEU B 355 -10.67 22.02 -45.57
N HIS B 356 -10.60 20.75 -45.94
CA HIS B 356 -10.47 20.36 -47.35
C HIS B 356 -11.62 20.88 -48.19
N GLY B 358 -13.12 23.61 -47.63
CA GLY B 358 -13.12 25.07 -47.52
C GLY B 358 -14.04 25.64 -46.45
N ASN B 359 -14.37 24.82 -45.44
CA ASN B 359 -15.19 25.28 -44.34
C ASN B 359 -14.29 25.86 -43.23
N THR B 360 -14.91 26.54 -42.28
CA THR B 360 -14.24 27.14 -41.14
C THR B 360 -14.61 26.29 -39.91
N PRO B 361 -13.75 25.32 -39.56
CA PRO B 361 -14.12 24.28 -38.60
C PRO B 361 -14.54 24.79 -37.22
N ASP B 362 -13.97 25.91 -36.78
CA ASP B 362 -14.31 26.42 -35.45
C ASP B 362 -15.73 26.95 -35.41
N THR B 363 -16.24 27.30 -36.60
CA THR B 363 -17.61 27.81 -36.79
C THR B 363 -18.14 27.26 -38.13
N PRO B 364 -18.48 25.96 -38.16
CA PRO B 364 -18.74 25.25 -39.43
C PRO B 364 -20.09 25.47 -40.13
N GLY B 376 -32.34 28.77 -28.94
CA GLY B 376 -32.85 27.47 -29.40
C GLY B 376 -33.89 26.87 -28.48
N VAL B 377 -33.43 26.11 -27.49
CA VAL B 377 -34.35 25.39 -26.60
C VAL B 377 -34.99 26.33 -25.56
N ILE B 378 -36.28 26.14 -25.37
CA ILE B 378 -37.03 26.84 -24.34
C ILE B 378 -37.36 25.81 -23.26
N ILE B 379 -37.00 26.09 -22.02
CA ILE B 379 -37.37 25.22 -20.91
C ILE B 379 -38.78 25.58 -20.42
N HIS B 380 -39.63 24.56 -20.28
CA HIS B 380 -41.00 24.72 -19.82
C HIS B 380 -41.06 24.09 -18.45
N PRO B 381 -41.72 24.76 -17.49
CA PRO B 381 -41.80 24.20 -16.15
C PRO B 381 -42.69 22.98 -16.11
N TRP B 382 -42.33 22.01 -15.27
CA TRP B 382 -43.17 20.86 -15.01
C TRP B 382 -44.43 21.31 -14.26
N GLN B 383 -44.27 22.24 -13.31
CA GLN B 383 -45.44 22.89 -12.68
C GLN B 383 -45.74 24.22 -13.30
N ALA B 384 -46.91 24.34 -13.92
CA ALA B 384 -47.44 25.63 -14.36
C ALA B 384 -47.38 26.69 -13.24
N TYR C 5 35.43 -28.76 16.80
CA TYR C 5 34.00 -28.44 17.09
C TYR C 5 33.63 -28.63 18.58
N THR C 6 34.60 -28.45 19.46
CA THR C 6 34.34 -28.64 20.88
C THR C 6 33.35 -27.57 21.37
N PRO C 7 32.25 -27.99 22.00
CA PRO C 7 31.27 -27.03 22.47
C PRO C 7 31.76 -26.27 23.69
N ALA C 8 31.35 -25.01 23.84
CA ALA C 8 31.47 -24.28 25.10
C ALA C 8 30.62 -24.92 26.18
N ALA C 9 30.90 -24.58 27.43
CA ALA C 9 30.09 -25.07 28.56
C ALA C 9 28.62 -24.68 28.38
N ALA C 10 27.72 -25.59 28.74
CA ALA C 10 26.29 -25.27 28.78
C ALA C 10 25.92 -24.59 30.13
N ALA C 11 26.14 -23.29 30.18
CA ALA C 11 25.91 -22.46 31.37
C ALA C 11 24.46 -22.44 31.83
N THR C 12 23.49 -22.69 30.95
CA THR C 12 22.07 -22.78 31.38
C THR C 12 21.77 -24.03 32.20
N GLY C 13 22.67 -25.01 32.19
CA GLY C 13 22.42 -26.28 32.85
C GLY C 13 21.38 -27.19 32.20
N THR C 14 20.99 -26.92 30.94
CA THR C 14 19.94 -27.70 30.30
C THR C 14 20.56 -28.67 29.28
N TRP C 15 19.90 -29.80 29.09
CA TRP C 15 20.23 -30.72 28.02
C TRP C 15 20.08 -30.05 26.66
N THR C 16 19.03 -29.25 26.53
CA THR C 16 18.74 -28.60 25.26
C THR C 16 19.94 -27.75 24.80
N GLU C 17 20.52 -26.98 25.71
CA GLU C 17 21.68 -26.16 25.37
C GLU C 17 22.85 -27.06 24.92
N GLU C 18 23.13 -28.11 25.68
CA GLU C 18 24.20 -29.06 25.33
C GLU C 18 23.97 -29.64 23.94
N GLU C 19 22.72 -29.98 23.65
CA GLU C 19 22.33 -30.60 22.37
C GLU C 19 22.43 -29.61 21.22
N ILE C 20 22.09 -28.34 21.46
CA ILE C 20 22.34 -27.30 20.45
C ILE C 20 23.85 -27.16 20.18
N ARG C 21 24.65 -27.04 21.24
CA ARG C 21 26.08 -26.80 21.09
C ARG C 21 26.88 -27.96 20.46
N HIS C 22 26.45 -29.21 20.66
CA HIS C 22 27.20 -30.33 20.10
C HIS C 22 26.84 -30.70 18.66
N GLN C 23 26.01 -29.89 18.01
CA GLN C 23 25.57 -30.15 16.64
C GLN C 23 26.70 -30.20 15.59
N PRO C 24 27.53 -29.14 15.45
CA PRO C 24 28.57 -29.23 14.40
C PRO C 24 29.44 -30.49 14.50
N ARG C 25 29.83 -30.84 15.70
CA ARG C 25 30.64 -32.04 15.90
C ARG C 25 29.86 -33.33 15.53
N ALA C 26 28.58 -33.38 15.93
CA ALA C 26 27.71 -34.52 15.62
C ALA C 26 27.54 -34.72 14.11
N TRP C 27 27.40 -33.62 13.39
CA TRP C 27 27.24 -33.67 11.93
C TRP C 27 28.41 -34.36 11.25
N ILE C 28 29.62 -33.96 11.60
CA ILE C 28 30.78 -34.51 10.94
C ILE C 28 30.98 -35.95 11.41
N ARG C 29 30.66 -36.27 12.67
CA ARG C 29 30.63 -37.67 13.15
C ARG C 29 29.71 -38.55 12.30
N SER C 30 28.50 -38.06 12.04
CA SER C 30 27.55 -38.82 11.25
C SER C 30 28.04 -39.04 9.84
N LEU C 31 28.63 -38.01 9.25
CA LEU C 31 29.07 -38.10 7.86
C LEU C 31 30.31 -38.97 7.71
N THR C 32 31.18 -38.97 8.70
CA THR C 32 32.32 -39.88 8.66
C THR C 32 31.85 -41.33 8.83
N ASN C 33 30.83 -41.55 9.65
CA ASN C 33 30.20 -42.86 9.71
C ASN C 33 29.61 -43.33 8.39
N ILE C 34 28.95 -42.42 7.69
CA ILE C 34 28.40 -42.76 6.39
C ILE C 34 29.54 -43.16 5.42
N ASP C 35 30.68 -42.47 5.50
CA ASP C 35 31.87 -42.84 4.72
C ASP C 35 32.25 -44.30 4.97
N ALA C 36 32.28 -44.70 6.24
CA ALA C 36 32.58 -46.07 6.62
C ALA C 36 31.54 -47.06 6.09
N LEU C 37 30.29 -46.63 6.02
CA LEU C 37 29.17 -47.47 5.56
C LEU C 37 28.89 -47.33 4.06
N ARG C 38 29.68 -46.53 3.37
CA ARG C 38 29.34 -46.12 2.00
C ARG C 38 29.12 -47.29 1.05
N SER C 39 29.96 -48.31 1.12
CA SER C 39 29.84 -49.43 0.17
C SER C 39 28.56 -50.24 0.44
N ALA C 40 28.27 -50.50 1.71
CA ALA C 40 27.04 -51.15 2.13
C ALA C 40 25.80 -50.35 1.72
N LEU C 41 25.82 -49.04 1.95
CA LEU C 41 24.72 -48.16 1.52
C LEU C 41 24.52 -48.22 0.03
N ASN C 42 25.62 -48.08 -0.72
CA ASN C 42 25.56 -48.12 -2.18
C ASN C 42 25.06 -49.47 -2.70
N ASN C 43 25.48 -50.56 -2.07
CA ASN C 43 24.98 -51.90 -2.43
C ASN C 43 23.48 -52.06 -2.22
N PHE C 44 22.97 -51.44 -1.17
CA PHE C 44 21.54 -51.49 -0.89
C PHE C 44 20.78 -50.54 -1.82
N LEU C 45 21.31 -49.34 -2.02
CA LEU C 45 20.57 -48.27 -2.68
C LEU C 45 20.66 -48.29 -4.18
N GLU C 46 21.81 -48.69 -4.72
CA GLU C 46 22.04 -48.54 -6.15
C GLU C 46 21.03 -49.36 -7.00
N PRO C 47 20.75 -50.61 -6.62
CA PRO C 47 19.72 -51.37 -7.32
C PRO C 47 18.32 -50.75 -7.28
N LEU C 48 17.99 -50.06 -6.20
CA LEU C 48 16.68 -49.42 -6.07
C LEU C 48 16.59 -48.17 -6.94
N LEU C 49 17.63 -47.36 -6.90
CA LEU C 49 17.64 -46.10 -7.62
C LEU C 49 17.69 -46.27 -9.14
N ARG C 50 18.03 -47.46 -9.61
CA ARG C 50 17.95 -47.75 -11.04
C ARG C 50 16.53 -48.11 -11.48
N LYS C 51 15.59 -48.23 -10.54
CA LYS C 51 14.20 -48.47 -10.86
C LYS C 51 13.58 -47.14 -11.22
N GLU C 52 13.29 -46.95 -12.50
CA GLU C 52 12.80 -45.64 -12.99
C GLU C 52 11.49 -45.19 -12.32
N ASN C 53 10.65 -46.16 -11.95
CA ASN C 53 9.38 -45.84 -11.33
C ASN C 53 9.40 -45.80 -9.79
N LEU C 54 10.58 -45.87 -9.20
CA LEU C 54 10.70 -45.86 -7.73
C LEU C 54 10.15 -44.52 -7.21
N ARG C 55 9.33 -44.60 -6.18
CA ARG C 55 8.98 -43.42 -5.36
C ARG C 55 9.83 -43.47 -4.11
N ILE C 56 10.33 -42.30 -3.69
CA ILE C 56 11.05 -42.20 -2.44
C ILE C 56 10.30 -41.22 -1.56
N ILE C 57 9.89 -41.66 -0.39
CA ILE C 57 9.12 -40.79 0.52
C ILE C 57 9.88 -40.58 1.80
N LEU C 58 10.05 -39.33 2.18
CA LEU C 58 10.69 -38.99 3.45
C LEU C 58 9.58 -38.75 4.44
N THR C 59 9.63 -39.47 5.55
CA THR C 59 8.56 -39.41 6.51
C THR C 59 9.04 -39.27 7.95
N GLY C 60 8.40 -38.34 8.66
CA GLY C 60 8.64 -38.11 10.08
C GLY C 60 7.40 -37.51 10.71
N ALA C 61 7.35 -37.50 12.04
CA ALA C 61 6.29 -36.81 12.79
C ALA C 61 6.86 -35.57 13.45
N GLY C 62 6.02 -34.55 13.59
CA GLY C 62 6.41 -33.27 14.14
C GLY C 62 7.66 -32.70 13.52
N THR C 63 8.62 -32.34 14.36
CA THR C 63 9.87 -31.75 13.87
C THR C 63 10.52 -32.61 12.79
N SER C 64 10.45 -33.93 12.95
CA SER C 64 11.04 -34.87 11.99
C SER C 64 10.36 -34.82 10.60
N ALA C 65 9.09 -34.38 10.53
CA ALA C 65 8.41 -34.19 9.24
C ALA C 65 9.02 -33.02 8.46
N PHE C 66 9.63 -32.08 9.17
CA PHE C 66 10.14 -30.88 8.52
C PHE C 66 11.43 -31.13 7.75
N ILE C 67 12.09 -32.24 8.04
CA ILE C 67 13.30 -32.64 7.29
C ILE C 67 12.95 -32.74 5.81
N GLY C 68 11.92 -33.54 5.49
CA GLY C 68 11.50 -33.70 4.10
C GLY C 68 10.97 -32.44 3.50
N ASP C 69 10.29 -31.61 4.31
CA ASP C 69 9.83 -30.29 3.82
C ASP C 69 11.00 -29.42 3.33
N ILE C 70 12.14 -29.52 4.01
CA ILE C 70 13.32 -28.71 3.68
C ILE C 70 14.07 -29.31 2.48
N ILE C 71 14.24 -30.63 2.45
CA ILE C 71 15.17 -31.24 1.51
C ILE C 71 14.59 -32.06 0.35
N ALA C 72 13.32 -32.50 0.42
CA ALA C 72 12.81 -33.40 -0.61
C ALA C 72 12.77 -32.75 -2.01
N PRO C 73 12.30 -31.50 -2.11
CA PRO C 73 12.31 -30.90 -3.48
C PRO C 73 13.70 -30.72 -4.05
N TRP C 74 14.64 -30.25 -3.25
CA TRP C 74 16.02 -30.16 -3.72
C TRP C 74 16.54 -31.55 -4.12
N LEU C 75 16.30 -32.59 -3.31
CA LEU C 75 16.74 -33.94 -3.65
C LEU C 75 16.15 -34.42 -4.99
N ALA C 76 14.85 -34.18 -5.17
CA ALA C 76 14.16 -34.52 -6.41
C ALA C 76 14.83 -33.82 -7.61
N SER C 77 15.05 -32.51 -7.49
CA SER C 77 15.62 -31.77 -8.62
C SER C 77 17.08 -32.10 -8.85
N HIS C 78 17.85 -32.23 -7.78
CA HIS C 78 19.27 -32.54 -7.88
C HIS C 78 19.52 -33.93 -8.50
N THR C 79 18.80 -34.94 -8.02
CA THR C 79 19.02 -36.34 -8.46
C THR C 79 18.23 -36.72 -9.69
N GLY C 80 17.12 -36.03 -9.94
CA GLY C 80 16.18 -36.42 -11.01
C GLY C 80 15.23 -37.56 -10.63
N LYS C 81 15.25 -37.94 -9.35
CA LYS C 81 14.48 -39.06 -8.82
C LYS C 81 13.22 -38.55 -8.13
N ASN C 82 12.30 -39.47 -7.89
CA ASN C 82 10.98 -39.17 -7.36
C ASN C 82 10.96 -39.06 -5.82
N PHE C 83 11.64 -38.04 -5.31
CA PHE C 83 11.62 -37.74 -3.86
C PHE C 83 10.43 -36.88 -3.49
N SER C 84 9.73 -37.26 -2.43
CA SER C 84 8.70 -36.40 -1.83
C SER C 84 8.70 -36.56 -0.31
N ALA C 85 7.96 -35.70 0.38
CA ALA C 85 7.82 -35.72 1.83
C ALA C 85 6.35 -35.92 2.24
N VAL C 86 6.08 -36.93 3.05
CA VAL C 86 4.75 -37.09 3.63
C VAL C 86 4.93 -37.38 5.12
N PRO C 87 4.33 -36.57 6.00
CA PRO C 87 4.50 -36.78 7.42
C PRO C 87 3.93 -38.13 7.85
N THR C 88 4.52 -38.75 8.85
CA THR C 88 4.05 -40.04 9.33
C THR C 88 2.62 -39.94 9.83
N THR C 89 2.27 -38.77 10.37
CA THR C 89 0.92 -38.49 10.85
C THR C 89 -0.14 -38.57 9.72
N ASP C 90 0.21 -38.19 8.49
CA ASP C 90 -0.66 -38.38 7.31
C ASP C 90 -0.69 -39.82 6.80
N LEU C 91 0.48 -40.48 6.73
CA LEU C 91 0.53 -41.89 6.36
C LEU C 91 -0.33 -42.76 7.28
N VAL C 92 -0.32 -42.46 8.56
CA VAL C 92 -1.04 -43.32 9.52
C VAL C 92 -2.56 -43.12 9.45
N THR C 93 -3.02 -41.90 9.19
CA THR C 93 -4.46 -41.61 9.17
C THR C 93 -5.07 -41.83 7.79
N ASN C 94 -4.29 -41.62 6.74
CA ASN C 94 -4.79 -41.65 5.36
C ASN C 94 -3.86 -42.44 4.44
N PRO C 95 -3.49 -43.67 4.82
CA PRO C 95 -2.46 -44.41 4.05
C PRO C 95 -2.82 -44.54 2.56
N ASP C 97 -4.25 -42.56 0.63
CA ASP C 97 -4.05 -41.35 -0.15
C ASP C 97 -2.60 -41.14 -0.60
N TYR C 98 -1.65 -41.85 -0.01
CA TYR C 98 -0.21 -41.55 -0.21
C TYR C 98 0.63 -42.74 -0.68
N LEU C 99 0.23 -43.96 -0.31
CA LEU C 99 0.98 -45.18 -0.61
C LEU C 99 0.41 -45.84 -1.84
N ASN C 100 1.26 -45.97 -2.87
CA ASN C 100 0.80 -46.40 -4.18
C ASN C 100 1.24 -47.83 -4.48
N PRO C 101 0.27 -48.78 -4.51
CA PRO C 101 0.67 -50.17 -4.74
C PRO C 101 1.25 -50.48 -6.10
N ALA C 102 1.12 -49.58 -7.07
CA ALA C 102 1.59 -49.84 -8.44
C ALA C 102 3.06 -49.52 -8.70
N HIS C 103 3.76 -48.92 -7.74
CA HIS C 103 5.18 -48.59 -7.89
C HIS C 103 5.99 -49.13 -6.72
N PRO C 104 7.31 -49.33 -6.93
CA PRO C 104 8.18 -49.65 -5.80
C PRO C 104 8.29 -48.39 -4.94
N LEU C 105 8.51 -48.61 -3.65
CA LEU C 105 8.66 -47.52 -2.71
C LEU C 105 9.89 -47.74 -1.87
N LEU C 106 10.63 -46.65 -1.69
CA LEU C 106 11.67 -46.58 -0.66
C LEU C 106 11.21 -45.54 0.37
N LEU C 107 10.94 -46.01 1.57
CA LEU C 107 10.49 -45.16 2.68
C LEU C 107 11.66 -44.80 3.58
N ILE C 108 11.93 -43.50 3.67
CA ILE C 108 12.98 -42.98 4.55
C ILE C 108 12.28 -42.48 5.81
N SER C 109 12.43 -43.22 6.90
CA SER C 109 11.71 -42.95 8.15
C SER C 109 12.67 -42.33 9.13
N PHE C 110 12.34 -41.10 9.55
CA PHE C 110 13.10 -40.38 10.56
C PHE C 110 12.46 -40.61 11.91
N GLY C 111 13.28 -40.93 12.89
CA GLY C 111 12.79 -41.05 14.24
C GLY C 111 13.90 -40.98 15.26
N ARG C 112 13.78 -40.03 16.18
CA ARG C 112 14.75 -39.89 17.25
C ARG C 112 14.81 -41.20 18.08
N SER C 113 13.67 -41.58 18.67
CA SER C 113 13.58 -42.79 19.50
C SER C 113 13.36 -44.05 18.69
N GLY C 114 12.75 -43.91 17.52
CA GLY C 114 12.40 -45.05 16.69
C GLY C 114 11.27 -45.88 17.26
N ASN C 115 10.65 -45.36 18.31
CA ASN C 115 9.57 -46.05 19.03
C ASN C 115 8.24 -45.30 18.97
N SER C 116 8.19 -44.16 18.28
CA SER C 116 6.94 -43.45 18.06
C SER C 116 5.95 -44.43 17.45
N PRO C 117 4.76 -44.57 18.04
CA PRO C 117 3.77 -45.48 17.46
C PRO C 117 3.50 -45.16 16.01
N GLU C 118 3.46 -43.88 15.67
CA GLU C 118 3.27 -43.45 14.30
C GLU C 118 4.40 -43.86 13.38
N SER C 119 5.65 -43.85 13.84
CA SER C 119 6.77 -44.29 12.97
C SER C 119 6.65 -45.74 12.64
N VAL C 120 6.39 -46.55 13.67
CA VAL C 120 6.24 -47.99 13.49
C VAL C 120 5.01 -48.31 12.63
N ALA C 121 3.90 -47.64 12.90
CA ALA C 121 2.67 -47.84 12.13
C ALA C 121 2.85 -47.48 10.66
N ALA C 122 3.58 -46.40 10.39
CA ALA C 122 3.80 -45.98 8.99
C ALA C 122 4.64 -47.03 8.21
N VAL C 123 5.64 -47.62 8.85
CA VAL C 123 6.43 -48.69 8.20
C VAL C 123 5.55 -49.91 7.90
N GLU C 124 4.74 -50.29 8.87
CA GLU C 124 3.78 -51.41 8.74
C GLU C 124 2.78 -51.19 7.60
N LEU C 125 2.25 -49.97 7.52
CA LEU C 125 1.27 -49.63 6.51
C LEU C 125 1.91 -49.63 5.14
N ALA C 126 3.13 -49.12 5.03
CA ALA C 126 3.84 -49.10 3.76
C ALA C 126 4.06 -50.55 3.27
N ASN C 127 4.46 -51.42 4.17
CA ASN C 127 4.61 -52.84 3.83
C ASN C 127 3.30 -53.50 3.39
N GLN C 128 2.21 -53.18 4.10
CA GLN C 128 0.90 -53.71 3.75
C GLN C 128 0.42 -53.22 2.36
N PHE C 129 0.61 -51.93 2.06
CA PHE C 129 0.03 -51.29 0.88
C PHE C 129 0.88 -51.51 -0.36
N VAL C 130 2.20 -51.48 -0.20
CA VAL C 130 3.10 -51.44 -1.36
C VAL C 130 3.85 -52.76 -1.48
N PRO C 131 3.52 -53.57 -2.51
CA PRO C 131 4.14 -54.89 -2.65
C PRO C 131 5.66 -54.87 -2.70
N GLU C 132 6.27 -53.95 -3.47
CA GLU C 132 7.72 -53.86 -3.54
C GLU C 132 8.19 -52.64 -2.74
N CYS C 133 8.45 -52.88 -1.46
CA CYS C 133 8.67 -51.82 -0.48
C CYS C 133 10.00 -52.05 0.21
N TYR C 134 10.75 -50.97 0.32
CA TYR C 134 12.08 -50.95 0.91
C TYR C 134 12.13 -49.85 1.94
N HIS C 135 13.03 -50.00 2.92
CA HIS C 135 13.10 -49.05 4.02
C HIS C 135 14.53 -48.61 4.30
N LEU C 136 14.70 -47.31 4.57
CA LEU C 136 15.94 -46.75 5.10
C LEU C 136 15.60 -45.86 6.30
N PRO C 137 15.40 -46.48 7.47
CA PRO C 137 15.28 -45.69 8.69
C PRO C 137 16.58 -44.96 9.07
N ILE C 138 16.41 -43.69 9.49
CA ILE C 138 17.50 -42.84 9.91
C ILE C 138 17.08 -42.46 11.32
N THR C 139 17.78 -43.01 12.31
CA THR C 139 17.27 -43.00 13.67
C THR C 139 18.38 -42.82 14.71
N CYS C 140 18.04 -42.30 15.88
CA CYS C 140 19.05 -42.01 16.91
C CYS C 140 19.12 -43.04 18.05
N ASN C 141 18.30 -44.09 17.98
CA ASN C 141 18.21 -45.06 19.05
C ASN C 141 18.39 -46.48 18.57
N GLU C 142 19.51 -47.10 18.93
CA GLU C 142 19.86 -48.43 18.44
C GLU C 142 18.84 -49.49 18.86
N ALA C 143 18.20 -49.24 19.98
CA ALA C 143 17.32 -50.21 20.60
C ALA C 143 15.89 -50.10 20.05
N GLY C 144 15.63 -49.02 19.30
CA GLY C 144 14.29 -48.69 18.84
C GLY C 144 13.77 -49.63 17.80
N ALA C 145 12.44 -49.63 17.66
CA ALA C 145 11.74 -50.45 16.69
C ALA C 145 12.19 -50.16 15.28
N LEU C 146 12.26 -48.88 14.90
CA LEU C 146 12.70 -48.55 13.56
C LEU C 146 13.98 -49.29 13.22
N TYR C 147 14.99 -49.15 14.08
CA TYR C 147 16.29 -49.71 13.80
C TYR C 147 16.25 -51.25 13.74
N GLN C 148 15.67 -51.82 14.76
CA GLN C 148 15.70 -53.28 14.90
C GLN C 148 14.91 -54.02 13.81
N ASN C 149 13.73 -53.51 13.49
CA ASN C 149 12.91 -54.14 12.47
C ASN C 149 13.64 -54.09 11.13
N ALA C 150 14.37 -52.99 10.90
CA ALA C 150 15.12 -52.82 9.65
C ALA C 150 16.31 -53.78 9.52
N ILE C 151 17.12 -53.87 10.55
CA ILE C 151 18.28 -54.78 10.52
C ILE C 151 17.79 -56.24 10.41
N ASN C 152 16.64 -56.53 11.03
CA ASN C 152 15.96 -57.84 10.96
C ASN C 152 15.26 -58.19 9.62
N SER C 153 15.37 -57.36 8.58
CA SER C 153 14.73 -57.69 7.30
C SER C 153 15.54 -57.24 6.10
N ASP C 154 15.48 -58.05 5.04
CA ASP C 154 16.33 -57.81 3.87
C ASP C 154 15.83 -56.71 2.94
N ASN C 155 14.65 -56.14 3.24
CA ASN C 155 14.16 -55.00 2.46
C ASN C 155 14.54 -53.65 3.08
N ALA C 156 15.40 -53.67 4.09
CA ALA C 156 15.71 -52.47 4.85
C ALA C 156 17.20 -52.33 5.13
N PHE C 157 17.62 -51.10 5.36
CA PHE C 157 18.98 -50.77 5.74
C PHE C 157 18.81 -49.62 6.70
N ALA C 158 19.21 -49.80 7.93
CA ALA C 158 19.00 -48.77 8.92
C ALA C 158 20.31 -47.99 9.19
N LEU C 159 20.17 -46.68 9.34
CA LEU C 159 21.30 -45.82 9.59
C LEU C 159 21.16 -45.20 10.99
N LEU C 160 22.13 -45.47 11.86
CA LEU C 160 22.14 -45.01 13.23
C LEU C 160 22.92 -43.71 13.38
N PRO C 162 24.84 -40.56 15.54
CA PRO C 162 25.74 -40.65 16.69
C PRO C 162 24.97 -40.55 18.01
N ALA C 163 25.43 -41.29 19.00
CA ALA C 163 24.75 -41.47 20.28
C ALA C 163 24.32 -40.20 20.99
N GLU C 164 25.13 -39.13 20.92
CA GLU C 164 24.79 -37.87 21.57
C GLU C 164 23.56 -37.17 20.96
N THR C 165 23.17 -37.59 19.75
CA THR C 165 22.03 -36.99 19.06
C THR C 165 20.67 -37.57 19.49
N HIS C 166 20.67 -38.57 20.37
CA HIS C 166 19.41 -39.04 20.95
C HIS C 166 19.02 -38.01 22.01
N ASP C 167 18.49 -36.88 21.54
CA ASP C 167 18.29 -35.70 22.39
C ASP C 167 17.44 -36.02 23.63
N ARG C 168 17.93 -35.63 24.81
CA ARG C 168 17.16 -35.74 26.06
C ARG C 168 16.17 -34.58 26.26
N GLY C 169 16.49 -33.41 25.76
CA GLY C 169 15.52 -32.33 25.78
C GLY C 169 14.29 -32.75 24.97
N PHE C 170 13.12 -32.38 25.43
CA PHE C 170 11.94 -32.77 24.68
C PHE C 170 11.89 -32.10 23.27
N ALA C 171 12.39 -30.88 23.11
CA ALA C 171 12.44 -30.28 21.75
C ALA C 171 13.65 -30.83 21.00
N THR C 173 16.78 -31.07 18.64
CA THR C 173 17.75 -30.14 18.05
C THR C 173 18.80 -30.93 17.25
N SER C 174 19.76 -31.52 17.94
CA SER C 174 20.81 -32.26 17.23
C SER C 174 20.26 -33.49 16.51
N SER C 175 19.15 -34.05 17.01
CA SER C 175 18.52 -35.18 16.32
C SER C 175 18.09 -34.77 14.91
N ILE C 176 17.30 -33.69 14.79
CA ILE C 176 16.78 -33.32 13.47
C ILE C 176 17.89 -32.89 12.50
N THR C 177 18.82 -32.05 12.98
CA THR C 177 19.86 -31.54 12.08
C THR C 177 20.82 -32.66 11.64
N THR C 178 21.13 -33.59 12.53
CA THR C 178 22.03 -34.67 12.18
C THR C 178 21.36 -35.66 11.19
N ALA C 181 21.31 -33.83 7.75
CA ALA C 181 22.64 -33.86 7.16
C ALA C 181 22.95 -35.25 6.59
N SER C 182 22.59 -36.27 7.36
CA SER C 182 22.82 -37.65 6.99
C SER C 182 22.03 -38.02 5.73
N CYS C 183 20.74 -37.69 5.70
CA CYS C 183 19.92 -37.96 4.51
C CYS C 183 20.46 -37.27 3.25
N LEU C 184 20.84 -36.01 3.35
CA LEU C 184 21.49 -35.30 2.24
C LEU C 184 22.74 -36.02 1.74
N ALA C 185 23.58 -36.44 2.69
CA ALA C 185 24.87 -37.11 2.39
C ALA C 185 24.67 -38.49 1.76
N VAL C 186 23.63 -39.21 2.18
CA VAL C 186 23.33 -40.50 1.61
C VAL C 186 23.00 -40.39 0.12
N PHE C 187 22.16 -39.43 -0.22
CA PHE C 187 21.60 -39.34 -1.56
C PHE C 187 22.34 -38.34 -2.49
N ALA C 188 23.08 -37.39 -1.93
CA ALA C 188 23.85 -36.44 -2.73
C ALA C 188 25.32 -36.33 -2.28
N PRO C 189 26.04 -37.48 -2.21
CA PRO C 189 27.39 -37.46 -1.65
C PRO C 189 28.41 -36.64 -2.45
N GLU C 190 28.11 -36.38 -3.72
CA GLU C 190 28.97 -35.52 -4.51
C GLU C 190 28.91 -34.04 -4.11
N THR C 191 27.86 -33.64 -3.40
CA THR C 191 27.64 -32.26 -2.99
C THR C 191 27.78 -32.13 -1.47
N ILE C 192 27.15 -33.05 -0.75
CA ILE C 192 27.12 -33.01 0.71
C ILE C 192 27.87 -34.26 1.19
N ASN C 193 29.06 -34.04 1.74
CA ASN C 193 29.89 -35.13 2.23
C ASN C 193 30.72 -34.68 3.41
N SER C 194 31.49 -35.61 3.97
CA SER C 194 32.27 -35.34 5.19
C SER C 194 33.36 -34.28 4.99
N GLN C 195 33.67 -33.94 3.73
CA GLN C 195 34.57 -32.81 3.43
C GLN C 195 33.84 -31.47 3.24
N THR C 196 32.94 -31.42 2.27
CA THR C 196 32.22 -30.18 1.98
C THR C 196 31.38 -29.70 3.17
N PHE C 197 30.83 -30.64 3.93
CA PHE C 197 29.96 -30.25 5.06
C PHE C 197 30.74 -29.71 6.26
N ARG C 198 32.06 -29.88 6.24
CA ARG C 198 32.87 -29.25 7.28
C ARG C 198 32.74 -27.74 7.23
N ASP C 199 32.52 -27.20 6.03
CA ASP C 199 32.26 -25.76 5.88
C ASP C 199 30.97 -25.35 6.58
N VAL C 200 29.95 -26.22 6.53
CA VAL C 200 28.67 -25.92 7.18
C VAL C 200 28.86 -26.03 8.71
N ALA C 201 29.49 -27.12 9.14
CA ALA C 201 29.83 -27.31 10.56
C ALA C 201 30.66 -26.14 11.09
N ASP C 202 31.68 -25.73 10.34
CA ASP C 202 32.55 -24.60 10.70
C ASP C 202 31.72 -23.32 10.89
N ARG C 203 30.83 -23.05 9.93
CA ARG C 203 30.04 -21.84 9.97
C ARG C 203 29.08 -21.84 11.13
N CYS C 204 28.44 -22.99 11.40
CA CYS C 204 27.48 -23.05 12.50
C CYS C 204 28.18 -22.99 13.88
N GLN C 205 29.38 -23.57 13.97
CA GLN C 205 30.23 -23.39 15.13
C GLN C 205 30.55 -21.91 15.32
N ALA C 206 30.91 -21.19 14.24
CA ALA C 206 31.10 -19.74 14.30
C ALA C 206 29.84 -18.96 14.76
N ILE C 207 28.67 -19.35 14.26
CA ILE C 207 27.40 -18.78 14.71
C ILE C 207 27.22 -18.94 16.21
N LEU C 208 27.41 -20.16 16.70
CA LEU C 208 27.23 -20.45 18.12
C LEU C 208 28.20 -19.66 18.96
N THR C 209 29.46 -19.62 18.53
CA THR C 209 30.50 -18.83 19.20
C THR C 209 30.16 -17.33 19.21
N SER C 210 29.63 -16.79 18.12
CA SER C 210 29.19 -15.40 18.03
C SER C 210 28.05 -15.00 18.99
N LEU C 211 27.28 -15.98 19.46
CA LEU C 211 26.20 -15.76 20.40
C LEU C 211 26.65 -15.86 21.87
N GLY C 212 27.93 -16.11 22.09
CA GLY C 212 28.48 -16.16 23.44
C GLY C 212 27.80 -17.16 24.34
N ASP C 213 27.47 -16.75 25.55
CA ASP C 213 26.80 -17.67 26.49
C ASP C 213 25.26 -17.71 26.29
N PHE C 214 24.80 -17.06 25.24
CA PHE C 214 23.38 -16.98 24.83
C PHE C 214 22.58 -15.99 25.69
N SER C 215 23.21 -15.35 26.67
CA SER C 215 22.44 -14.60 27.69
C SER C 215 21.57 -13.48 27.11
N GLU C 216 21.97 -12.92 25.97
CA GLU C 216 21.21 -11.84 25.34
C GLU C 216 20.04 -12.31 24.47
N GLY C 217 19.87 -13.63 24.36
CA GLY C 217 18.65 -14.19 23.81
C GLY C 217 18.48 -14.09 22.29
N VAL C 218 19.59 -13.85 21.59
CA VAL C 218 19.67 -13.93 20.12
C VAL C 218 18.94 -12.79 19.41
N PHE C 219 17.61 -12.75 19.45
CA PHE C 219 16.86 -11.60 18.93
C PHE C 219 16.47 -10.65 20.08
N GLY C 220 16.65 -11.08 21.34
CA GLY C 220 16.37 -10.23 22.52
C GLY C 220 15.12 -10.63 23.28
N TYR C 221 14.78 -9.86 24.32
CA TYR C 221 13.66 -10.16 25.22
C TYR C 221 12.53 -9.10 25.21
N ALA C 222 12.21 -8.58 24.05
CA ALA C 222 11.08 -7.65 23.90
C ALA C 222 9.78 -8.42 24.10
N PRO C 223 8.70 -7.74 24.55
CA PRO C 223 7.42 -8.39 24.87
C PRO C 223 6.58 -8.70 23.62
N TRP C 224 7.18 -9.40 22.67
CA TRP C 224 6.43 -9.79 21.48
C TRP C 224 5.42 -10.83 21.92
N LYS C 225 4.32 -10.87 21.16
CA LYS C 225 3.26 -11.82 21.39
C LYS C 225 3.08 -12.73 20.22
N ARG C 226 3.66 -12.36 19.08
CA ARG C 226 3.62 -13.16 17.85
C ARG C 226 5.00 -13.14 17.18
N ILE C 227 5.39 -14.31 16.67
CA ILE C 227 6.61 -14.42 15.91
C ILE C 227 6.33 -15.11 14.60
N VAL C 228 6.83 -14.54 13.52
CA VAL C 228 6.65 -15.12 12.20
C VAL C 228 8.01 -15.37 11.58
N TYR C 229 8.25 -16.62 11.18
CA TYR C 229 9.43 -16.98 10.40
C TYR C 229 9.05 -17.16 8.95
N LEU C 230 9.88 -16.60 8.05
CA LEU C 230 9.64 -16.68 6.63
C LEU C 230 10.86 -17.22 5.87
N GLY C 231 10.61 -18.13 4.95
CA GLY C 231 11.64 -18.61 4.02
C GLY C 231 11.01 -19.18 2.75
N SER C 232 11.68 -18.98 1.62
CA SER C 232 11.21 -19.45 0.32
C SER C 232 11.56 -20.91 0.06
N GLY C 233 10.72 -21.59 -0.71
CA GLY C 233 11.02 -22.96 -1.09
C GLY C 233 11.16 -23.82 0.13
N GLY C 234 12.20 -24.65 0.16
CA GLY C 234 12.46 -25.55 1.31
C GLY C 234 12.78 -24.82 2.60
N LEU C 235 13.23 -23.57 2.50
CA LEU C 235 13.47 -22.77 3.69
C LEU C 235 12.21 -22.51 4.49
N GLN C 236 11.04 -22.67 3.88
CA GLN C 236 9.79 -22.57 4.61
C GLN C 236 9.71 -23.70 5.64
N GLY C 237 10.29 -24.85 5.31
CA GLY C 237 10.35 -25.96 6.28
C GLY C 237 11.21 -25.61 7.48
N ALA C 238 12.33 -24.90 7.21
CA ALA C 238 13.15 -24.33 8.27
C ALA C 238 12.37 -23.31 9.14
N ALA C 239 11.60 -22.42 8.48
CA ALA C 239 10.69 -21.49 9.12
C ALA C 239 9.69 -22.21 10.04
N ARG C 240 9.12 -23.31 9.55
CA ARG C 240 8.14 -24.11 10.28
C ARG C 240 8.73 -24.74 11.54
N GLU C 241 9.91 -25.32 11.41
CA GLU C 241 10.62 -25.87 12.57
C GLU C 241 10.93 -24.78 13.60
N SER C 242 11.37 -23.63 13.10
CA SER C 242 11.74 -22.50 13.93
C SER C 242 10.52 -22.04 14.75
N ALA C 243 9.39 -21.90 14.07
CA ALA C 243 8.13 -21.54 14.71
C ALA C 243 7.71 -22.57 15.75
N LEU C 244 7.79 -23.86 15.39
CA LEU C 244 7.44 -24.93 16.34
C LEU C 244 8.29 -24.91 17.61
N LYS C 245 9.60 -24.65 17.47
CA LYS C 245 10.47 -24.57 18.64
C LYS C 245 10.00 -23.51 19.63
N VAL C 246 9.66 -22.33 19.14
CA VAL C 246 9.11 -21.24 19.97
C VAL C 246 7.86 -21.64 20.72
N LEU C 247 6.94 -22.20 19.96
CA LEU C 247 5.68 -22.70 20.47
C LEU C 247 5.93 -23.72 21.58
N GLU C 248 6.72 -24.74 21.29
CA GLU C 248 7.02 -25.82 22.27
C GLU C 248 7.67 -25.25 23.52
N LEU C 249 8.74 -24.48 23.33
CA LEU C 249 9.59 -24.12 24.46
C LEU C 249 8.99 -22.98 25.33
N THR C 250 8.08 -22.19 24.77
CA THR C 250 7.37 -21.21 25.57
C THR C 250 6.00 -21.72 26.08
N ALA C 251 5.75 -23.03 26.02
CA ALA C 251 4.44 -23.61 26.38
C ALA C 251 3.28 -22.87 25.73
N GLY C 252 3.47 -22.46 24.49
CA GLY C 252 2.45 -21.78 23.72
C GLY C 252 2.26 -20.31 24.05
N LYS C 253 3.04 -19.75 24.96
CA LYS C 253 2.81 -18.36 25.36
C LYS C 253 3.09 -17.40 24.22
N LEU C 254 4.09 -17.72 23.40
CA LEU C 254 4.40 -16.93 22.25
C LEU C 254 3.83 -17.62 21.03
N ALA C 255 2.83 -16.99 20.40
CA ALA C 255 2.21 -17.53 19.18
C ALA C 255 3.24 -17.44 18.05
N ALA C 256 3.41 -18.51 17.29
CA ALA C 256 4.40 -18.54 16.22
C ALA C 256 3.76 -19.05 14.94
N PHE C 257 4.22 -18.47 13.85
CA PHE C 257 3.67 -18.69 12.54
C PHE C 257 4.83 -18.87 11.57
N TYR C 258 4.52 -19.45 10.41
CA TYR C 258 5.51 -19.62 9.35
C TYR C 258 4.83 -19.44 8.01
N ASP C 259 5.64 -19.06 7.03
CA ASP C 259 5.19 -18.94 5.63
C ASP C 259 6.39 -18.70 4.73
N SER C 260 6.12 -18.61 3.42
CA SER C 260 7.11 -18.14 2.47
C SER C 260 6.91 -16.63 2.32
N PRO C 261 7.97 -15.90 2.00
CA PRO C 261 7.78 -14.46 1.80
C PRO C 261 6.68 -14.10 0.80
N THR C 262 6.62 -14.81 -0.33
CA THR C 262 5.60 -14.55 -1.35
C THR C 262 4.20 -15.03 -0.92
N GLY C 263 4.14 -16.20 -0.28
CA GLY C 263 2.89 -16.69 0.32
C GLY C 263 2.29 -15.75 1.33
N PHE C 264 3.17 -15.13 2.11
CA PHE C 264 2.79 -14.27 3.22
C PHE C 264 1.92 -13.10 2.77
N ARG C 265 2.15 -12.61 1.56
CA ARG C 265 1.30 -11.53 1.02
C ARG C 265 -0.16 -11.89 0.82
N HIS C 266 -0.48 -13.16 0.62
CA HIS C 266 -1.82 -13.56 0.22
C HIS C 266 -2.75 -13.85 1.40
N GLY C 267 -2.74 -12.95 2.38
CA GLY C 267 -3.63 -13.03 3.52
C GLY C 267 -2.92 -13.04 4.85
N PRO C 268 -1.95 -13.97 5.02
CA PRO C 268 -1.28 -14.10 6.35
C PRO C 268 -0.60 -12.84 6.92
N LYS C 269 -0.17 -11.91 6.04
CA LYS C 269 0.48 -10.68 6.46
C LYS C 269 -0.39 -9.87 7.41
N SER C 270 -1.70 -10.10 7.38
CA SER C 270 -2.60 -9.41 8.30
C SER C 270 -2.27 -9.71 9.76
N LEU C 271 -1.61 -10.83 10.03
CA LEU C 271 -1.25 -11.10 11.39
C LEU C 271 -0.18 -10.16 11.98
N VAL C 272 0.55 -9.44 11.13
CA VAL C 272 1.64 -8.57 11.61
C VAL C 272 1.05 -7.35 12.37
N ASP C 273 1.39 -7.25 13.64
CA ASP C 273 0.97 -6.12 14.46
C ASP C 273 2.17 -5.57 15.24
N ASP C 274 1.92 -4.59 16.10
CA ASP C 274 3.00 -3.96 16.83
C ASP C 274 3.58 -4.78 17.99
N GLU C 275 3.12 -6.02 18.16
CA GLU C 275 3.73 -6.96 19.08
C GLU C 275 4.25 -8.18 18.32
N THR C 276 4.50 -8.01 17.02
CA THR C 276 4.99 -9.08 16.16
C THR C 276 6.48 -8.90 15.79
N LEU C 277 7.24 -9.97 16.03
CA LEU C 277 8.56 -10.18 15.44
C LEU C 277 8.49 -10.94 14.12
N VAL C 278 9.05 -10.38 13.06
CA VAL C 278 9.21 -11.11 11.79
C VAL C 278 10.69 -11.40 11.55
N VAL C 279 11.00 -12.67 11.30
CA VAL C 279 12.35 -13.07 10.92
C VAL C 279 12.35 -13.67 9.52
N VAL C 280 13.19 -13.11 8.64
CA VAL C 280 13.29 -13.57 7.26
C VAL C 280 14.62 -14.30 7.03
N PHE C 281 14.52 -15.56 6.60
CA PHE C 281 15.68 -16.36 6.23
C PHE C 281 15.91 -16.09 4.72
N VAL C 282 16.91 -15.29 4.38
CA VAL C 282 17.13 -14.88 2.98
C VAL C 282 17.83 -15.97 2.17
N SER C 283 17.22 -16.33 1.06
CA SER C 283 17.85 -17.30 0.15
C SER C 283 19.23 -16.86 -0.32
N SER C 284 20.11 -17.85 -0.53
CA SER C 284 21.40 -17.61 -1.19
C SER C 284 21.33 -17.79 -2.71
N HIS C 285 20.20 -18.27 -3.21
CA HIS C 285 20.01 -18.40 -4.65
C HIS C 285 19.72 -17.01 -5.23
N PRO C 286 20.51 -16.56 -6.20
CA PRO C 286 20.36 -15.18 -6.63
C PRO C 286 18.99 -14.83 -7.30
N TYR C 287 18.31 -15.81 -7.89
CA TYR C 287 16.97 -15.59 -8.39
C TYR C 287 15.95 -15.47 -7.23
N THR C 288 15.93 -16.47 -6.37
CA THR C 288 14.95 -16.61 -5.29
C THR C 288 15.07 -15.44 -4.33
N ARG C 289 16.31 -15.07 -4.03
CA ARG C 289 16.50 -14.03 -3.04
C ARG C 289 15.93 -12.66 -3.40
N GLN C 290 15.77 -12.38 -4.68
CA GLN C 290 15.12 -11.15 -5.12
C GLN C 290 13.75 -11.03 -4.49
N TYR C 291 13.04 -12.16 -4.46
CA TYR C 291 11.70 -12.20 -3.87
C TYR C 291 11.72 -11.96 -2.38
N ASP C 292 12.69 -12.54 -1.70
CA ASP C 292 12.85 -12.38 -0.26
C ASP C 292 13.13 -10.91 0.10
N LEU C 293 14.01 -10.28 -0.66
CA LEU C 293 14.39 -8.90 -0.42
C LEU C 293 13.24 -7.94 -0.69
N ASP C 294 12.45 -8.21 -1.72
CA ASP C 294 11.28 -7.37 -2.04
C ASP C 294 10.28 -7.38 -0.88
N LEU C 295 10.05 -8.56 -0.30
CA LEU C 295 9.12 -8.67 0.82
C LEU C 295 9.68 -7.98 2.06
N LEU C 296 10.98 -8.18 2.32
CA LEU C 296 11.64 -7.51 3.44
C LEU C 296 11.49 -5.99 3.34
N ALA C 297 11.75 -5.44 2.15
CA ALA C 297 11.58 -4.01 1.91
C ALA C 297 10.14 -3.56 2.17
N GLU C 298 9.18 -4.33 1.68
CA GLU C 298 7.76 -4.07 1.95
C GLU C 298 7.42 -4.04 3.45
N LEU C 299 7.93 -5.00 4.21
CA LEU C 299 7.69 -5.02 5.66
C LEU C 299 8.27 -3.81 6.41
N ARG C 300 9.44 -3.35 6.00
CA ARG C 300 10.09 -2.20 6.64
C ARG C 300 9.31 -0.93 6.36
N ARG C 301 8.88 -0.79 5.11
CA ARG C 301 7.99 0.29 4.66
C ARG C 301 6.63 0.31 5.37
N ASP C 302 6.02 -0.87 5.54
CA ASP C 302 4.73 -0.98 6.20
C ASP C 302 4.84 -0.41 7.61
N ASN C 303 5.98 -0.67 8.26
CA ASN C 303 6.27 -0.19 9.57
C ASN C 303 5.26 -0.61 10.66
N GLN C 304 4.74 -1.84 10.53
CA GLN C 304 3.68 -2.35 11.39
C GLN C 304 4.26 -3.23 12.51
N ALA C 305 5.28 -4.03 12.20
CA ALA C 305 5.81 -5.03 13.13
C ALA C 305 6.55 -4.37 14.28
N ARG C 307 9.38 -5.71 15.31
CA ARG C 307 10.72 -5.80 14.75
C ARG C 307 10.71 -6.70 13.54
N VAL C 308 11.51 -6.34 12.55
CA VAL C 308 11.74 -7.16 11.34
C VAL C 308 13.24 -7.43 11.23
N ILE C 309 13.61 -8.72 11.27
CA ILE C 309 15.03 -9.09 11.23
C ILE C 309 15.31 -9.97 10.01
N ALA C 310 16.27 -9.56 9.19
CA ALA C 310 16.78 -10.34 8.05
C ALA C 310 18.04 -11.11 8.44
N ILE C 311 18.06 -12.41 8.14
CA ILE C 311 19.29 -13.20 8.31
C ILE C 311 19.75 -13.61 6.90
N ALA C 312 20.98 -13.23 6.57
CA ALA C 312 21.51 -13.34 5.21
C ALA C 312 23.02 -13.55 5.18
N ALA C 313 23.50 -14.21 4.14
CA ALA C 313 24.92 -14.38 3.87
C ALA C 313 25.55 -13.09 3.38
N GLU C 314 24.78 -12.37 2.57
CA GLU C 314 25.28 -11.23 1.85
C GLU C 314 24.53 -10.00 2.35
N SER C 315 25.26 -9.00 2.83
CA SER C 315 24.64 -7.71 3.08
C SER C 315 24.26 -7.08 1.74
N SER C 316 23.33 -6.16 1.79
CA SER C 316 22.87 -5.42 0.63
C SER C 316 22.12 -4.27 1.24
N ASP C 317 21.73 -3.28 0.45
CA ASP C 317 21.04 -2.12 0.99
C ASP C 317 19.75 -2.50 1.69
N ILE C 318 18.97 -3.42 1.10
CA ILE C 318 17.73 -3.87 1.77
C ILE C 318 18.01 -4.62 3.09
N VAL C 319 18.99 -5.51 3.10
CA VAL C 319 19.35 -6.22 4.32
C VAL C 319 19.95 -5.24 5.35
N ALA C 320 20.79 -4.33 4.89
CA ALA C 320 21.45 -3.35 5.75
C ALA C 320 20.49 -2.29 6.31
N ALA C 321 19.36 -2.04 5.64
CA ALA C 321 18.49 -0.94 6.00
C ALA C 321 17.92 -1.02 7.43
N GLY C 322 17.74 -2.21 7.98
CA GLY C 322 17.19 -2.39 9.32
C GLY C 322 17.82 -3.57 10.05
N PRO C 323 17.26 -3.99 11.20
CA PRO C 323 17.82 -5.10 11.95
C PRO C 323 18.14 -6.31 11.07
N HIS C 324 19.36 -6.82 11.19
CA HIS C 324 19.80 -7.96 10.41
C HIS C 324 20.96 -8.68 11.08
N ILE C 325 21.16 -9.90 10.64
CA ILE C 325 22.30 -10.72 11.02
C ILE C 325 22.96 -11.21 9.73
N ILE C 326 24.24 -10.90 9.59
CA ILE C 326 25.03 -11.41 8.49
C ILE C 326 25.74 -12.67 8.97
N LEU C 327 25.51 -13.77 8.25
CA LEU C 327 26.12 -15.06 8.61
C LEU C 327 27.64 -14.93 8.54
N PRO C 328 28.36 -15.72 9.36
CA PRO C 328 29.83 -15.71 9.29
C PRO C 328 30.34 -15.97 7.87
N PRO C 329 31.46 -15.33 7.50
CA PRO C 329 31.91 -15.50 6.11
C PRO C 329 32.23 -16.95 5.77
N SER C 330 31.86 -17.37 4.57
CA SER C 330 32.18 -18.70 4.09
C SER C 330 32.07 -18.72 2.59
N ARG C 331 32.31 -19.90 2.01
CA ARG C 331 31.99 -20.12 0.62
C ARG C 331 30.48 -19.97 0.42
N HIS C 332 30.07 -19.91 -0.83
CA HIS C 332 28.65 -19.90 -1.15
C HIS C 332 28.05 -21.22 -0.66
N PHE C 333 26.92 -21.11 0.05
CA PHE C 333 26.10 -22.25 0.47
C PHE C 333 24.83 -22.31 -0.37
N ILE C 334 24.39 -23.50 -0.72
CA ILE C 334 23.05 -23.66 -1.30
C ILE C 334 22.02 -23.66 -0.15
N ASP C 335 20.73 -23.54 -0.49
CA ASP C 335 19.72 -23.30 0.55
C ASP C 335 19.58 -24.46 1.55
N VAL C 336 19.78 -25.69 1.11
CA VAL C 336 19.69 -26.80 2.06
C VAL C 336 20.85 -26.78 3.08
N GLU C 337 21.98 -26.16 2.71
CA GLU C 337 23.10 -25.96 3.60
C GLU C 337 22.81 -24.78 4.53
N GLN C 338 22.25 -23.70 3.98
CA GLN C 338 21.87 -22.55 4.77
C GLN C 338 20.87 -22.87 5.87
N ALA C 339 19.98 -23.82 5.61
CA ALA C 339 18.99 -24.26 6.58
C ALA C 339 19.59 -24.52 7.96
N PHE C 340 20.75 -25.16 7.97
CA PHE C 340 21.45 -25.45 9.21
C PHE C 340 21.84 -24.17 9.95
N CYS C 341 22.35 -23.19 9.20
CA CYS C 341 22.70 -21.86 9.76
C CYS C 341 21.53 -21.14 10.43
N PHE C 342 20.42 -21.02 9.70
CA PHE C 342 19.20 -20.39 10.21
C PHE C 342 18.69 -21.10 11.47
N LEU C 343 18.70 -22.43 11.46
CA LEU C 343 18.25 -23.19 12.65
C LEU C 343 19.04 -22.91 13.95
N TYR C 345 20.17 -20.05 14.99
CA TYR C 345 19.52 -18.86 15.57
C TYR C 345 18.15 -19.18 16.16
N ALA C 346 17.34 -19.92 15.41
CA ALA C 346 15.97 -20.24 15.83
C ALA C 346 15.94 -21.13 17.07
N GLN C 347 16.84 -22.10 17.13
CA GLN C 347 16.93 -22.99 18.28
C GLN C 347 17.37 -22.22 19.54
N THR C 348 18.42 -21.44 19.41
CA THR C 348 18.95 -20.70 20.55
C THR C 348 17.95 -19.63 21.05
N PHE C 349 17.28 -18.96 20.12
CA PHE C 349 16.21 -18.01 20.47
C PHE C 349 15.12 -18.65 21.31
N ALA C 350 14.58 -19.76 20.82
CA ALA C 350 13.53 -20.54 21.54
C ALA C 350 13.96 -20.94 22.95
N LEU C 351 15.16 -21.51 23.05
CA LEU C 351 15.73 -21.89 24.35
C LEU C 351 15.73 -20.70 25.32
N GLN C 353 14.11 -17.71 25.14
CA GLN C 353 12.75 -17.26 25.49
C GLN C 353 12.13 -18.12 26.61
N SER C 354 12.30 -19.44 26.49
CA SER C 354 11.83 -20.39 27.50
C SER C 354 12.39 -20.05 28.88
N LEU C 355 13.72 -19.94 28.95
CA LEU C 355 14.38 -19.66 30.24
C LEU C 355 13.97 -18.29 30.80
N HIS C 356 13.93 -17.28 29.93
CA HIS C 356 13.63 -15.93 30.34
C HIS C 356 12.24 -15.80 30.96
N GLY C 358 10.83 -18.18 32.69
CA GLY C 358 10.81 -19.04 33.87
C GLY C 358 10.41 -20.47 33.60
N ASN C 359 10.42 -20.85 32.33
CA ASN C 359 10.10 -22.21 31.99
C ASN C 359 11.30 -23.15 32.16
N THR C 360 11.02 -24.45 32.15
CA THR C 360 12.04 -25.48 32.18
C THR C 360 12.10 -26.11 30.77
N PRO C 361 12.98 -25.61 29.90
CA PRO C 361 12.95 -25.99 28.46
C PRO C 361 13.10 -27.47 28.15
N ASP C 362 13.84 -28.20 28.99
CA ASP C 362 14.04 -29.65 28.76
C ASP C 362 12.73 -30.44 28.88
N THR C 363 11.77 -29.86 29.59
CA THR C 363 10.50 -30.50 29.90
C THR C 363 9.27 -29.70 29.46
N GLY C 376 -1.59 -39.87 24.62
CA GLY C 376 -1.12 -39.76 23.24
C GLY C 376 -1.93 -40.52 22.19
N VAL C 377 -1.29 -40.76 21.05
CA VAL C 377 -1.93 -41.42 19.92
C VAL C 377 -2.18 -42.92 20.18
N ILE C 378 -3.32 -43.38 19.73
CA ILE C 378 -3.64 -44.80 19.72
C ILE C 378 -3.60 -45.25 18.26
N ILE C 379 -2.88 -46.32 17.98
CA ILE C 379 -2.81 -46.82 16.62
C ILE C 379 -3.98 -47.80 16.41
N HIS C 380 -4.74 -47.57 15.35
CA HIS C 380 -5.87 -48.43 14.98
C HIS C 380 -5.46 -49.27 13.78
N PRO C 381 -5.77 -50.57 13.79
CA PRO C 381 -5.28 -51.39 12.70
C PRO C 381 -6.05 -51.15 11.42
N TRP C 382 -5.36 -51.15 10.29
CA TRP C 382 -6.03 -51.06 8.99
C TRP C 382 -6.84 -52.36 8.82
N GLN C 383 -6.21 -53.42 9.32
CA GLN C 383 -6.65 -54.82 9.54
C GLN C 383 -6.86 -55.58 8.27
N TYR D 5 -31.90 -24.14 -5.22
CA TYR D 5 -30.78 -23.52 -4.45
C TYR D 5 -30.84 -21.99 -4.40
N THR D 6 -32.04 -21.42 -4.39
CA THR D 6 -32.17 -19.97 -4.34
C THR D 6 -31.68 -19.45 -2.99
N PRO D 7 -30.75 -18.50 -3.02
CA PRO D 7 -30.28 -17.94 -1.75
C PRO D 7 -31.32 -17.11 -1.00
N ALA D 8 -31.27 -17.17 0.32
CA ALA D 8 -31.95 -16.21 1.16
C ALA D 8 -31.32 -14.84 0.96
N ALA D 9 -32.06 -13.81 1.35
CA ALA D 9 -31.57 -12.45 1.28
C ALA D 9 -30.35 -12.29 2.18
N ALA D 10 -29.40 -11.48 1.72
CA ALA D 10 -28.18 -11.16 2.44
C ALA D 10 -28.37 -9.94 3.35
N ALA D 11 -28.86 -10.18 4.56
CA ALA D 11 -29.18 -9.10 5.49
C ALA D 11 -27.98 -8.29 5.98
N THR D 12 -26.77 -8.83 5.92
CA THR D 12 -25.58 -8.02 6.24
C THR D 12 -25.27 -7.00 5.17
N GLY D 13 -25.85 -7.16 3.99
CA GLY D 13 -25.62 -6.24 2.90
C GLY D 13 -24.26 -6.35 2.22
N THR D 14 -23.52 -7.41 2.49
CA THR D 14 -22.17 -7.55 1.94
C THR D 14 -22.17 -8.47 0.73
N TRP D 15 -21.21 -8.24 -0.16
CA TRP D 15 -20.94 -9.16 -1.26
C TRP D 15 -20.55 -10.54 -0.72
N THR D 16 -19.76 -10.55 0.34
CA THR D 16 -19.26 -11.82 0.89
C THR D 16 -20.44 -12.73 1.28
N GLU D 17 -21.46 -12.18 1.97
CA GLU D 17 -22.62 -13.00 2.33
C GLU D 17 -23.34 -13.55 1.11
N GLU D 18 -23.58 -12.71 0.11
CA GLU D 18 -24.22 -13.15 -1.15
C GLU D 18 -23.41 -14.27 -1.80
N GLU D 19 -22.10 -14.15 -1.74
CA GLU D 19 -21.19 -15.08 -2.37
C GLU D 19 -21.18 -16.40 -1.60
N ILE D 20 -21.31 -16.33 -0.28
CA ILE D 20 -21.46 -17.55 0.52
C ILE D 20 -22.78 -18.24 0.13
N ARG D 21 -23.85 -17.46 0.14
CA ARG D 21 -25.16 -18.03 -0.04
C ARG D 21 -25.41 -18.58 -1.46
N HIS D 22 -24.73 -18.06 -2.50
CA HIS D 22 -24.98 -18.55 -3.86
C HIS D 22 -24.13 -19.77 -4.29
N GLN D 23 -23.41 -20.32 -3.33
CA GLN D 23 -22.52 -21.45 -3.57
C GLN D 23 -23.19 -22.74 -4.11
N PRO D 24 -24.17 -23.33 -3.38
CA PRO D 24 -24.79 -24.54 -3.93
C PRO D 24 -25.26 -24.41 -5.39
N ARG D 25 -25.95 -23.31 -5.68
CA ARG D 25 -26.43 -23.05 -7.01
C ARG D 25 -25.28 -22.95 -8.05
N ALA D 26 -24.22 -22.25 -7.69
CA ALA D 26 -23.06 -22.07 -8.57
C ALA D 26 -22.39 -23.42 -8.87
N TRP D 27 -22.33 -24.27 -7.83
CA TRP D 27 -21.67 -25.57 -7.99
C TRP D 27 -22.39 -26.39 -9.08
N ILE D 28 -23.73 -26.45 -9.00
CA ILE D 28 -24.50 -27.25 -9.95
C ILE D 28 -24.45 -26.59 -11.35
N ARG D 29 -24.43 -25.25 -11.41
CA ARG D 29 -24.21 -24.56 -12.68
C ARG D 29 -22.87 -24.92 -13.31
N SER D 30 -21.81 -24.99 -12.52
CA SER D 30 -20.50 -25.25 -13.09
C SER D 30 -20.44 -26.70 -13.61
N LEU D 31 -21.06 -27.60 -12.88
CA LEU D 31 -20.98 -29.01 -13.23
C LEU D 31 -21.86 -29.31 -14.45
N THR D 32 -22.95 -28.57 -14.58
CA THR D 32 -23.78 -28.69 -15.79
C THR D 32 -23.01 -28.13 -17.01
N ASN D 33 -22.22 -27.07 -16.81
CA ASN D 33 -21.34 -26.54 -17.84
C ASN D 33 -20.33 -27.56 -18.28
N ILE D 34 -19.75 -28.26 -17.30
CA ILE D 34 -18.79 -29.32 -17.55
C ILE D 34 -19.44 -30.44 -18.40
N ASP D 35 -20.69 -30.78 -18.12
CA ASP D 35 -21.43 -31.75 -18.94
C ASP D 35 -21.47 -31.31 -20.42
N ALA D 36 -21.80 -30.04 -20.65
CA ALA D 36 -21.84 -29.46 -22.00
C ALA D 36 -20.48 -29.50 -22.71
N LEU D 37 -19.41 -29.32 -21.94
CA LEU D 37 -18.04 -29.30 -22.42
C LEU D 37 -17.32 -30.65 -22.35
N ARG D 38 -18.02 -31.70 -21.94
CA ARG D 38 -17.35 -32.97 -21.65
C ARG D 38 -16.58 -33.56 -22.83
N SER D 39 -17.15 -33.46 -24.03
CA SER D 39 -16.46 -33.99 -25.23
C SER D 39 -15.19 -33.23 -25.52
N ALA D 40 -15.27 -31.90 -25.46
CA ALA D 40 -14.11 -31.03 -25.66
C ALA D 40 -13.02 -31.29 -24.63
N LEU D 41 -13.41 -31.41 -23.37
CA LEU D 41 -12.47 -31.72 -22.28
C LEU D 41 -11.80 -33.08 -22.51
N ASN D 42 -12.58 -34.10 -22.82
CA ASN D 42 -12.04 -35.43 -23.03
C ASN D 42 -11.08 -35.44 -24.21
N ASN D 43 -11.43 -34.73 -25.27
CA ASN D 43 -10.54 -34.63 -26.45
C ASN D 43 -9.21 -33.94 -26.12
N PHE D 44 -9.24 -32.98 -25.23
CA PHE D 44 -8.00 -32.33 -24.77
C PHE D 44 -7.20 -33.21 -23.81
N LEU D 45 -7.90 -33.78 -22.83
CA LEU D 45 -7.28 -34.43 -21.68
C LEU D 45 -6.92 -35.89 -21.87
N GLU D 46 -7.72 -36.61 -22.65
CA GLU D 46 -7.54 -38.05 -22.72
C GLU D 46 -6.16 -38.43 -23.30
N PRO D 47 -5.71 -37.77 -24.37
CA PRO D 47 -4.38 -38.03 -24.88
C PRO D 47 -3.26 -37.76 -23.85
N LEU D 48 -3.47 -36.77 -22.98
CA LEU D 48 -2.45 -36.40 -21.98
C LEU D 48 -2.42 -37.44 -20.88
N LEU D 49 -3.59 -37.83 -20.44
CA LEU D 49 -3.74 -38.78 -19.37
C LEU D 49 -3.26 -40.20 -19.78
N ARG D 50 -3.16 -40.47 -21.09
CA ARG D 50 -2.55 -41.72 -21.58
C ARG D 50 -1.03 -41.76 -21.39
N LYS D 51 -0.40 -40.62 -21.14
CA LYS D 51 1.04 -40.57 -20.99
C LYS D 51 1.39 -41.03 -19.57
N GLU D 52 1.99 -42.21 -19.47
CA GLU D 52 2.34 -42.80 -18.17
C GLU D 52 3.18 -41.88 -17.27
N ASN D 53 4.11 -41.15 -17.88
CA ASN D 53 5.01 -40.27 -17.12
C ASN D 53 4.50 -38.84 -16.86
N LEU D 54 3.24 -38.60 -17.20
CA LEU D 54 2.65 -37.29 -17.02
C LEU D 54 2.66 -36.89 -15.56
N ARG D 55 3.12 -35.67 -15.29
CA ARG D 55 2.98 -35.04 -13.97
C ARG D 55 1.79 -34.07 -14.10
N ILE D 56 0.93 -34.05 -13.10
CA ILE D 56 -0.16 -33.08 -13.04
C ILE D 56 -0.01 -32.25 -11.78
N ILE D 57 0.11 -30.94 -11.92
CA ILE D 57 0.34 -30.10 -10.76
C ILE D 57 -0.81 -29.11 -10.64
N LEU D 58 -1.45 -29.10 -9.47
CA LEU D 58 -2.48 -28.11 -9.12
C LEU D 58 -1.80 -26.93 -8.43
N THR D 59 -2.03 -25.72 -8.95
CA THR D 59 -1.36 -24.55 -8.44
C THR D 59 -2.31 -23.35 -8.28
N GLY D 60 -2.16 -22.64 -7.19
CA GLY D 60 -2.86 -21.39 -6.96
C GLY D 60 -2.05 -20.62 -5.93
N ALA D 61 -2.42 -19.38 -5.68
CA ALA D 61 -1.82 -18.61 -4.58
C ALA D 61 -2.87 -18.38 -3.53
N GLY D 62 -2.44 -18.25 -2.28
CA GLY D 62 -3.35 -17.97 -1.17
C GLY D 62 -4.40 -19.05 -1.10
N THR D 63 -5.65 -18.65 -0.90
CA THR D 63 -6.78 -19.60 -0.86
C THR D 63 -6.79 -20.60 -2.02
N SER D 64 -6.44 -20.15 -3.21
CA SER D 64 -6.47 -21.01 -4.39
C SER D 64 -5.44 -22.15 -4.29
N ALA D 65 -4.37 -21.94 -3.50
CA ALA D 65 -3.38 -22.98 -3.23
C ALA D 65 -4.00 -24.14 -2.46
N PHE D 66 -5.00 -23.84 -1.66
CA PHE D 66 -5.55 -24.84 -0.75
C PHE D 66 -6.45 -25.86 -1.45
N ILE D 67 -6.91 -25.54 -2.65
CA ILE D 67 -7.70 -26.47 -3.45
C ILE D 67 -6.87 -27.75 -3.65
N GLY D 68 -5.65 -27.60 -4.17
CA GLY D 68 -4.79 -28.73 -4.40
C GLY D 68 -4.48 -29.46 -3.11
N ASP D 69 -4.29 -28.71 -2.02
CA ASP D 69 -4.03 -29.30 -0.72
C ASP D 69 -5.16 -30.24 -0.28
N ILE D 70 -6.40 -29.89 -0.59
CA ILE D 70 -7.56 -30.68 -0.22
C ILE D 70 -7.73 -31.89 -1.14
N ILE D 71 -7.57 -31.71 -2.44
CA ILE D 71 -7.97 -32.77 -3.41
C ILE D 71 -6.87 -33.51 -4.16
N ALA D 72 -5.64 -33.01 -4.17
CA ALA D 72 -4.60 -33.66 -4.97
C ALA D 72 -4.30 -35.10 -4.51
N PRO D 73 -4.16 -35.34 -3.19
CA PRO D 73 -3.89 -36.73 -2.79
C PRO D 73 -5.03 -37.68 -3.18
N TRP D 74 -6.27 -37.26 -2.91
CA TRP D 74 -7.43 -38.06 -3.32
C TRP D 74 -7.46 -38.30 -4.81
N LEU D 75 -7.20 -37.27 -5.62
CA LEU D 75 -7.18 -37.45 -7.07
C LEU D 75 -6.10 -38.42 -7.49
N ALA D 76 -4.94 -38.33 -6.84
CA ALA D 76 -3.79 -39.22 -7.15
C ALA D 76 -4.19 -40.66 -6.91
N SER D 77 -4.75 -40.90 -5.72
CA SER D 77 -5.20 -42.20 -5.32
C SER D 77 -6.38 -42.71 -6.14
N HIS D 78 -7.34 -41.86 -6.40
CA HIS D 78 -8.55 -42.25 -7.11
C HIS D 78 -8.30 -42.63 -8.58
N THR D 79 -7.46 -41.83 -9.24
CA THR D 79 -7.18 -42.00 -10.67
C THR D 79 -5.95 -42.86 -10.96
N GLY D 80 -5.07 -42.98 -9.97
CA GLY D 80 -3.76 -43.59 -10.16
C GLY D 80 -2.78 -42.75 -10.98
N LYS D 81 -3.10 -41.46 -11.18
CA LYS D 81 -2.23 -40.59 -11.92
C LYS D 81 -1.39 -39.73 -10.95
N ASN D 82 -0.39 -39.06 -11.50
CA ASN D 82 0.60 -38.33 -10.73
C ASN D 82 0.12 -36.89 -10.45
N PHE D 83 -0.84 -36.76 -9.56
CA PHE D 83 -1.39 -35.46 -9.13
C PHE D 83 -0.63 -35.00 -7.91
N SER D 84 -0.20 -33.74 -7.94
CA SER D 84 0.35 -33.10 -6.75
C SER D 84 -0.07 -31.62 -6.71
N ALA D 85 0.14 -30.98 -5.55
CA ALA D 85 -0.16 -29.56 -5.37
C ALA D 85 1.12 -28.78 -5.03
N VAL D 86 1.35 -27.70 -5.77
CA VAL D 86 2.47 -26.81 -5.46
C VAL D 86 1.93 -25.39 -5.60
N PRO D 87 2.01 -24.57 -4.55
CA PRO D 87 1.50 -23.20 -4.70
C PRO D 87 2.25 -22.40 -5.76
N THR D 88 1.55 -21.48 -6.43
CA THR D 88 2.19 -20.65 -7.45
C THR D 88 3.28 -19.82 -6.82
N THR D 89 3.15 -19.49 -5.54
CA THR D 89 4.18 -18.73 -4.85
C THR D 89 5.50 -19.54 -4.77
N ASP D 90 5.43 -20.85 -4.57
CA ASP D 90 6.62 -21.68 -4.65
C ASP D 90 7.16 -21.86 -6.08
N LEU D 91 6.28 -22.13 -7.04
CA LEU D 91 6.72 -22.21 -8.45
C LEU D 91 7.46 -20.96 -8.92
N VAL D 92 6.99 -19.79 -8.48
CA VAL D 92 7.58 -18.51 -8.95
C VAL D 92 8.96 -18.26 -8.32
N THR D 93 9.13 -18.60 -7.05
CA THR D 93 10.42 -18.36 -6.36
C THR D 93 11.46 -19.47 -6.53
N ASN D 94 10.99 -20.71 -6.70
CA ASN D 94 11.85 -21.90 -6.72
C ASN D 94 11.42 -22.84 -7.86
N PRO D 95 11.32 -22.30 -9.10
CA PRO D 95 10.78 -23.11 -10.21
C PRO D 95 11.58 -24.41 -10.45
N ASP D 97 13.01 -26.30 -8.37
CA ASP D 97 12.77 -27.36 -7.41
C ASP D 97 11.50 -28.18 -7.68
N TYR D 98 10.62 -27.69 -8.56
CA TYR D 98 9.29 -28.30 -8.72
C TYR D 98 8.97 -28.69 -10.15
N LEU D 99 9.57 -28.00 -11.12
CA LEU D 99 9.26 -28.19 -12.54
C LEU D 99 10.29 -29.11 -13.19
N ASN D 100 9.84 -30.24 -13.71
CA ASN D 100 10.72 -31.30 -14.17
C ASN D 100 10.77 -31.37 -15.69
N PRO D 101 11.89 -30.94 -16.30
CA PRO D 101 12.01 -30.94 -17.76
C PRO D 101 11.99 -32.33 -18.43
N ALA D 102 12.15 -33.40 -17.64
CA ALA D 102 12.21 -34.76 -18.15
C ALA D 102 10.88 -35.46 -18.38
N HIS D 103 9.78 -34.89 -17.86
CA HIS D 103 8.46 -35.49 -17.98
C HIS D 103 7.50 -34.45 -18.58
N PRO D 104 6.44 -34.91 -19.23
CA PRO D 104 5.37 -33.99 -19.61
C PRO D 104 4.69 -33.46 -18.37
N LEU D 105 4.13 -32.27 -18.48
CA LEU D 105 3.44 -31.60 -17.38
C LEU D 105 2.05 -31.11 -17.82
N LEU D 106 1.04 -31.37 -16.99
CA LEU D 106 -0.24 -30.68 -17.08
C LEU D 106 -0.39 -29.80 -15.83
N LEU D 107 -0.41 -28.50 -16.04
CA LEU D 107 -0.55 -27.51 -14.97
C LEU D 107 -1.99 -27.06 -14.88
N ILE D 108 -2.60 -27.32 -13.73
CA ILE D 108 -3.96 -26.86 -13.44
C ILE D 108 -3.83 -25.60 -12.58
N SER D 109 -4.12 -24.46 -13.20
CA SER D 109 -3.91 -23.16 -12.55
C SER D 109 -5.26 -22.60 -12.13
N PHE D 110 -5.39 -22.34 -10.84
CA PHE D 110 -6.58 -21.75 -10.26
C PHE D 110 -6.44 -20.23 -10.10
N GLY D 111 -7.49 -19.50 -10.45
CA GLY D 111 -7.50 -18.05 -10.20
C GLY D 111 -8.92 -17.47 -10.20
N ARG D 112 -9.30 -16.80 -9.12
CA ARG D 112 -10.59 -16.09 -9.04
C ARG D 112 -10.56 -14.94 -10.07
N SER D 113 -9.53 -14.12 -10.03
CA SER D 113 -9.38 -13.01 -10.95
C SER D 113 -8.59 -13.40 -12.19
N GLY D 114 -7.71 -14.39 -12.03
CA GLY D 114 -6.77 -14.77 -13.09
C GLY D 114 -5.71 -13.71 -13.36
N ASN D 115 -5.62 -12.71 -12.49
CA ASN D 115 -4.71 -11.55 -12.72
C ASN D 115 -3.51 -11.49 -11.76
N SER D 116 -3.41 -12.41 -10.80
CA SER D 116 -2.22 -12.51 -9.96
C SER D 116 -0.97 -12.57 -10.81
N PRO D 117 -0.03 -11.65 -10.57
CA PRO D 117 1.22 -11.78 -11.31
C PRO D 117 1.85 -13.14 -11.13
N GLU D 118 1.70 -13.75 -9.95
CA GLU D 118 2.28 -15.09 -9.73
C GLU D 118 1.62 -16.17 -10.57
N SER D 119 0.33 -16.08 -10.82
CA SER D 119 -0.35 -17.06 -11.68
C SER D 119 0.21 -17.05 -13.09
N VAL D 120 0.31 -15.84 -13.67
CA VAL D 120 0.86 -15.66 -15.02
C VAL D 120 2.32 -16.11 -15.06
N ALA D 121 3.10 -15.71 -14.05
CA ALA D 121 4.52 -16.08 -13.95
C ALA D 121 4.73 -17.61 -13.89
N ALA D 122 3.89 -18.28 -13.12
CA ALA D 122 3.92 -19.77 -12.99
C ALA D 122 3.66 -20.48 -14.33
N VAL D 123 2.67 -20.00 -15.08
CA VAL D 123 2.39 -20.54 -16.43
C VAL D 123 3.61 -20.38 -17.34
N GLU D 124 4.17 -19.17 -17.37
CA GLU D 124 5.37 -18.86 -18.14
C GLU D 124 6.56 -19.73 -17.75
N LEU D 125 6.79 -19.88 -16.45
CA LEU D 125 7.90 -20.69 -15.95
C LEU D 125 7.73 -22.17 -16.31
N ALA D 126 6.51 -22.66 -16.20
CA ALA D 126 6.21 -24.03 -16.59
C ALA D 126 6.52 -24.25 -18.09
N ASN D 127 6.12 -23.29 -18.92
CA ASN D 127 6.39 -23.35 -20.36
C ASN D 127 7.87 -23.29 -20.67
N GLN D 128 8.62 -22.48 -19.92
CA GLN D 128 10.07 -22.34 -20.09
C GLN D 128 10.84 -23.59 -19.65
N PHE D 129 10.45 -24.19 -18.53
CA PHE D 129 11.19 -25.31 -17.92
C PHE D 129 10.83 -26.68 -18.52
N VAL D 130 9.57 -26.87 -18.88
CA VAL D 130 9.04 -28.18 -19.27
C VAL D 130 8.69 -28.20 -20.75
N PRO D 131 9.52 -28.93 -21.53
CA PRO D 131 9.33 -28.94 -22.96
C PRO D 131 7.95 -29.39 -23.41
N GLU D 132 7.39 -30.42 -22.78
CA GLU D 132 6.04 -30.89 -23.13
C GLU D 132 5.07 -30.48 -22.01
N CYS D 133 4.52 -29.27 -22.16
CA CYS D 133 3.72 -28.62 -21.11
C CYS D 133 2.33 -28.27 -21.64
N TYR D 134 1.34 -28.58 -20.83
CA TYR D 134 -0.04 -28.35 -21.14
C TYR D 134 -0.67 -27.63 -19.95
N HIS D 135 -1.77 -26.93 -20.22
CA HIS D 135 -2.44 -26.09 -19.24
C HIS D 135 -3.95 -26.28 -19.23
N LEU D 136 -4.50 -26.39 -18.01
CA LEU D 136 -5.94 -26.36 -17.76
C LEU D 136 -6.19 -25.30 -16.68
N PRO D 137 -6.19 -24.04 -17.06
CA PRO D 137 -6.61 -23.01 -16.11
C PRO D 137 -8.09 -23.19 -15.78
N ILE D 138 -8.40 -23.08 -14.50
CA ILE D 138 -9.77 -23.10 -14.01
C ILE D 138 -9.94 -21.79 -13.29
N THR D 139 -10.79 -20.92 -13.84
CA THR D 139 -10.76 -19.52 -13.45
C THR D 139 -12.15 -18.85 -13.50
N CYS D 140 -12.35 -17.82 -12.69
CA CYS D 140 -13.65 -17.15 -12.57
C CYS D 140 -13.80 -15.86 -13.35
N ASN D 141 -12.75 -15.44 -14.06
CA ASN D 141 -12.72 -14.17 -14.76
C ASN D 141 -12.32 -14.34 -16.24
N GLU D 142 -13.30 -14.24 -17.13
CA GLU D 142 -13.05 -14.34 -18.55
C GLU D 142 -12.09 -13.26 -19.06
N ALA D 143 -12.05 -12.12 -18.39
CA ALA D 143 -11.12 -11.04 -18.81
C ALA D 143 -9.75 -11.15 -18.14
N GLY D 144 -9.58 -12.13 -17.26
CA GLY D 144 -8.34 -12.28 -16.50
C GLY D 144 -7.24 -12.83 -17.37
N ALA D 145 -6.00 -12.61 -16.92
CA ALA D 145 -4.81 -13.03 -17.70
C ALA D 145 -4.74 -14.55 -17.91
N LEU D 146 -5.03 -15.34 -16.88
CA LEU D 146 -5.01 -16.79 -17.06
C LEU D 146 -5.86 -17.22 -18.24
N TYR D 147 -7.11 -16.75 -18.28
CA TYR D 147 -7.97 -17.15 -19.38
C TYR D 147 -7.48 -16.50 -20.69
N GLN D 148 -7.20 -15.21 -20.63
CA GLN D 148 -6.81 -14.47 -21.84
C GLN D 148 -5.49 -14.99 -22.45
N ASN D 149 -4.52 -15.35 -21.63
CA ASN D 149 -3.29 -15.97 -22.19
C ASN D 149 -3.50 -17.37 -22.75
N ALA D 150 -4.51 -18.08 -22.27
CA ALA D 150 -4.72 -19.45 -22.74
C ALA D 150 -5.41 -19.48 -24.11
N ILE D 151 -6.19 -18.46 -24.46
CA ILE D 151 -7.01 -18.55 -25.69
C ILE D 151 -6.22 -18.77 -26.99
N ASN D 152 -5.04 -18.16 -27.11
CA ASN D 152 -4.17 -18.41 -28.28
C ASN D 152 -3.53 -19.81 -28.34
N SER D 153 -3.24 -20.37 -27.15
CA SER D 153 -2.29 -21.46 -27.01
C SER D 153 -2.97 -22.78 -27.26
N ASP D 154 -2.52 -23.48 -28.29
CA ASP D 154 -2.98 -24.85 -28.55
C ASP D 154 -2.69 -25.83 -27.39
N ASN D 155 -1.75 -25.47 -26.51
CA ASN D 155 -1.41 -26.32 -25.36
C ASN D 155 -2.27 -26.06 -24.10
N ALA D 156 -3.28 -25.21 -24.23
CA ALA D 156 -4.09 -24.78 -23.07
C ALA D 156 -5.59 -24.79 -23.33
N PHE D 157 -6.33 -25.32 -22.36
CA PHE D 157 -7.80 -25.30 -22.36
C PHE D 157 -8.23 -24.62 -21.06
N ALA D 158 -8.80 -23.43 -21.14
CA ALA D 158 -9.15 -22.67 -19.96
C ALA D 158 -10.64 -22.89 -19.70
N LEU D 159 -10.96 -23.30 -18.50
CA LEU D 159 -12.33 -23.59 -18.11
C LEU D 159 -12.85 -22.44 -17.25
N LEU D 160 -13.93 -21.83 -17.72
CA LEU D 160 -14.52 -20.66 -17.11
C LEU D 160 -15.60 -21.10 -16.12
N PRO D 162 -18.90 -20.21 -13.45
CA PRO D 162 -20.05 -19.32 -13.61
C PRO D 162 -19.76 -17.88 -13.13
N ALA D 163 -20.31 -16.93 -13.88
CA ALA D 163 -20.03 -15.51 -13.72
C ALA D 163 -20.18 -15.00 -12.31
N GLU D 164 -21.16 -15.53 -11.55
CA GLU D 164 -21.35 -15.08 -10.17
C GLU D 164 -20.23 -15.48 -9.20
N THR D 165 -19.35 -16.38 -9.60
CA THR D 165 -18.27 -16.81 -8.75
C THR D 165 -17.02 -15.95 -8.87
N HIS D 166 -17.06 -14.91 -9.71
CA HIS D 166 -16.01 -13.90 -9.68
C HIS D 166 -16.26 -13.02 -8.45
N ASP D 167 -15.87 -13.55 -7.30
CA ASP D 167 -16.20 -12.96 -6.00
C ASP D 167 -15.73 -11.52 -5.90
N ARG D 168 -16.64 -10.63 -5.49
CA ARG D 168 -16.29 -9.22 -5.21
C ARG D 168 -15.75 -9.01 -3.79
N GLY D 169 -16.16 -9.83 -2.84
CA GLY D 169 -15.52 -9.79 -1.52
C GLY D 169 -14.03 -10.11 -1.65
N PHE D 170 -13.22 -9.40 -0.88
CA PHE D 170 -11.79 -9.68 -0.71
C PHE D 170 -11.53 -11.16 -0.45
N ALA D 171 -12.27 -11.71 0.49
CA ALA D 171 -12.07 -13.11 0.89
C ALA D 171 -12.83 -14.01 -0.09
N THR D 173 -14.87 -17.11 -1.60
CA THR D 173 -15.81 -18.09 -1.06
C THR D 173 -16.32 -18.95 -2.21
N SER D 174 -17.26 -18.43 -3.00
CA SER D 174 -17.82 -19.23 -4.10
C SER D 174 -16.77 -19.50 -5.17
N SER D 175 -15.78 -18.63 -5.32
CA SER D 175 -14.73 -18.88 -6.31
C SER D 175 -13.95 -20.17 -5.95
N ILE D 176 -13.47 -20.27 -4.71
CA ILE D 176 -12.68 -21.45 -4.34
C ILE D 176 -13.51 -22.72 -4.40
N THR D 177 -14.69 -22.72 -3.79
CA THR D 177 -15.52 -23.92 -3.78
C THR D 177 -15.95 -24.40 -5.19
N THR D 178 -16.33 -23.47 -6.04
CA THR D 178 -16.75 -23.82 -7.38
C THR D 178 -15.57 -24.36 -8.21
N ALA D 181 -14.91 -27.93 -6.92
CA ALA D 181 -15.95 -28.84 -7.39
C ALA D 181 -15.71 -29.16 -8.85
N SER D 182 -15.34 -28.15 -9.61
CA SER D 182 -15.12 -28.29 -11.05
C SER D 182 -13.91 -29.17 -11.36
N CYS D 183 -12.79 -28.96 -10.66
CA CYS D 183 -11.61 -29.79 -10.84
C CYS D 183 -11.89 -31.25 -10.52
N LEU D 184 -12.59 -31.49 -9.40
CA LEU D 184 -13.00 -32.83 -9.06
C LEU D 184 -13.83 -33.48 -10.18
N ALA D 185 -14.79 -32.73 -10.72
CA ALA D 185 -15.69 -33.25 -11.74
C ALA D 185 -14.97 -33.50 -13.06
N VAL D 186 -13.99 -32.66 -13.39
CA VAL D 186 -13.22 -32.85 -14.61
C VAL D 186 -12.49 -34.18 -14.57
N PHE D 187 -11.86 -34.50 -13.44
CA PHE D 187 -10.96 -35.66 -13.36
C PHE D 187 -11.56 -36.92 -12.78
N ALA D 188 -12.65 -36.79 -12.03
CA ALA D 188 -13.34 -37.94 -11.44
C ALA D 188 -14.85 -37.94 -11.70
N PRO D 189 -15.27 -37.86 -12.97
CA PRO D 189 -16.70 -37.68 -13.27
C PRO D 189 -17.58 -38.86 -12.90
N GLU D 190 -16.99 -40.03 -12.82
CA GLU D 190 -17.70 -41.22 -12.32
C GLU D 190 -18.13 -41.10 -10.86
N THR D 191 -17.48 -40.24 -10.09
CA THR D 191 -17.75 -40.06 -8.67
C THR D 191 -18.38 -38.70 -8.36
N ILE D 192 -17.82 -37.66 -8.98
CA ILE D 192 -18.24 -36.30 -8.71
C ILE D 192 -18.77 -35.76 -10.02
N ASN D 193 -20.08 -35.58 -10.09
CA ASN D 193 -20.73 -35.13 -11.32
C ASN D 193 -22.00 -34.34 -11.02
N SER D 194 -22.65 -33.85 -12.07
CA SER D 194 -23.80 -32.99 -11.89
C SER D 194 -24.99 -33.71 -11.24
N GLN D 195 -24.97 -35.04 -11.17
CA GLN D 195 -25.97 -35.77 -10.41
C GLN D 195 -25.56 -35.99 -8.95
N THR D 196 -24.43 -36.65 -8.75
CA THR D 196 -23.99 -36.99 -7.39
C THR D 196 -23.74 -35.75 -6.55
N PHE D 197 -23.27 -34.67 -7.17
CA PHE D 197 -22.91 -33.46 -6.41
C PHE D 197 -24.14 -32.67 -5.96
N ARG D 198 -25.30 -32.94 -6.57
CA ARG D 198 -26.53 -32.34 -6.07
C ARG D 198 -26.75 -32.64 -4.60
N ASP D 199 -26.36 -33.83 -4.15
CA ASP D 199 -26.46 -34.19 -2.74
C ASP D 199 -25.59 -33.27 -1.88
N VAL D 200 -24.40 -32.94 -2.39
CA VAL D 200 -23.51 -32.00 -1.71
C VAL D 200 -24.11 -30.60 -1.67
N ALA D 201 -24.54 -30.11 -2.84
CA ALA D 201 -25.21 -28.82 -2.92
C ALA D 201 -26.46 -28.78 -1.99
N ASP D 202 -27.23 -29.86 -1.94
CA ASP D 202 -28.46 -29.91 -1.13
C ASP D 202 -28.08 -29.77 0.36
N ARG D 203 -27.05 -30.52 0.74
CA ARG D 203 -26.61 -30.55 2.12
C ARG D 203 -26.06 -29.19 2.55
N CYS D 204 -25.28 -28.56 1.68
CA CYS D 204 -24.71 -27.25 2.01
C CYS D 204 -25.82 -26.19 2.03
N GLN D 205 -26.83 -26.36 1.18
CA GLN D 205 -28.01 -25.48 1.24
C GLN D 205 -28.70 -25.62 2.61
N ALA D 206 -28.86 -26.86 3.05
CA ALA D 206 -29.42 -27.13 4.37
C ALA D 206 -28.61 -26.53 5.51
N ILE D 207 -27.27 -26.60 5.41
CA ILE D 207 -26.39 -25.98 6.40
C ILE D 207 -26.65 -24.49 6.46
N LEU D 208 -26.68 -23.85 5.29
CA LEU D 208 -26.88 -22.41 5.23
C LEU D 208 -28.24 -22.03 5.81
N THR D 209 -29.24 -22.83 5.50
CA THR D 209 -30.59 -22.61 6.02
C THR D 209 -30.59 -22.75 7.53
N SER D 210 -29.89 -23.76 8.07
CA SER D 210 -29.84 -23.99 9.51
C SER D 210 -29.22 -22.82 10.31
N LEU D 211 -28.40 -22.02 9.65
CA LEU D 211 -27.76 -20.86 10.28
C LEU D 211 -28.61 -19.57 10.22
N GLY D 212 -29.80 -19.65 9.63
CA GLY D 212 -30.71 -18.52 9.63
C GLY D 212 -30.09 -17.30 9.00
N ASP D 213 -30.26 -16.16 9.64
CA ASP D 213 -29.69 -14.91 9.16
C ASP D 213 -28.21 -14.72 9.54
N PHE D 214 -27.63 -15.74 10.19
CA PHE D 214 -26.20 -15.75 10.55
C PHE D 214 -25.90 -14.87 11.78
N SER D 215 -26.94 -14.25 12.36
CA SER D 215 -26.74 -13.28 13.46
C SER D 215 -26.08 -13.89 14.69
N GLU D 216 -26.29 -15.18 14.92
CA GLU D 216 -25.69 -15.87 16.08
C GLU D 216 -24.25 -16.38 15.88
N GLY D 217 -23.63 -16.02 14.75
CA GLY D 217 -22.19 -16.20 14.54
C GLY D 217 -21.62 -17.60 14.41
N VAL D 218 -22.48 -18.61 14.22
CA VAL D 218 -22.07 -19.99 13.95
C VAL D 218 -21.42 -20.69 15.16
N PHE D 219 -20.34 -20.12 15.69
CA PHE D 219 -19.71 -20.59 16.95
C PHE D 219 -19.95 -19.57 18.10
N GLY D 220 -20.37 -18.34 17.79
CA GLY D 220 -20.67 -17.35 18.82
C GLY D 220 -19.72 -16.18 18.84
N TYR D 221 -19.98 -15.23 19.76
CA TYR D 221 -19.08 -14.12 19.98
C TYR D 221 -18.53 -14.24 21.42
N ALA D 222 -17.30 -14.70 21.50
CA ALA D 222 -16.52 -14.74 22.74
C ALA D 222 -15.25 -13.97 22.44
N PRO D 223 -14.52 -13.55 23.49
CA PRO D 223 -13.24 -12.89 23.23
C PRO D 223 -12.11 -13.92 23.07
N TRP D 224 -12.32 -14.90 22.18
CA TRP D 224 -11.21 -15.82 21.86
C TRP D 224 -10.15 -14.98 21.15
N LYS D 225 -8.92 -15.39 21.35
CA LYS D 225 -7.78 -14.73 20.76
C LYS D 225 -7.03 -15.62 19.82
N ARG D 226 -7.30 -16.92 19.91
CA ARG D 226 -6.72 -17.90 19.01
C ARG D 226 -7.80 -18.85 18.53
N ILE D 227 -7.70 -19.23 17.27
CA ILE D 227 -8.56 -20.25 16.69
C ILE D 227 -7.72 -21.30 15.99
N VAL D 228 -8.00 -22.58 16.24
CA VAL D 228 -7.34 -23.67 15.54
C VAL D 228 -8.38 -24.55 14.86
N TYR D 229 -8.17 -24.78 13.57
CA TYR D 229 -8.95 -25.77 12.84
C TYR D 229 -8.10 -26.97 12.59
N LEU D 230 -8.69 -28.15 12.75
CA LEU D 230 -8.01 -29.41 12.58
C LEU D 230 -8.78 -30.34 11.64
N GLY D 231 -8.03 -30.98 10.74
CA GLY D 231 -8.57 -31.98 9.83
C GLY D 231 -7.47 -32.92 9.35
N SER D 232 -7.81 -34.21 9.22
CA SER D 232 -6.93 -35.26 8.72
C SER D 232 -6.82 -35.28 7.20
N GLY D 233 -5.64 -35.64 6.74
CA GLY D 233 -5.39 -35.83 5.33
C GLY D 233 -5.70 -34.54 4.63
N GLY D 234 -6.38 -34.61 3.50
CA GLY D 234 -6.76 -33.41 2.77
C GLY D 234 -7.65 -32.42 3.49
N LEU D 235 -8.35 -32.87 4.55
CA LEU D 235 -9.16 -31.94 5.35
C LEU D 235 -8.28 -30.89 6.06
N GLN D 236 -6.98 -31.13 6.15
CA GLN D 236 -6.06 -30.16 6.71
C GLN D 236 -6.03 -28.95 5.80
N GLY D 237 -6.15 -29.18 4.50
CA GLY D 237 -6.29 -28.07 3.57
C GLY D 237 -7.55 -27.25 3.79
N ALA D 238 -8.64 -27.91 4.17
CA ALA D 238 -9.88 -27.22 4.52
C ALA D 238 -9.71 -26.45 5.82
N ALA D 239 -9.02 -27.06 6.79
CA ALA D 239 -8.61 -26.39 8.01
C ALA D 239 -7.78 -25.12 7.75
N ARG D 240 -6.83 -25.21 6.82
CA ARG D 240 -5.96 -24.10 6.47
C ARG D 240 -6.74 -22.94 5.85
N GLU D 241 -7.64 -23.27 4.94
CA GLU D 241 -8.51 -22.27 4.33
C GLU D 241 -9.40 -21.60 5.37
N SER D 242 -9.93 -22.40 6.29
CA SER D 242 -10.81 -21.91 7.34
C SER D 242 -10.06 -20.91 8.22
N ALA D 243 -8.83 -21.26 8.58
CA ALA D 243 -7.94 -20.42 9.37
C ALA D 243 -7.63 -19.11 8.64
N LEU D 244 -7.27 -19.18 7.37
CA LEU D 244 -6.97 -17.97 6.61
C LEU D 244 -8.15 -17.01 6.51
N LYS D 245 -9.36 -17.54 6.33
CA LYS D 245 -10.56 -16.70 6.25
C LYS D 245 -10.71 -15.86 7.51
N VAL D 246 -10.56 -16.46 8.69
CA VAL D 246 -10.85 -15.68 9.90
C VAL D 246 -9.70 -14.69 10.14
N LEU D 247 -8.49 -15.06 9.76
CA LEU D 247 -7.36 -14.17 9.86
C LEU D 247 -7.56 -12.94 8.95
N GLU D 248 -7.90 -13.19 7.69
CA GLU D 248 -8.13 -12.13 6.69
C GLU D 248 -9.28 -11.19 7.14
N LEU D 249 -10.41 -11.80 7.49
CA LEU D 249 -11.62 -11.02 7.74
C LEU D 249 -11.61 -10.29 9.09
N THR D 250 -10.74 -10.71 10.00
CA THR D 250 -10.57 -9.99 11.27
C THR D 250 -9.35 -9.05 11.26
N ALA D 251 -8.76 -8.85 10.08
CA ALA D 251 -7.53 -8.07 9.94
C ALA D 251 -6.45 -8.54 10.91
N GLY D 252 -6.36 -9.85 11.06
CA GLY D 252 -5.36 -10.46 11.92
C GLY D 252 -5.61 -10.36 13.40
N LYS D 253 -6.76 -9.84 13.82
CA LYS D 253 -7.02 -9.67 15.25
C LYS D 253 -7.18 -11.01 15.95
N LEU D 254 -7.78 -11.97 15.28
CA LEU D 254 -7.92 -13.30 15.82
C LEU D 254 -6.82 -14.14 15.17
N ALA D 255 -5.80 -14.51 15.96
CA ALA D 255 -4.75 -15.39 15.48
C ALA D 255 -5.36 -16.75 15.10
N ALA D 256 -5.00 -17.28 13.94
CA ALA D 256 -5.57 -18.54 13.43
C ALA D 256 -4.50 -19.53 13.03
N PHE D 257 -4.76 -20.80 13.34
CA PHE D 257 -3.84 -21.91 13.16
C PHE D 257 -4.59 -23.08 12.55
N TYR D 258 -3.82 -23.96 11.91
CA TYR D 258 -4.35 -25.18 11.34
C TYR D 258 -3.38 -26.33 11.58
N ASP D 259 -3.93 -27.54 11.62
CA ASP D 259 -3.11 -28.76 11.65
C ASP D 259 -3.98 -29.96 11.41
N SER D 260 -3.34 -31.12 11.40
CA SER D 260 -4.09 -32.37 11.43
C SER D 260 -4.24 -32.76 12.92
N PRO D 261 -5.30 -33.50 13.26
CA PRO D 261 -5.42 -34.01 14.64
C PRO D 261 -4.17 -34.73 15.17
N THR D 262 -3.60 -35.65 14.39
CA THR D 262 -2.43 -36.39 14.83
C THR D 262 -1.12 -35.54 14.82
N GLY D 263 -0.97 -34.67 13.84
CA GLY D 263 0.12 -33.71 13.80
C GLY D 263 0.13 -32.77 15.00
N PHE D 264 -1.04 -32.41 15.47
CA PHE D 264 -1.23 -31.39 16.51
C PHE D 264 -0.61 -31.84 17.81
N ARG D 265 -0.56 -33.15 18.05
CA ARG D 265 0.05 -33.70 19.25
C ARG D 265 1.52 -33.48 19.32
N HIS D 266 2.21 -33.32 18.20
CA HIS D 266 3.68 -33.31 18.24
C HIS D 266 4.24 -31.91 18.41
N GLY D 267 3.72 -31.19 19.40
CA GLY D 267 4.19 -29.87 19.71
C GLY D 267 3.18 -28.74 19.59
N PRO D 268 2.48 -28.64 18.44
CA PRO D 268 1.57 -27.48 18.25
C PRO D 268 0.43 -27.35 19.29
N LYS D 269 0.04 -28.45 19.96
CA LYS D 269 -1.06 -28.42 20.91
C LYS D 269 -0.78 -27.46 22.07
N SER D 270 0.49 -27.09 22.27
CA SER D 270 0.87 -26.16 23.33
C SER D 270 0.24 -24.80 23.15
N LEU D 271 -0.14 -24.45 21.92
CA LEU D 271 -0.81 -23.18 21.71
C LEU D 271 -2.20 -23.11 22.34
N VAL D 272 -2.84 -24.27 22.58
CA VAL D 272 -4.20 -24.26 23.16
C VAL D 272 -4.21 -23.63 24.56
N ASP D 273 -4.92 -22.53 24.70
CA ASP D 273 -5.03 -21.86 25.98
C ASP D 273 -6.50 -21.51 26.27
N ASP D 274 -6.75 -20.87 27.42
CA ASP D 274 -8.11 -20.55 27.83
C ASP D 274 -8.82 -19.45 27.03
N GLU D 275 -8.15 -18.92 25.99
CA GLU D 275 -8.77 -18.04 25.00
C GLU D 275 -8.73 -18.65 23.58
N THR D 276 -8.63 -19.98 23.50
CA THR D 276 -8.57 -20.70 22.24
C THR D 276 -9.87 -21.47 21.94
N LEU D 277 -10.36 -21.26 20.72
CA LEU D 277 -11.38 -22.07 20.10
C LEU D 277 -10.70 -23.12 19.21
N VAL D 278 -11.04 -24.37 19.43
CA VAL D 278 -10.56 -25.45 18.59
C VAL D 278 -11.80 -26.06 17.88
N VAL D 279 -11.71 -26.18 16.55
CA VAL D 279 -12.77 -26.75 15.75
C VAL D 279 -12.19 -27.95 15.02
N VAL D 280 -12.82 -29.11 15.21
CA VAL D 280 -12.39 -30.35 14.57
C VAL D 280 -13.36 -30.80 13.45
N PHE D 281 -12.83 -30.89 12.24
CA PHE D 281 -13.53 -31.41 11.07
C PHE D 281 -13.35 -32.94 11.07
N VAL D 282 -14.37 -33.66 11.54
CA VAL D 282 -14.28 -35.10 11.67
C VAL D 282 -14.42 -35.83 10.35
N SER D 283 -13.47 -36.69 10.04
CA SER D 283 -13.51 -37.50 8.84
C SER D 283 -14.73 -38.42 8.81
N SER D 284 -15.20 -38.67 7.60
CA SER D 284 -16.26 -39.65 7.33
C SER D 284 -15.72 -41.05 7.00
N HIS D 285 -14.41 -41.15 6.87
CA HIS D 285 -13.78 -42.40 6.50
C HIS D 285 -13.70 -43.21 7.79
N PRO D 286 -14.23 -44.44 7.80
CA PRO D 286 -14.31 -45.20 9.06
C PRO D 286 -12.95 -45.43 9.78
N TYR D 287 -11.87 -45.57 9.04
CA TYR D 287 -10.54 -45.72 9.62
C TYR D 287 -10.01 -44.39 10.17
N THR D 288 -9.94 -43.40 9.28
CA THR D 288 -9.39 -42.08 9.61
C THR D 288 -10.07 -41.44 10.81
N ARG D 289 -11.40 -41.55 10.87
CA ARG D 289 -12.14 -40.83 11.89
C ARG D 289 -11.81 -41.30 13.30
N GLN D 290 -11.30 -42.51 13.46
CA GLN D 290 -10.92 -43.01 14.80
C GLN D 290 -9.85 -42.12 15.43
N TYR D 291 -8.92 -41.68 14.58
CA TYR D 291 -7.82 -40.81 14.99
C TYR D 291 -8.37 -39.45 15.37
N ASP D 292 -9.31 -38.94 14.58
CA ASP D 292 -9.96 -37.65 14.86
C ASP D 292 -10.69 -37.65 16.21
N LEU D 293 -11.44 -38.72 16.46
CA LEU D 293 -12.19 -38.86 17.71
C LEU D 293 -11.30 -39.02 18.92
N ASP D 294 -10.20 -39.75 18.76
CA ASP D 294 -9.20 -39.90 19.81
C ASP D 294 -8.64 -38.54 20.24
N LEU D 295 -8.32 -37.69 19.26
CA LEU D 295 -7.80 -36.37 19.57
C LEU D 295 -8.90 -35.54 20.23
N LEU D 296 -10.12 -35.62 19.71
CA LEU D 296 -11.23 -34.84 20.27
C LEU D 296 -11.37 -35.16 21.77
N ALA D 297 -11.36 -36.44 22.09
CA ALA D 297 -11.48 -36.89 23.50
C ALA D 297 -10.33 -36.36 24.37
N GLU D 298 -9.10 -36.42 23.84
CA GLU D 298 -7.94 -35.90 24.54
C GLU D 298 -8.06 -34.38 24.87
N LEU D 299 -8.47 -33.60 23.87
CA LEU D 299 -8.70 -32.16 24.04
C LEU D 299 -9.77 -31.86 25.12
N ARG D 300 -10.84 -32.64 25.17
CA ARG D 300 -11.86 -32.47 26.24
C ARG D 300 -11.34 -32.85 27.61
N ARG D 301 -10.57 -33.92 27.67
CA ARG D 301 -9.88 -34.35 28.91
C ARG D 301 -8.84 -33.31 29.39
N ASP D 302 -8.05 -32.75 28.47
CA ASP D 302 -7.07 -31.71 28.79
C ASP D 302 -7.76 -30.53 29.45
N ASN D 303 -8.94 -30.19 28.96
CA ASN D 303 -9.74 -29.11 29.49
C ASN D 303 -9.04 -27.74 29.52
N GLN D 304 -8.22 -27.45 28.49
CA GLN D 304 -7.48 -26.17 28.44
C GLN D 304 -8.16 -25.14 27.56
N ALA D 305 -8.79 -25.58 26.48
CA ALA D 305 -9.33 -24.63 25.51
C ALA D 305 -10.50 -23.84 26.10
N ARG D 307 -13.15 -23.32 24.05
CA ARG D 307 -14.18 -24.16 23.44
C ARG D 307 -13.54 -25.18 22.51
N VAL D 308 -14.13 -26.37 22.47
CA VAL D 308 -13.75 -27.39 21.50
C VAL D 308 -15.05 -27.88 20.86
N ILE D 309 -15.15 -27.68 19.56
CA ILE D 309 -16.31 -27.97 18.78
C ILE D 309 -15.98 -29.01 17.72
N ALA D 310 -16.73 -30.10 17.70
CA ALA D 310 -16.61 -31.12 16.67
C ALA D 310 -17.69 -30.91 15.64
N ILE D 311 -17.32 -30.96 14.37
CA ILE D 311 -18.29 -31.00 13.29
C ILE D 311 -18.23 -32.38 12.61
N ALA D 312 -19.34 -33.11 12.57
CA ALA D 312 -19.36 -34.50 12.10
C ALA D 312 -20.68 -34.89 11.46
N ALA D 313 -20.64 -35.86 10.56
CA ALA D 313 -21.87 -36.42 9.95
C ALA D 313 -22.57 -37.31 10.96
N GLU D 314 -21.79 -38.02 11.77
CA GLU D 314 -22.29 -39.09 12.61
C GLU D 314 -22.06 -38.72 14.06
N SER D 315 -23.11 -38.73 14.86
CA SER D 315 -22.94 -38.57 16.28
C SER D 315 -22.33 -39.85 16.86
N SER D 316 -21.69 -39.71 18.00
CA SER D 316 -21.19 -40.83 18.74
C SER D 316 -20.97 -40.26 20.11
N ASP D 317 -20.64 -41.12 21.04
CA ASP D 317 -20.40 -40.70 22.41
C ASP D 317 -19.36 -39.59 22.50
N ILE D 318 -18.24 -39.77 21.81
CA ILE D 318 -17.20 -38.77 21.82
C ILE D 318 -17.68 -37.45 21.18
N VAL D 319 -18.39 -37.52 20.06
CA VAL D 319 -18.91 -36.30 19.39
C VAL D 319 -19.98 -35.60 20.24
N ALA D 320 -20.84 -36.38 20.88
CA ALA D 320 -21.95 -35.86 21.71
C ALA D 320 -21.51 -35.29 23.06
N ALA D 321 -20.34 -35.70 23.55
CA ALA D 321 -19.92 -35.40 24.91
C ALA D 321 -19.75 -33.90 25.17
N GLY D 322 -19.40 -33.12 24.14
CA GLY D 322 -19.28 -31.67 24.27
C GLY D 322 -19.83 -30.95 23.05
N PRO D 323 -19.60 -29.64 22.95
CA PRO D 323 -20.11 -28.86 21.80
C PRO D 323 -19.78 -29.50 20.42
N HIS D 324 -20.79 -29.59 19.58
CA HIS D 324 -20.68 -30.21 18.28
C HIS D 324 -21.77 -29.76 17.32
N ILE D 325 -21.53 -29.98 16.05
CA ILE D 325 -22.51 -29.74 15.02
C ILE D 325 -22.62 -31.03 14.25
N ILE D 326 -23.83 -31.58 14.18
CA ILE D 326 -24.08 -32.72 13.32
C ILE D 326 -24.55 -32.21 11.97
N LEU D 327 -23.88 -32.62 10.90
CA LEU D 327 -24.25 -32.15 9.55
C LEU D 327 -25.65 -32.64 9.18
N PRO D 328 -26.33 -31.90 8.30
CA PRO D 328 -27.67 -32.36 7.90
C PRO D 328 -27.66 -33.78 7.35
N PRO D 329 -28.75 -34.53 7.55
CA PRO D 329 -28.71 -35.91 7.08
C PRO D 329 -28.54 -36.03 5.57
N SER D 330 -27.70 -36.97 5.16
CA SER D 330 -27.51 -37.27 3.76
C SER D 330 -26.95 -38.67 3.59
N ARG D 331 -26.73 -39.06 2.34
CA ARG D 331 -25.95 -40.24 2.06
C ARG D 331 -24.53 -40.08 2.60
N HIS D 332 -23.79 -41.19 2.62
CA HIS D 332 -22.39 -41.12 2.97
C HIS D 332 -21.63 -40.19 2.00
N PHE D 333 -20.85 -39.25 2.56
CA PHE D 333 -19.93 -38.39 1.77
C PHE D 333 -18.50 -38.86 2.00
N ILE D 334 -17.69 -38.84 0.96
CA ILE D 334 -16.24 -38.98 1.10
C ILE D 334 -15.65 -37.63 1.53
N ASP D 335 -14.41 -37.65 2.00
CA ASP D 335 -13.87 -36.44 2.64
C ASP D 335 -13.76 -35.23 1.70
N VAL D 336 -13.46 -35.44 0.43
CA VAL D 336 -13.41 -34.31 -0.50
C VAL D 336 -14.80 -33.67 -0.66
N GLU D 337 -15.87 -34.46 -0.53
CA GLU D 337 -17.22 -33.94 -0.51
C GLU D 337 -17.53 -33.21 0.80
N GLN D 338 -17.14 -33.82 1.92
CA GLN D 338 -17.27 -33.18 3.22
C GLN D 338 -16.60 -31.81 3.33
N ALA D 339 -15.50 -31.62 2.61
CA ALA D 339 -14.76 -30.37 2.64
C ALA D 339 -15.69 -29.19 2.39
N PHE D 340 -16.63 -29.34 1.45
CA PHE D 340 -17.59 -28.27 1.12
C PHE D 340 -18.48 -27.95 2.32
N CYS D 341 -18.97 -28.97 3.02
CA CYS D 341 -19.79 -28.77 4.23
C CYS D 341 -19.08 -27.98 5.31
N PHE D 342 -17.86 -28.41 5.63
CA PHE D 342 -17.07 -27.78 6.68
C PHE D 342 -16.81 -26.32 6.36
N LEU D 343 -16.48 -26.05 5.10
CA LEU D 343 -16.25 -24.68 4.66
C LEU D 343 -17.45 -23.74 4.84
N TYR D 345 -19.45 -23.57 7.35
CA TYR D 345 -19.35 -23.10 8.73
C TYR D 345 -18.19 -22.13 8.90
N ALA D 346 -17.04 -22.47 8.32
CA ALA D 346 -15.85 -21.64 8.47
C ALA D 346 -16.01 -20.28 7.78
N GLN D 347 -16.63 -20.26 6.60
CA GLN D 347 -16.80 -18.99 5.88
C GLN D 347 -17.76 -18.08 6.65
N THR D 348 -18.85 -18.67 7.13
CA THR D 348 -19.92 -17.88 7.78
C THR D 348 -19.40 -17.36 9.13
N PHE D 349 -18.65 -18.19 9.84
CA PHE D 349 -18.04 -17.81 11.11
C PHE D 349 -17.12 -16.58 10.93
N ALA D 350 -16.24 -16.66 9.95
CA ALA D 350 -15.29 -15.59 9.63
C ALA D 350 -16.03 -14.29 9.28
N LEU D 351 -17.05 -14.41 8.43
CA LEU D 351 -17.87 -13.27 8.04
C LEU D 351 -18.43 -12.56 9.29
N GLN D 353 -17.57 -12.82 12.49
CA GLN D 353 -16.54 -12.27 13.38
C GLN D 353 -16.10 -10.89 12.91
N SER D 354 -15.95 -10.74 11.59
CA SER D 354 -15.60 -9.46 10.98
C SER D 354 -16.64 -8.38 11.30
N LEU D 355 -17.90 -8.69 11.04
CA LEU D 355 -18.95 -7.71 11.24
C LEU D 355 -19.03 -7.30 12.70
N HIS D 356 -18.95 -8.30 13.57
CA HIS D 356 -19.13 -8.12 15.00
C HIS D 356 -18.09 -7.21 15.59
N GLY D 358 -16.75 -4.76 13.94
CA GLY D 358 -16.90 -3.47 13.31
C GLY D 358 -16.15 -3.34 12.03
N ASN D 359 -15.68 -4.46 11.50
CA ASN D 359 -14.95 -4.43 10.24
C ASN D 359 -15.93 -4.39 9.06
N THR D 360 -15.41 -4.02 7.90
CA THR D 360 -16.12 -4.09 6.64
C THR D 360 -15.57 -5.32 5.89
N PRO D 361 -16.25 -6.47 5.97
CA PRO D 361 -15.62 -7.70 5.47
C PRO D 361 -15.30 -7.75 4.00
N ASP D 362 -16.02 -6.98 3.17
CA ASP D 362 -15.75 -7.00 1.73
C ASP D 362 -14.40 -6.38 1.41
N THR D 363 -13.94 -5.50 2.30
CA THR D 363 -12.62 -4.87 2.26
C THR D 363 -12.11 -4.79 3.73
N PRO D 364 -11.62 -5.90 4.27
CA PRO D 364 -11.34 -5.97 5.74
C PRO D 364 -9.92 -5.58 6.18
N GLY D 376 3.00 -4.68 -3.71
CA GLY D 376 2.86 -6.12 -3.91
C GLY D 376 4.11 -6.81 -4.46
N VAL D 377 3.90 -7.99 -5.02
CA VAL D 377 4.97 -8.79 -5.59
C VAL D 377 5.49 -8.17 -6.90
N ILE D 378 6.79 -8.26 -7.07
CA ILE D 378 7.43 -7.91 -8.33
C ILE D 378 7.90 -9.26 -8.90
N ILE D 379 7.57 -9.50 -10.17
CA ILE D 379 7.99 -10.73 -10.85
C ILE D 379 9.32 -10.44 -11.49
N HIS D 380 10.30 -11.27 -11.18
CA HIS D 380 11.64 -11.16 -11.78
C HIS D 380 11.79 -12.29 -12.79
N PRO D 381 12.37 -11.99 -13.97
CA PRO D 381 12.48 -13.00 -15.03
C PRO D 381 13.56 -14.03 -14.76
N TRP D 382 13.28 -15.27 -15.09
CA TRP D 382 14.27 -16.32 -14.92
C TRP D 382 15.42 -16.07 -15.87
N GLN D 383 15.10 -15.61 -17.08
CA GLN D 383 16.13 -15.15 -18.01
C GLN D 383 16.36 -13.67 -17.82
N ALA D 384 17.48 -13.33 -17.18
CA ALA D 384 17.80 -11.96 -16.77
C ALA D 384 17.91 -10.98 -17.94
N ASN E 4 -9.93 19.14 24.91
CA ASN E 4 -9.87 18.75 26.34
C ASN E 4 -8.42 18.48 26.83
N TYR E 5 -7.67 17.73 26.01
CA TYR E 5 -6.34 17.24 26.39
C TYR E 5 -6.37 16.37 27.65
N THR E 6 -7.50 15.69 27.89
CA THR E 6 -7.63 14.96 29.13
C THR E 6 -6.69 13.77 29.03
N PRO E 7 -5.80 13.59 30.04
CA PRO E 7 -4.88 12.46 29.98
C PRO E 7 -5.57 11.10 30.13
N ALA E 8 -5.04 10.08 29.45
CA ALA E 8 -5.33 8.68 29.83
C ALA E 8 -4.88 8.37 31.25
N ALA E 9 -5.45 7.32 31.84
CA ALA E 9 -5.00 6.87 33.16
C ALA E 9 -3.50 6.50 33.12
N ALA E 10 -2.80 6.77 34.20
CA ALA E 10 -1.35 6.48 34.31
C ALA E 10 -1.14 5.08 34.88
N ALA E 11 -1.15 4.07 34.01
CA ALA E 11 -1.18 2.67 34.47
C ALA E 11 0.12 2.19 35.17
N THR E 12 1.23 2.91 34.98
CA THR E 12 2.46 2.60 35.71
C THR E 12 2.37 3.00 37.18
N GLY E 13 1.41 3.85 37.51
CA GLY E 13 1.24 4.36 38.87
C GLY E 13 2.33 5.32 39.32
N THR E 14 3.03 5.92 38.37
CA THR E 14 4.10 6.84 38.68
C THR E 14 3.65 8.29 38.48
N TRP E 15 4.25 9.18 39.27
CA TRP E 15 4.05 10.62 39.06
C TRP E 15 4.60 11.02 37.70
N THR E 16 5.75 10.44 37.34
CA THR E 16 6.42 10.77 36.06
C THR E 16 5.51 10.52 34.88
N GLU E 17 4.80 9.39 34.88
CA GLU E 17 3.81 9.13 33.84
C GLU E 17 2.66 10.13 33.81
N GLU E 18 2.07 10.41 34.96
CA GLU E 18 1.03 11.45 35.08
C GLU E 18 1.50 12.79 34.49
N GLU E 19 2.73 13.13 34.83
CA GLU E 19 3.35 14.41 34.46
C GLU E 19 3.64 14.46 32.94
N ILE E 20 4.05 13.36 32.35
CA ILE E 20 4.17 13.29 30.89
C ILE E 20 2.80 13.49 30.24
N ARG E 21 1.79 12.76 30.72
CA ARG E 21 0.50 12.75 30.06
C ARG E 21 -0.25 14.07 30.18
N HIS E 22 0.01 14.86 31.23
CA HIS E 22 -0.73 16.10 31.45
C HIS E 22 -0.10 17.32 30.75
N GLN E 23 0.93 17.07 29.96
CA GLN E 23 1.63 18.15 29.27
C GLN E 23 0.81 18.98 28.26
N PRO E 24 0.15 18.36 27.27
CA PRO E 24 -0.64 19.20 26.33
C PRO E 24 -1.64 20.13 27.04
N ARG E 25 -2.35 19.60 28.01
CA ARG E 25 -3.30 20.40 28.79
C ARG E 25 -2.59 21.55 29.54
N ALA E 26 -1.44 21.23 30.14
CA ALA E 26 -0.67 22.21 30.93
C ALA E 26 -0.18 23.38 30.05
N TRP E 27 0.19 23.07 28.82
CA TRP E 27 0.76 24.04 27.90
C TRP E 27 -0.29 25.08 27.59
N ILE E 28 -1.50 24.63 27.29
CA ILE E 28 -2.57 25.54 26.87
C ILE E 28 -3.06 26.34 28.08
N ARG E 29 -3.14 25.69 29.25
CA ARG E 29 -3.38 26.41 30.47
C ARG E 29 -2.36 27.55 30.68
N SER E 30 -1.08 27.28 30.45
CA SER E 30 -0.06 28.31 30.68
C SER E 30 -0.22 29.45 29.71
N LEU E 31 -0.46 29.12 28.45
CA LEU E 31 -0.59 30.14 27.43
C LEU E 31 -1.86 30.99 27.61
N THR E 32 -2.94 30.39 28.08
CA THR E 32 -4.14 31.17 28.42
C THR E 32 -3.88 32.09 29.64
N ASN E 33 -3.10 31.62 30.61
CA ASN E 33 -2.61 32.48 31.72
C ASN E 33 -1.83 33.69 31.18
N ILE E 34 -0.94 33.43 30.23
CA ILE E 34 -0.14 34.51 29.65
C ILE E 34 -1.04 35.54 28.94
N ASP E 35 -2.06 35.05 28.22
CA ASP E 35 -3.07 35.94 27.63
C ASP E 35 -3.67 36.87 28.68
N ALA E 36 -4.06 36.31 29.81
CA ALA E 36 -4.63 37.10 30.92
C ALA E 36 -3.62 38.13 31.47
N LEU E 37 -2.34 37.76 31.48
CA LEU E 37 -1.23 38.60 31.96
C LEU E 37 -0.59 39.48 30.88
N ARG E 38 -1.10 39.45 29.66
CA ARG E 38 -0.39 40.02 28.54
C ARG E 38 -0.12 41.51 28.73
N SER E 39 -1.12 42.27 29.19
CA SER E 39 -0.90 43.71 29.37
C SER E 39 0.14 44.01 30.48
N ALA E 40 0.10 43.27 31.59
CA ALA E 40 1.13 43.38 32.65
C ALA E 40 2.54 43.01 32.15
N LEU E 41 2.62 41.89 31.42
CA LEU E 41 3.87 41.50 30.75
C LEU E 41 4.35 42.58 29.82
N ASN E 42 3.47 43.05 28.92
CA ASN E 42 3.88 44.06 27.94
C ASN E 42 4.37 45.34 28.62
N ASN E 43 3.68 45.74 29.70
CA ASN E 43 4.09 46.91 30.48
C ASN E 43 5.49 46.78 31.06
N PHE E 44 5.84 45.61 31.58
CA PHE E 44 7.17 45.34 32.11
C PHE E 44 8.23 45.22 31.01
N LEU E 45 7.93 44.46 29.96
CA LEU E 45 8.92 44.12 28.95
C LEU E 45 9.13 45.20 27.89
N GLU E 46 8.09 45.91 27.48
CA GLU E 46 8.23 46.78 26.31
C GLU E 46 9.31 47.85 26.48
N PRO E 47 9.34 48.55 27.61
CA PRO E 47 10.45 49.51 27.82
C PRO E 47 11.85 48.90 27.86
N LEU E 48 11.96 47.64 28.30
CA LEU E 48 13.25 46.97 28.33
C LEU E 48 13.69 46.61 26.90
N LEU E 49 12.76 46.06 26.13
CA LEU E 49 13.04 45.63 24.76
C LEU E 49 13.32 46.80 23.82
N ARG E 50 12.98 48.02 24.22
CA ARG E 50 13.32 49.22 23.46
C ARG E 50 14.80 49.61 23.60
N LYS E 51 15.50 49.03 24.58
CA LYS E 51 16.91 49.30 24.81
C LYS E 51 17.74 48.51 23.81
N GLU E 52 18.36 49.20 22.84
CA GLU E 52 19.09 48.50 21.78
C GLU E 52 20.24 47.66 22.30
N ASN E 53 20.81 48.08 23.44
CA ASN E 53 21.98 47.40 24.02
C ASN E 53 21.61 46.33 25.07
N LEU E 54 20.32 46.09 25.28
CA LEU E 54 19.88 45.06 26.24
C LEU E 54 20.48 43.71 25.87
N ARG E 55 21.02 43.01 26.85
CA ARG E 55 21.30 41.56 26.73
C ARG E 55 20.22 40.82 27.45
N ILE E 56 19.78 39.70 26.87
CA ILE E 56 18.79 38.83 27.47
C ILE E 56 19.47 37.46 27.61
N ILE E 57 19.52 36.96 28.83
CA ILE E 57 20.13 35.68 29.11
C ILE E 57 19.06 34.74 29.68
N LEU E 58 18.90 33.59 29.01
CA LEU E 58 18.10 32.45 29.52
C LEU E 58 19.01 31.54 30.38
N THR E 59 18.61 31.34 31.63
CA THR E 59 19.40 30.58 32.56
C THR E 59 18.57 29.58 33.35
N GLY E 60 19.11 28.37 33.47
CA GLY E 60 18.59 27.34 34.35
C GLY E 60 19.68 26.34 34.64
N ALA E 61 19.40 25.43 35.56
CA ALA E 61 20.32 24.35 35.92
C ALA E 61 19.78 23.02 35.42
N GLY E 62 20.67 22.12 35.00
CA GLY E 62 20.28 20.80 34.50
C GLY E 62 19.35 20.89 33.31
N THR E 63 18.25 20.16 33.38
CA THR E 63 17.23 20.19 32.33
C THR E 63 16.74 21.63 32.04
N SER E 64 16.63 22.47 33.06
CA SER E 64 16.20 23.86 32.85
C SER E 64 17.20 24.67 32.01
N ALA E 65 18.48 24.27 32.00
CA ALA E 65 19.48 24.87 31.10
C ALA E 65 19.24 24.58 29.62
N PHE E 66 18.53 23.49 29.33
CA PHE E 66 18.40 23.04 27.95
C PHE E 66 17.32 23.82 27.23
N ILE E 67 16.43 24.46 27.98
CA ILE E 67 15.44 25.35 27.38
C ILE E 67 16.12 26.42 26.50
N GLY E 68 17.10 27.12 27.05
CA GLY E 68 17.77 28.19 26.30
C GLY E 68 18.57 27.59 25.17
N ASP E 69 19.09 26.38 25.36
CA ASP E 69 19.83 25.70 24.29
C ASP E 69 18.95 25.46 23.07
N ILE E 70 17.68 25.15 23.33
CA ILE E 70 16.73 24.86 22.28
C ILE E 70 16.24 26.16 21.63
N ILE E 71 15.94 27.18 22.43
CA ILE E 71 15.18 28.34 21.92
C ILE E 71 15.94 29.68 21.74
N ALA E 72 17.07 29.85 22.42
CA ALA E 72 17.74 31.17 22.45
C ALA E 72 18.18 31.62 21.04
N PRO E 73 18.82 30.75 20.25
CA PRO E 73 19.18 31.19 18.88
C PRO E 73 17.99 31.54 18.01
N TRP E 74 16.93 30.74 18.04
CA TRP E 74 15.73 31.09 17.32
C TRP E 74 15.16 32.42 17.82
N LEU E 75 15.07 32.63 19.13
CA LEU E 75 14.58 33.92 19.64
C LEU E 75 15.42 35.10 19.16
N ALA E 76 16.74 34.94 19.20
CA ALA E 76 17.68 35.99 18.74
C ALA E 76 17.42 36.34 17.27
N SER E 77 17.35 35.33 16.42
CA SER E 77 17.24 35.56 14.97
C SER E 77 15.83 36.05 14.63
N HIS E 78 14.82 35.50 15.30
CA HIS E 78 13.44 35.88 15.07
C HIS E 78 13.17 37.33 15.47
N THR E 79 13.67 37.74 16.64
CA THR E 79 13.39 39.05 17.19
C THR E 79 14.40 40.11 16.75
N GLY E 80 15.60 39.68 16.35
CA GLY E 80 16.75 40.58 16.15
C GLY E 80 17.36 41.12 17.46
N LYS E 81 16.94 40.59 18.60
CA LYS E 81 17.50 40.99 19.90
C LYS E 81 18.60 40.04 20.40
N ASN E 82 19.32 40.49 21.42
CA ASN E 82 20.48 39.82 21.98
C ASN E 82 20.07 38.75 23.01
N PHE E 83 19.47 37.67 22.50
CA PHE E 83 19.14 36.49 23.31
C PHE E 83 20.31 35.49 23.32
N SER E 84 20.65 35.02 24.51
CA SER E 84 21.61 33.95 24.67
C SER E 84 21.21 33.05 25.84
N ALA E 85 21.86 31.91 25.96
CA ALA E 85 21.62 30.95 27.07
C ALA E 85 22.91 30.73 27.83
N VAL E 86 22.86 30.86 29.14
CA VAL E 86 23.99 30.51 29.98
C VAL E 86 23.44 29.75 31.20
N PRO E 87 23.91 28.51 31.44
CA PRO E 87 23.37 27.78 32.59
C PRO E 87 23.66 28.47 33.91
N THR E 88 22.74 28.33 34.86
CA THR E 88 22.93 28.94 36.20
C THR E 88 24.18 28.36 36.87
N THR E 89 24.54 27.14 36.49
CA THR E 89 25.73 26.47 37.01
C THR E 89 27.03 27.16 36.58
N ASP E 90 27.01 27.77 35.40
CA ASP E 90 28.12 28.57 34.91
C ASP E 90 28.09 29.98 35.47
N LEU E 91 26.91 30.59 35.54
CA LEU E 91 26.78 31.91 36.17
C LEU E 91 27.26 31.92 37.61
N VAL E 92 26.99 30.85 38.34
CA VAL E 92 27.35 30.80 39.75
C VAL E 92 28.87 30.60 39.99
N THR E 93 29.53 29.80 39.16
CA THR E 93 30.95 29.51 39.34
C THR E 93 31.85 30.53 38.69
N ASN E 94 31.39 31.15 37.61
CA ASN E 94 32.21 32.02 36.77
C ASN E 94 31.44 33.28 36.36
N PRO E 95 30.87 34.02 37.33
CA PRO E 95 29.97 35.13 36.94
C PRO E 95 30.66 36.21 36.08
N ASP E 97 32.76 35.94 33.76
CA ASP E 97 32.88 35.55 32.37
C ASP E 97 31.62 35.76 31.55
N TYR E 98 30.48 35.95 32.23
CA TYR E 98 29.20 35.99 31.52
C TYR E 98 28.39 37.26 31.75
N LEU E 99 28.55 37.87 32.92
CA LEU E 99 27.73 39.01 33.33
C LEU E 99 28.45 40.32 33.02
N ASN E 100 27.91 41.10 32.09
CA ASN E 100 28.58 42.29 31.57
C ASN E 100 28.04 43.56 32.24
N PRO E 101 28.86 44.21 33.10
CA PRO E 101 28.39 45.42 33.79
C PRO E 101 28.09 46.61 32.89
N ALA E 102 28.56 46.60 31.64
CA ALA E 102 28.44 47.77 30.76
C ALA E 102 27.13 47.84 29.97
N HIS E 103 26.29 46.80 30.02
CA HIS E 103 25.01 46.79 29.31
C HIS E 103 23.86 46.47 30.26
N PRO E 104 22.64 46.88 29.91
CA PRO E 104 21.49 46.42 30.67
C PRO E 104 21.35 44.92 30.47
N LEU E 105 20.75 44.24 31.44
CA LEU E 105 20.49 42.80 31.37
C LEU E 105 19.06 42.45 31.79
N LEU E 106 18.41 41.63 30.99
CA LEU E 106 17.22 40.94 31.37
C LEU E 106 17.58 39.45 31.53
N LEU E 107 17.44 38.97 32.77
CA LEU E 107 17.71 37.57 33.12
C LEU E 107 16.41 36.79 33.22
N ILE E 108 16.28 35.80 32.33
CA ILE E 108 15.14 34.87 32.34
C ILE E 108 15.57 33.61 33.11
N SER E 109 15.08 33.49 34.34
CA SER E 109 15.47 32.41 35.23
C SER E 109 14.40 31.32 35.24
N PHE E 110 14.77 30.13 34.80
CA PHE E 110 13.92 28.95 34.86
C PHE E 110 14.21 28.12 36.11
N GLY E 111 13.16 27.71 36.81
CA GLY E 111 13.30 26.78 37.93
C GLY E 111 12.01 26.09 38.28
N ARG E 112 12.03 24.76 38.30
CA ARG E 112 10.85 24.00 38.70
C ARG E 112 10.48 24.36 40.16
N SER E 113 11.41 24.09 41.09
CA SER E 113 11.20 24.35 42.52
C SER E 113 11.35 25.82 42.86
N GLY E 114 12.27 26.51 42.17
CA GLY E 114 12.56 27.92 42.43
C GLY E 114 13.48 28.22 43.61
N ASN E 115 13.92 27.16 44.27
CA ASN E 115 14.75 27.28 45.49
C ASN E 115 16.09 26.55 45.31
N SER E 116 16.36 25.97 44.13
CA SER E 116 17.69 25.44 43.78
C SER E 116 18.67 26.55 44.14
N PRO E 117 19.67 26.27 45.01
CA PRO E 117 20.55 27.36 45.48
C PRO E 117 21.18 28.13 44.32
N GLU E 118 21.49 27.45 43.21
CA GLU E 118 22.05 28.13 42.05
C GLU E 118 21.10 29.13 41.37
N SER E 119 19.79 28.87 41.45
CA SER E 119 18.81 29.79 40.87
C SER E 119 18.84 31.15 41.58
N VAL E 120 18.73 31.11 42.90
CA VAL E 120 18.79 32.36 43.67
C VAL E 120 20.16 33.01 43.59
N ALA E 121 21.20 32.21 43.62
CA ALA E 121 22.57 32.75 43.59
C ALA E 121 22.82 33.50 42.28
N ALA E 122 22.30 32.97 41.16
CA ALA E 122 22.48 33.58 39.87
C ALA E 122 21.80 34.94 39.79
N VAL E 123 20.59 35.04 40.36
CA VAL E 123 19.84 36.28 40.40
C VAL E 123 20.64 37.31 41.21
N GLU E 124 21.14 36.90 42.37
CA GLU E 124 21.93 37.80 43.23
C GLU E 124 23.22 38.27 42.56
N LEU E 125 23.92 37.36 41.90
CA LEU E 125 25.13 37.71 41.16
C LEU E 125 24.85 38.68 40.02
N ALA E 126 23.79 38.41 39.26
CA ALA E 126 23.35 39.32 38.22
C ALA E 126 23.11 40.72 38.79
N ASN E 127 22.43 40.79 39.93
CA ASN E 127 22.13 42.08 40.58
C ASN E 127 23.41 42.75 41.02
N GLN E 128 24.34 41.99 41.56
CA GLN E 128 25.62 42.52 42.02
C GLN E 128 26.52 43.03 40.89
N PHE E 129 26.59 42.28 39.79
CA PHE E 129 27.50 42.63 38.68
C PHE E 129 26.97 43.68 37.72
N VAL E 130 25.67 43.68 37.50
CA VAL E 130 25.10 44.45 36.39
C VAL E 130 24.23 45.56 36.94
N PRO E 131 24.69 46.81 36.84
CA PRO E 131 23.94 47.92 37.43
C PRO E 131 22.49 48.05 36.99
N GLU E 132 22.21 47.86 35.69
CA GLU E 132 20.84 47.92 35.19
C GLU E 132 20.38 46.50 34.86
N CYS E 133 19.77 45.86 35.85
CA CYS E 133 19.45 44.45 35.79
C CYS E 133 17.96 44.25 36.08
N TYR E 134 17.32 43.43 35.23
CA TYR E 134 15.90 43.11 35.31
C TYR E 134 15.76 41.59 35.28
N HIS E 135 14.67 41.11 35.86
CA HIS E 135 14.40 39.69 35.98
C HIS E 135 13.01 39.28 35.53
N LEU E 136 12.95 38.15 34.79
CA LEU E 136 11.68 37.49 34.49
C LEU E 136 11.85 36.00 34.87
N PRO E 137 11.68 35.67 36.15
CA PRO E 137 11.65 34.25 36.48
C PRO E 137 10.39 33.56 35.94
N ILE E 138 10.60 32.35 35.41
CA ILE E 138 9.55 31.47 34.92
C ILE E 138 9.68 30.21 35.74
N THR E 139 8.67 29.94 36.56
CA THR E 139 8.86 29.00 37.66
C THR E 139 7.57 28.25 38.02
N CYS E 140 7.70 27.05 38.59
CA CYS E 140 6.56 26.16 38.81
C CYS E 140 6.10 26.11 40.28
N ASN E 141 6.75 26.90 41.13
CA ASN E 141 6.53 26.81 42.57
C ASN E 141 6.35 28.20 43.15
N GLU E 142 5.13 28.54 43.50
CA GLU E 142 4.79 29.84 44.04
C GLU E 142 5.53 30.13 45.35
N ALA E 143 5.90 29.07 46.06
CA ALA E 143 6.53 29.23 47.35
C ALA E 143 7.96 29.81 47.19
N GLY E 144 8.64 29.42 46.11
CA GLY E 144 10.09 29.70 45.93
C GLY E 144 10.62 31.13 45.84
N ALA E 145 11.94 31.23 45.96
CA ALA E 145 12.65 32.51 46.00
C ALA E 145 12.55 33.23 44.69
N LEU E 146 12.71 32.53 43.58
CA LEU E 146 12.60 33.19 42.30
C LEU E 146 11.33 33.96 42.28
N TYR E 147 10.23 33.26 42.59
CA TYR E 147 8.93 33.89 42.50
C TYR E 147 8.85 35.12 43.41
N GLN E 148 9.26 34.96 44.64
CA GLN E 148 8.95 35.98 45.62
C GLN E 148 9.83 37.21 45.51
N ASN E 149 11.13 36.96 45.33
CA ASN E 149 12.07 38.05 45.24
C ASN E 149 11.64 38.90 44.07
N ALA E 150 11.11 38.26 43.02
CA ALA E 150 10.68 38.99 41.84
C ALA E 150 9.50 39.94 42.09
N ILE E 151 8.44 39.43 42.71
CA ILE E 151 7.20 40.19 42.90
C ILE E 151 7.45 41.44 43.74
N ASN E 152 8.23 41.26 44.80
CA ASN E 152 8.60 42.36 45.68
C ASN E 152 9.49 43.37 44.99
N SER E 153 10.62 42.90 44.45
CA SER E 153 11.54 43.76 43.72
C SER E 153 10.84 44.50 42.61
N ASP E 154 11.25 45.73 42.37
CA ASP E 154 10.70 46.51 41.28
C ASP E 154 11.37 46.14 39.96
N ASN E 155 12.49 45.43 40.01
CA ASN E 155 13.19 45.03 38.78
C ASN E 155 12.79 43.66 38.21
N ALA E 156 11.80 43.01 38.83
CA ALA E 156 11.40 41.67 38.44
C ALA E 156 9.89 41.55 38.11
N PHE E 157 9.57 40.71 37.14
CA PHE E 157 8.19 40.28 36.88
C PHE E 157 8.27 38.75 36.84
N ALA E 158 7.60 38.08 37.76
CA ALA E 158 7.69 36.64 37.78
C ALA E 158 6.45 36.03 37.11
N LEU E 159 6.66 34.90 36.46
CA LEU E 159 5.59 34.19 35.79
C LEU E 159 5.49 32.77 36.38
N LEU E 160 4.31 32.47 36.91
CA LEU E 160 4.06 31.23 37.59
C LEU E 160 3.41 30.23 36.60
N PRO E 162 1.37 26.55 35.60
CA PRO E 162 0.22 25.86 36.21
C PRO E 162 0.69 24.89 37.27
N ALA E 163 -0.08 24.83 38.35
CA ALA E 163 0.27 24.06 39.55
C ALA E 163 0.69 22.61 39.31
N GLU E 164 0.05 21.94 38.36
CA GLU E 164 0.36 20.54 38.07
C GLU E 164 1.76 20.36 37.48
N THR E 165 2.39 21.44 37.02
CA THR E 165 3.72 21.32 36.43
C THR E 165 4.86 21.40 37.45
N HIS E 166 4.53 21.53 38.74
CA HIS E 166 5.53 21.37 39.79
C HIS E 166 5.75 19.86 39.96
N ASP E 167 6.51 19.32 39.03
CA ASP E 167 6.66 17.87 38.86
C ASP E 167 7.18 17.23 40.15
N ARG E 168 6.52 16.17 40.60
CA ARG E 168 6.99 15.40 41.75
C ARG E 168 8.03 14.35 41.36
N GLY E 169 7.98 13.88 40.12
CA GLY E 169 9.02 12.99 39.59
C GLY E 169 10.39 13.64 39.67
N PHE E 170 11.41 12.86 40.04
CA PHE E 170 12.80 13.30 39.97
C PHE E 170 13.07 14.01 38.63
N ALA E 171 12.73 13.32 37.55
CA ALA E 171 13.02 13.77 36.20
C ALA E 171 11.97 14.78 35.77
N THR E 173 9.54 16.84 33.49
CA THR E 173 8.84 16.62 32.21
C THR E 173 7.94 17.83 31.91
N SER E 174 6.76 17.86 32.51
CA SER E 174 5.83 18.96 32.26
C SER E 174 6.42 20.31 32.72
N SER E 175 7.30 20.31 33.71
CA SER E 175 7.94 21.56 34.14
C SER E 175 8.74 22.21 32.99
N ILE E 176 9.65 21.43 32.38
CA ILE E 176 10.49 21.95 31.30
C ILE E 176 9.70 22.36 30.05
N THR E 177 8.78 21.51 29.58
CA THR E 177 8.01 21.83 28.38
C THR E 177 7.09 23.03 28.58
N THR E 178 6.46 23.10 29.73
CA THR E 178 5.57 24.22 30.00
C THR E 178 6.36 25.53 30.14
N ALA E 181 7.46 26.53 26.45
CA ALA E 181 6.31 27.06 25.68
C ALA E 181 5.98 28.47 26.15
N SER E 182 6.03 28.66 27.46
CA SER E 182 5.74 29.96 28.06
C SER E 182 6.73 31.04 27.62
N CYS E 183 8.03 30.73 27.68
CA CYS E 183 9.06 31.68 27.25
C CYS E 183 8.88 32.05 25.80
N LEU E 184 8.65 31.05 24.94
CA LEU E 184 8.39 31.27 23.53
C LEU E 184 7.17 32.19 23.32
N ALA E 185 6.10 31.97 24.09
CA ALA E 185 4.87 32.76 24.00
C ALA E 185 5.08 34.22 24.51
N VAL E 186 5.93 34.40 25.52
CA VAL E 186 6.19 35.72 26.07
C VAL E 186 6.87 36.60 25.00
N PHE E 187 7.88 36.06 24.33
CA PHE E 187 8.74 36.84 23.43
C PHE E 187 8.38 36.76 21.93
N ALA E 188 7.57 35.78 21.55
CA ALA E 188 7.16 35.63 20.13
C ALA E 188 5.67 35.30 20.00
N PRO E 189 4.79 36.11 20.62
CA PRO E 189 3.34 35.84 20.63
C PRO E 189 2.70 35.88 19.25
N GLU E 190 3.32 36.55 18.30
CA GLU E 190 2.83 36.51 16.92
C GLU E 190 2.96 35.12 16.29
N THR E 191 3.85 34.28 16.81
CA THR E 191 4.13 32.96 16.26
C THR E 191 3.63 31.86 17.19
N ILE E 192 4.00 31.98 18.46
CA ILE E 192 3.69 31.02 19.48
C ILE E 192 2.70 31.64 20.46
N ASN E 193 1.47 31.19 20.39
CA ASN E 193 0.40 31.73 21.23
C ASN E 193 -0.66 30.69 21.53
N SER E 194 -1.64 31.05 22.35
CA SER E 194 -2.66 30.11 22.80
C SER E 194 -3.55 29.55 21.69
N GLN E 195 -3.53 30.17 20.51
CA GLN E 195 -4.17 29.59 19.33
C GLN E 195 -3.24 28.66 18.54
N THR E 196 -2.13 29.20 18.07
CA THR E 196 -1.19 28.41 17.24
C THR E 196 -0.63 27.20 17.96
N PHE E 197 -0.37 27.34 19.25
CA PHE E 197 0.21 26.27 20.01
C PHE E 197 -0.78 25.14 20.30
N ARG E 198 -2.10 25.38 20.11
CA ARG E 198 -3.06 24.27 20.18
C ARG E 198 -2.74 23.17 19.17
N ASP E 199 -2.18 23.53 18.03
CA ASP E 199 -1.72 22.54 17.06
C ASP E 199 -0.60 21.68 17.62
N VAL E 200 0.32 22.27 18.39
CA VAL E 200 1.43 21.54 19.02
C VAL E 200 0.86 20.63 20.11
N ALA E 201 0.02 21.19 20.98
CA ALA E 201 -0.65 20.41 22.01
C ALA E 201 -1.42 19.23 21.39
N ASP E 202 -2.19 19.50 20.32
CA ASP E 202 -2.97 18.45 19.62
C ASP E 202 -2.07 17.33 19.10
N ARG E 203 -0.96 17.72 18.49
CA ARG E 203 -0.06 16.75 17.91
C ARG E 203 0.62 15.91 18.98
N CYS E 204 1.04 16.55 20.07
CA CYS E 204 1.65 15.82 21.17
C CYS E 204 0.66 14.89 21.91
N GLN E 205 -0.59 15.32 22.03
CA GLN E 205 -1.66 14.46 22.54
C GLN E 205 -1.85 13.26 21.60
N ALA E 206 -1.84 13.47 20.28
CA ALA E 206 -1.90 12.35 19.32
C ALA E 206 -0.69 11.41 19.45
N ILE E 207 0.51 11.95 19.70
CA ILE E 207 1.73 11.13 19.92
C ILE E 207 1.52 10.22 21.14
N LEU E 208 1.12 10.84 22.24
CA LEU E 208 0.91 10.07 23.46
C LEU E 208 -0.15 8.98 23.26
N THR E 209 -1.27 9.36 22.65
CA THR E 209 -2.32 8.41 22.31
C THR E 209 -1.82 7.27 21.44
N SER E 210 -0.98 7.60 20.45
CA SER E 210 -0.40 6.59 19.56
C SER E 210 0.49 5.57 20.28
N LEU E 211 1.04 5.94 21.43
CA LEU E 211 1.85 5.05 22.23
C LEU E 211 1.06 4.19 23.20
N GLY E 212 -0.26 4.39 23.26
CA GLY E 212 -1.14 3.58 24.09
C GLY E 212 -0.75 3.57 25.54
N ASP E 213 -0.66 2.40 26.14
CA ASP E 213 -0.31 2.35 27.54
C ASP E 213 1.21 2.38 27.76
N PHE E 214 1.97 2.56 26.67
CA PHE E 214 3.44 2.70 26.72
C PHE E 214 4.18 1.37 26.89
N SER E 215 3.46 0.26 27.02
CA SER E 215 4.09 -1.00 27.39
C SER E 215 5.01 -1.55 26.29
N GLU E 216 4.86 -1.11 25.04
CA GLU E 216 5.77 -1.55 23.96
C GLU E 216 7.11 -0.81 23.95
N GLY E 217 7.27 0.19 24.82
CA GLY E 217 8.54 0.82 25.11
C GLY E 217 9.03 1.92 24.16
N VAL E 218 8.15 2.36 23.25
CA VAL E 218 8.41 3.46 22.33
C VAL E 218 9.43 3.16 21.21
N PHE E 219 10.68 2.93 21.61
CA PHE E 219 11.72 2.50 20.67
C PHE E 219 11.93 0.99 20.78
N GLY E 220 11.27 0.39 21.77
CA GLY E 220 11.35 -1.06 21.98
C GLY E 220 12.23 -1.35 23.15
N TYR E 221 12.48 -2.64 23.36
CA TYR E 221 13.39 -3.09 24.41
C TYR E 221 14.44 -3.95 23.74
N ALA E 222 15.69 -3.78 24.15
CA ALA E 222 16.82 -4.49 23.55
C ALA E 222 18.00 -4.28 24.48
N PRO E 223 19.04 -5.14 24.39
CA PRO E 223 20.15 -5.01 25.31
C PRO E 223 21.14 -3.92 24.88
N TRP E 224 20.65 -2.74 24.47
CA TRP E 224 21.56 -1.65 24.13
C TRP E 224 22.24 -1.18 25.41
N LYS E 225 23.47 -0.69 25.29
CA LYS E 225 24.21 -0.16 26.42
C LYS E 225 24.49 1.33 26.27
N ARG E 226 24.31 1.84 25.06
CA ARG E 226 24.54 3.24 24.76
C ARG E 226 23.39 3.75 23.90
N ILE E 227 23.00 4.99 24.13
CA ILE E 227 22.01 5.66 23.32
C ILE E 227 22.56 7.03 22.93
N VAL E 228 22.42 7.38 21.65
CA VAL E 228 22.79 8.70 21.21
C VAL E 228 21.58 9.35 20.53
N TYR E 229 21.30 10.57 20.95
CA TYR E 229 20.32 11.40 20.30
C TYR E 229 21.01 12.48 19.50
N LEU E 230 20.50 12.73 18.30
CA LEU E 230 21.08 13.72 17.41
C LEU E 230 20.04 14.69 16.90
N GLY E 231 20.39 15.97 16.91
CA GLY E 231 19.52 17.02 16.39
C GLY E 231 20.35 18.22 15.99
N SER E 232 19.98 18.84 14.88
CA SER E 232 20.68 20.03 14.37
C SER E 232 20.21 21.29 15.06
N GLY E 233 21.13 22.24 15.20
CA GLY E 233 20.78 23.57 15.66
C GLY E 233 20.24 23.42 17.07
N GLY E 234 19.12 24.09 17.34
CA GLY E 234 18.48 24.01 18.65
C GLY E 234 17.96 22.63 19.01
N LEU E 235 17.73 21.78 18.01
CA LEU E 235 17.33 20.41 18.27
C LEU E 235 18.42 19.62 19.03
N GLN E 236 19.68 20.08 19.01
CA GLN E 236 20.71 19.47 19.82
C GLN E 236 20.36 19.61 21.32
N GLY E 237 19.73 20.72 21.70
CA GLY E 237 19.29 20.90 23.06
C GLY E 237 18.23 19.89 23.46
N ALA E 238 17.33 19.57 22.52
CA ALA E 238 16.31 18.54 22.70
C ALA E 238 16.97 17.16 22.84
N ALA E 239 18.00 16.91 22.03
CA ALA E 239 18.81 15.69 22.09
C ALA E 239 19.50 15.56 23.45
N ARG E 240 20.01 16.69 23.94
CA ARG E 240 20.69 16.74 25.22
C ARG E 240 19.75 16.39 26.40
N GLU E 241 18.56 16.98 26.39
CA GLU E 241 17.53 16.68 27.37
C GLU E 241 17.11 15.22 27.27
N SER E 242 16.97 14.72 26.04
CA SER E 242 16.55 13.34 25.81
C SER E 242 17.60 12.36 26.38
N ALA E 243 18.87 12.66 26.18
CA ALA E 243 19.96 11.85 26.73
C ALA E 243 19.95 11.87 28.27
N LEU E 244 19.80 13.06 28.85
CA LEU E 244 19.80 13.17 30.30
C LEU E 244 18.66 12.39 30.93
N LYS E 245 17.47 12.42 30.33
CA LYS E 245 16.33 11.66 30.83
C LYS E 245 16.65 10.16 30.97
N VAL E 246 17.24 9.59 29.92
CA VAL E 246 17.67 8.19 29.92
C VAL E 246 18.63 7.90 31.04
N LEU E 247 19.64 8.74 31.12
CA LEU E 247 20.69 8.59 32.11
C LEU E 247 20.10 8.66 33.53
N GLU E 248 19.24 9.64 33.76
CA GLU E 248 18.64 9.81 35.08
C GLU E 248 17.77 8.61 35.46
N LEU E 249 16.85 8.27 34.56
CA LEU E 249 15.80 7.30 34.91
C LEU E 249 16.34 5.86 34.93
N THR E 250 17.43 5.59 34.23
CA THR E 250 18.05 4.27 34.31
C THR E 250 19.18 4.22 35.34
N ALA E 251 19.30 5.26 36.18
CA ALA E 251 20.40 5.39 37.16
C ALA E 251 21.78 5.13 36.51
N GLY E 252 21.97 5.62 35.29
CA GLY E 252 23.23 5.51 34.61
C GLY E 252 23.50 4.19 33.94
N LYS E 253 22.56 3.25 33.99
CA LYS E 253 22.83 1.93 33.42
C LYS E 253 22.93 2.03 31.89
N LEU E 254 22.09 2.87 31.28
CA LEU E 254 22.23 3.15 29.86
C LEU E 254 23.06 4.44 29.72
N ALA E 255 24.27 4.33 29.19
CA ALA E 255 25.08 5.51 28.86
C ALA E 255 24.36 6.24 27.75
N ALA E 256 24.28 7.57 27.87
CA ALA E 256 23.56 8.38 26.87
C ALA E 256 24.42 9.55 26.42
N PHE E 257 24.28 9.87 25.13
CA PHE E 257 25.14 10.86 24.47
C PHE E 257 24.24 11.72 23.60
N TYR E 258 24.72 12.91 23.24
CA TYR E 258 23.98 13.80 22.35
C TYR E 258 24.95 14.54 21.44
N ASP E 259 24.46 14.94 20.29
CA ASP E 259 25.25 15.74 19.37
C ASP E 259 24.36 16.25 18.27
N SER E 260 24.94 17.06 17.41
CA SER E 260 24.32 17.38 16.10
C SER E 260 24.75 16.33 15.06
N PRO E 261 23.89 16.05 14.07
CA PRO E 261 24.30 15.12 13.00
C PRO E 261 25.65 15.48 12.41
N THR E 262 25.87 16.74 12.07
CA THR E 262 27.13 17.14 11.46
C THR E 262 28.30 17.12 12.46
N GLY E 263 28.07 17.56 13.71
CA GLY E 263 29.12 17.51 14.73
C GLY E 263 29.55 16.07 15.01
N PHE E 264 28.59 15.15 14.94
CA PHE E 264 28.79 13.73 15.25
C PHE E 264 29.90 13.09 14.39
N ARG E 265 30.05 13.55 13.15
CA ARG E 265 31.10 13.02 12.28
C ARG E 265 32.52 13.30 12.74
N HIS E 266 32.71 14.34 13.53
CA HIS E 266 34.04 14.84 13.85
C HIS E 266 34.60 14.21 15.10
N GLY E 267 34.49 12.89 15.21
CA GLY E 267 35.08 12.18 16.34
C GLY E 267 34.08 11.39 17.15
N PRO E 268 32.98 12.02 17.61
CA PRO E 268 32.02 11.29 18.47
C PRO E 268 31.39 10.04 17.89
N LYS E 269 31.34 9.94 16.56
CA LYS E 269 30.78 8.77 15.90
C LYS E 269 31.48 7.46 16.29
N SER E 270 32.70 7.56 16.78
CA SER E 270 33.43 6.41 17.27
C SER E 270 32.71 5.67 18.40
N LEU E 271 31.86 6.37 19.16
CA LEU E 271 31.13 5.71 20.23
C LEU E 271 30.13 4.66 19.71
N VAL E 272 29.72 4.73 18.45
CA VAL E 272 28.68 3.84 17.93
C VAL E 272 29.24 2.41 17.83
N ASP E 273 28.57 1.48 18.51
CA ASP E 273 28.92 0.07 18.47
C ASP E 273 27.65 -0.78 18.34
N ASP E 274 27.80 -2.09 18.36
CA ASP E 274 26.66 -2.95 18.10
C ASP E 274 25.72 -3.10 19.29
N GLU E 275 25.94 -2.34 20.35
CA GLU E 275 24.97 -2.20 21.43
C GLU E 275 24.52 -0.75 21.57
N THR E 276 24.57 0.02 20.49
CA THR E 276 24.18 1.41 20.48
C THR E 276 22.89 1.64 19.68
N LEU E 277 21.96 2.35 20.32
CA LEU E 277 20.78 2.90 19.66
C LEU E 277 21.07 4.35 19.29
N VAL E 278 20.85 4.69 18.02
CA VAL E 278 20.94 6.07 17.57
C VAL E 278 19.55 6.57 17.17
N VAL E 279 19.14 7.71 17.72
CA VAL E 279 17.88 8.33 17.37
C VAL E 279 18.12 9.72 16.78
N VAL E 280 17.61 9.93 15.56
CA VAL E 280 17.78 11.19 14.82
C VAL E 280 16.45 11.96 14.83
N PHE E 281 16.50 13.14 15.39
CA PHE E 281 15.39 14.09 15.35
C PHE E 281 15.59 14.93 14.07
N VAL E 282 14.79 14.63 13.05
CA VAL E 282 14.93 15.28 11.73
C VAL E 282 14.30 16.67 11.69
N SER E 283 15.08 17.68 11.28
CA SER E 283 14.60 19.05 11.14
C SER E 283 13.45 19.14 10.12
N SER E 284 12.52 20.04 10.39
CA SER E 284 11.47 20.40 9.46
C SER E 284 11.90 21.51 8.48
N HIS E 285 13.08 22.07 8.67
CA HIS E 285 13.59 23.13 7.79
C HIS E 285 14.24 22.45 6.57
N PRO E 286 13.68 22.62 5.35
CA PRO E 286 14.19 21.81 4.24
C PRO E 286 15.71 21.95 3.97
N TYR E 287 16.28 23.11 4.25
CA TYR E 287 17.74 23.25 4.12
C TYR E 287 18.47 22.38 5.16
N THR E 288 18.12 22.56 6.43
CA THR E 288 18.80 21.88 7.53
C THR E 288 18.65 20.37 7.41
N ARG E 289 17.43 19.96 7.09
CA ARG E 289 17.00 18.56 6.98
C ARG E 289 17.89 17.76 6.04
N GLN E 290 18.39 18.41 4.97
CA GLN E 290 19.30 17.72 4.02
C GLN E 290 20.50 17.13 4.74
N TYR E 291 21.02 17.88 5.71
CA TYR E 291 22.20 17.46 6.46
C TYR E 291 21.84 16.27 7.37
N ASP E 292 20.67 16.35 7.99
CA ASP E 292 20.17 15.28 8.88
C ASP E 292 20.00 13.96 8.09
N LEU E 293 19.41 14.07 6.90
CA LEU E 293 19.14 12.90 6.05
C LEU E 293 20.44 12.30 5.49
N ASP E 294 21.42 13.13 5.18
CA ASP E 294 22.72 12.63 4.70
C ASP E 294 23.39 11.80 5.77
N LEU E 295 23.35 12.29 6.99
CA LEU E 295 23.91 11.56 8.12
C LEU E 295 23.13 10.26 8.40
N LEU E 296 21.82 10.34 8.35
CA LEU E 296 20.99 9.15 8.51
C LEU E 296 21.38 8.09 7.49
N ALA E 297 21.49 8.47 6.21
CA ALA E 297 21.92 7.54 5.16
C ALA E 297 23.24 6.86 5.51
N GLU E 298 24.21 7.63 5.98
CA GLU E 298 25.51 7.12 6.41
C GLU E 298 25.39 6.12 7.59
N LEU E 299 24.60 6.46 8.60
CA LEU E 299 24.39 5.59 9.76
C LEU E 299 23.72 4.25 9.39
N ARG E 300 22.78 4.31 8.45
CA ARG E 300 22.09 3.11 7.96
C ARG E 300 23.03 2.22 7.13
N ARG E 301 23.86 2.85 6.31
CA ARG E 301 24.89 2.15 5.52
C ARG E 301 26.05 1.56 6.34
N ASP E 302 26.40 2.20 7.46
CA ASP E 302 27.59 1.84 8.25
C ASP E 302 27.45 0.47 8.91
N ASN E 303 26.22 0.09 9.27
CA ASN E 303 25.95 -1.20 9.89
C ASN E 303 26.79 -1.42 11.15
N GLN E 304 26.93 -0.36 11.94
CA GLN E 304 27.66 -0.44 13.21
C GLN E 304 26.69 -0.51 14.38
N ALA E 305 25.64 0.31 14.33
CA ALA E 305 24.71 0.44 15.46
C ALA E 305 23.79 -0.76 15.62
N ARG E 307 20.61 -0.23 16.41
CA ARG E 307 19.40 0.25 15.78
C ARG E 307 19.57 1.74 15.48
N VAL E 308 19.05 2.17 14.35
CA VAL E 308 19.06 3.57 13.95
C VAL E 308 17.61 3.96 13.69
N ILE E 309 17.10 4.88 14.50
CA ILE E 309 15.72 5.32 14.40
C ILE E 309 15.67 6.79 13.95
N ALA E 310 14.93 7.05 12.88
CA ALA E 310 14.61 8.40 12.39
C ALA E 310 13.21 8.82 12.85
N ILE E 311 13.11 9.99 13.47
CA ILE E 311 11.82 10.59 13.80
C ILE E 311 11.64 11.85 12.95
N ALA E 312 10.58 11.87 12.15
CA ALA E 312 10.41 12.90 11.13
C ALA E 312 8.95 13.18 10.84
N ALA E 313 8.66 14.41 10.41
CA ALA E 313 7.32 14.78 10.00
C ALA E 313 7.02 14.25 8.61
N GLU E 314 8.03 14.22 7.75
CA GLU E 314 7.85 13.79 6.35
C GLU E 314 8.57 12.47 6.15
N SER E 315 7.88 11.48 5.62
CA SER E 315 8.59 10.29 5.23
C SER E 315 9.43 10.63 3.97
N SER E 316 10.49 9.88 3.80
CA SER E 316 11.34 9.95 2.61
C SER E 316 11.92 8.56 2.54
N ASP E 317 12.54 8.22 1.41
CA ASP E 317 13.09 6.89 1.21
C ASP E 317 14.08 6.52 2.32
N ILE E 318 14.99 7.45 2.63
CA ILE E 318 16.01 7.18 3.65
C ILE E 318 15.39 7.00 5.05
N VAL E 319 14.40 7.83 5.37
CA VAL E 319 13.69 7.72 6.66
C VAL E 319 12.96 6.37 6.74
N ALA E 320 12.24 6.03 5.68
CA ALA E 320 11.33 4.88 5.65
C ALA E 320 12.06 3.54 5.50
N ALA E 321 13.30 3.59 5.01
CA ALA E 321 14.08 2.38 4.71
C ALA E 321 14.29 1.46 5.91
N GLY E 322 14.40 2.04 7.09
CA GLY E 322 14.70 1.29 8.31
C GLY E 322 13.90 1.86 9.45
N PRO E 323 14.22 1.48 10.69
CA PRO E 323 13.36 1.94 11.79
C PRO E 323 13.07 3.44 11.82
N HIS E 324 11.80 3.76 11.98
CA HIS E 324 11.36 5.16 11.90
C HIS E 324 10.00 5.39 12.56
N ILE E 325 9.79 6.63 12.97
CA ILE E 325 8.51 7.10 13.46
C ILE E 325 8.19 8.36 12.67
N ILE E 326 7.02 8.36 12.03
CA ILE E 326 6.49 9.53 11.36
C ILE E 326 5.51 10.23 12.31
N LEU E 327 5.77 11.52 12.54
CA LEU E 327 4.93 12.31 13.45
C LEU E 327 3.50 12.33 12.93
N PRO E 328 2.52 12.44 13.83
CA PRO E 328 1.12 12.56 13.39
C PRO E 328 0.95 13.73 12.44
N PRO E 329 0.02 13.63 11.47
CA PRO E 329 -0.22 14.72 10.53
C PRO E 329 -0.54 16.05 11.19
N SER E 330 0.09 17.11 10.71
CA SER E 330 -0.20 18.45 11.20
C SER E 330 0.19 19.46 10.17
N ARG E 331 -0.05 20.73 10.46
CA ARG E 331 0.55 21.81 9.69
C ARG E 331 2.08 21.74 9.82
N HIS E 332 2.76 22.49 8.97
CA HIS E 332 4.20 22.61 9.12
C HIS E 332 4.50 23.21 10.50
N PHE E 333 5.44 22.59 11.21
CA PHE E 333 5.98 23.07 12.50
C PHE E 333 7.41 23.57 12.26
N ILE E 334 7.78 24.65 12.94
CA ILE E 334 9.18 25.08 12.97
C ILE E 334 9.92 24.22 14.01
N ASP E 335 11.24 24.28 14.03
CA ASP E 335 12.01 23.34 14.86
C ASP E 335 11.77 23.53 16.36
N VAL E 336 11.53 24.75 16.82
CA VAL E 336 11.23 24.94 18.24
C VAL E 336 9.85 24.34 18.61
N GLU E 337 8.94 24.25 17.66
CA GLU E 337 7.66 23.55 17.87
C GLU E 337 7.88 22.05 17.83
N GLN E 338 8.64 21.58 16.85
CA GLN E 338 8.98 20.14 16.79
C GLN E 338 9.65 19.58 18.05
N ALA E 339 10.45 20.41 18.72
CA ALA E 339 11.12 20.01 19.93
C ALA E 339 10.16 19.33 20.92
N PHE E 340 8.95 19.86 21.05
CA PHE E 340 7.92 19.31 21.92
C PHE E 340 7.52 17.88 21.51
N CYS E 341 7.37 17.66 20.21
CA CYS E 341 7.02 16.33 19.68
C CYS E 341 8.11 15.31 19.98
N PHE E 342 9.35 15.65 19.65
CA PHE E 342 10.50 14.77 19.91
C PHE E 342 10.60 14.40 21.39
N LEU E 343 10.42 15.38 22.26
CA LEU E 343 10.49 15.15 23.70
C LEU E 343 9.45 14.14 24.21
N TYR E 345 8.49 11.41 22.78
CA TYR E 345 9.09 10.10 22.56
C TYR E 345 10.22 9.84 23.53
N ALA E 346 11.10 10.82 23.71
CA ALA E 346 12.25 10.65 24.59
C ALA E 346 11.87 10.47 26.09
N GLN E 347 10.85 11.20 26.55
CA GLN E 347 10.42 11.10 27.94
C GLN E 347 9.81 9.71 28.23
N THR E 348 8.93 9.31 27.34
CA THR E 348 8.23 8.03 27.44
C THR E 348 9.21 6.85 27.31
N PHE E 349 10.14 6.92 26.35
CA PHE E 349 11.20 5.93 26.24
C PHE E 349 11.96 5.78 27.56
N ALA E 350 12.45 6.88 28.12
CA ALA E 350 13.19 6.83 29.39
C ALA E 350 12.39 6.23 30.55
N LEU E 351 11.14 6.65 30.67
CA LEU E 351 10.24 6.09 31.67
C LEU E 351 10.18 4.56 31.55
N GLN E 353 12.09 2.39 29.90
CA GLN E 353 13.37 1.74 30.17
C GLN E 353 13.61 1.58 31.66
N SER E 354 13.30 2.63 32.41
CA SER E 354 13.47 2.65 33.87
C SER E 354 12.65 1.55 34.54
N LEU E 355 11.38 1.50 34.17
CA LEU E 355 10.48 0.46 34.66
C LEU E 355 10.89 -0.95 34.20
N HIS E 356 11.28 -1.11 32.93
CA HIS E 356 11.64 -2.43 32.40
C HIS E 356 12.80 -3.07 33.15
N GLY E 358 13.38 -2.52 36.30
CA GLY E 358 12.98 -2.68 37.69
C GLY E 358 13.33 -1.52 38.57
N ASN E 359 13.61 -0.38 37.95
CA ASN E 359 13.87 0.84 38.70
C ASN E 359 12.55 1.51 39.14
N THR E 360 12.65 2.44 40.09
CA THR E 360 11.53 3.29 40.47
C THR E 360 11.72 4.71 39.88
N PRO E 361 11.12 4.98 38.70
CA PRO E 361 11.46 6.20 37.96
C PRO E 361 11.25 7.51 38.71
N ASP E 362 10.29 7.56 39.64
CA ASP E 362 10.01 8.79 40.38
C ASP E 362 11.16 9.17 41.32
N THR E 363 11.90 8.14 41.76
CA THR E 363 13.13 8.22 42.57
C THR E 363 14.10 7.12 42.02
N PRO E 364 14.74 7.44 40.90
CA PRO E 364 15.42 6.40 40.12
C PRO E 364 16.76 5.96 40.68
N GLY E 376 24.95 18.22 48.38
CA GLY E 376 24.62 19.12 47.26
C GLY E 376 25.45 20.39 47.20
N VAL E 377 25.00 21.34 46.38
CA VAL E 377 25.78 22.55 46.14
C VAL E 377 25.77 23.46 47.37
N ILE E 378 26.92 24.03 47.68
CA ILE E 378 27.04 25.10 48.65
C ILE E 378 27.32 26.39 47.89
N ILE E 379 26.55 27.43 48.16
CA ILE E 379 26.77 28.72 47.53
C ILE E 379 27.77 29.48 48.37
N HIS E 380 28.77 30.05 47.70
CA HIS E 380 29.80 30.86 48.33
C HIS E 380 29.61 32.30 47.88
N PRO E 381 29.74 33.27 48.82
CA PRO E 381 29.59 34.66 48.45
C PRO E 381 30.71 35.15 47.55
N TRP E 382 30.37 36.00 46.60
CA TRP E 382 31.35 36.65 45.75
C TRP E 382 32.21 37.58 46.63
N GLN E 383 31.52 38.31 47.49
CA GLN E 383 32.02 38.87 48.74
C GLN E 383 31.59 40.11 49.41
N TYR F 5 62.89 23.97 24.76
CA TYR F 5 61.69 23.11 24.59
C TYR F 5 61.95 21.90 23.66
N THR F 6 63.19 21.40 23.65
CA THR F 6 63.47 20.28 22.76
C THR F 6 62.72 19.05 23.26
N PRO F 7 61.96 18.40 22.37
CA PRO F 7 61.26 17.21 22.85
C PRO F 7 62.18 16.03 23.11
N ALA F 8 61.75 15.17 24.02
CA ALA F 8 62.31 13.81 24.16
C ALA F 8 61.96 12.95 22.96
N ALA F 9 62.69 11.87 22.81
CA ALA F 9 62.39 10.88 21.77
C ALA F 9 60.96 10.38 21.91
N ALA F 10 60.30 10.16 20.78
CA ALA F 10 58.95 9.58 20.76
C ALA F 10 59.02 8.05 20.67
N ALA F 11 59.25 7.40 21.81
CA ALA F 11 59.47 5.95 21.85
C ALA F 11 58.31 5.09 21.37
N THR F 12 57.07 5.59 21.37
CA THR F 12 55.94 4.82 20.85
C THR F 12 56.01 4.73 19.34
N GLY F 13 56.84 5.58 18.73
CA GLY F 13 56.96 5.66 17.28
C GLY F 13 55.73 6.21 16.57
N THR F 14 54.89 6.99 17.28
CA THR F 14 53.67 7.51 16.68
C THR F 14 53.81 9.00 16.37
N TRP F 15 53.08 9.45 15.34
CA TRP F 15 53.01 10.87 15.05
C TRP F 15 52.34 11.60 16.23
N THR F 16 51.37 10.94 16.85
CA THR F 16 50.60 11.57 17.93
C THR F 16 51.53 11.92 19.09
N GLU F 17 52.45 11.03 19.46
CA GLU F 17 53.39 11.35 20.54
C GLU F 17 54.32 12.51 20.20
N GLU F 18 54.86 12.44 18.98
CA GLU F 18 55.73 13.48 18.44
C GLU F 18 55.04 14.84 18.50
N GLU F 19 53.76 14.83 18.16
CA GLU F 19 52.97 16.03 18.07
C GLU F 19 52.59 16.58 19.46
N ILE F 20 52.34 15.70 20.41
CA ILE F 20 52.17 16.10 21.82
C ILE F 20 53.44 16.74 22.35
N ARG F 21 54.57 16.09 22.11
CA ARG F 21 55.83 16.54 22.67
C ARG F 21 56.39 17.83 22.09
N HIS F 22 56.08 18.14 20.83
CA HIS F 22 56.59 19.39 20.25
C HIS F 22 55.72 20.63 20.54
N GLN F 23 54.71 20.45 21.38
CA GLN F 23 53.76 21.54 21.68
C GLN F 23 54.40 22.78 22.30
N PRO F 24 55.10 22.66 23.46
CA PRO F 24 55.71 23.88 24.04
C PRO F 24 56.55 24.67 23.08
N ARG F 25 57.42 24.00 22.33
CA ARG F 25 58.22 24.65 21.29
C ARG F 25 57.37 25.34 20.20
N ALA F 26 56.32 24.66 19.75
CA ALA F 26 55.43 25.18 18.71
C ALA F 26 54.72 26.44 19.19
N TRP F 27 54.27 26.44 20.44
CA TRP F 27 53.60 27.62 21.00
C TRP F 27 54.43 28.87 20.95
N ILE F 28 55.68 28.78 21.36
CA ILE F 28 56.56 29.95 21.39
C ILE F 28 56.95 30.35 19.98
N ARG F 29 57.13 29.37 19.08
CA ARG F 29 57.31 29.68 17.65
C ARG F 29 56.13 30.47 17.10
N SER F 30 54.91 30.04 17.41
CA SER F 30 53.76 30.77 16.93
C SER F 30 53.68 32.19 17.48
N LEU F 31 53.89 32.34 18.77
CA LEU F 31 53.78 33.66 19.37
C LEU F 31 54.89 34.63 18.93
N THR F 32 56.10 34.10 18.72
CA THR F 32 57.19 34.95 18.19
C THR F 32 56.87 35.34 16.74
N ASN F 33 56.19 34.48 16.00
CA ASN F 33 55.75 34.82 14.63
C ASN F 33 54.70 35.96 14.65
N ILE F 34 53.79 35.86 15.62
CA ILE F 34 52.77 36.90 15.82
C ILE F 34 53.48 38.23 16.15
N ASP F 35 54.54 38.19 16.96
CA ASP F 35 55.33 39.41 17.21
C ASP F 35 55.80 40.04 15.90
N ALA F 36 56.30 39.21 14.99
CA ALA F 36 56.73 39.69 13.66
C ALA F 36 55.59 40.28 12.86
N LEU F 37 54.39 39.71 13.01
CA LEU F 37 53.20 40.12 12.26
C LEU F 37 52.36 41.19 12.95
N ARG F 38 52.79 41.68 14.11
CA ARG F 38 51.92 42.44 14.97
C ARG F 38 51.41 43.73 14.35
N SER F 39 52.26 44.43 13.61
CA SER F 39 51.83 45.66 12.96
C SER F 39 50.79 45.40 11.87
N ALA F 40 51.02 44.37 11.06
CA ALA F 40 50.06 43.95 10.02
C ALA F 40 48.74 43.51 10.68
N LEU F 41 48.84 42.70 11.74
CA LEU F 41 47.66 42.25 12.49
C LEU F 41 46.90 43.45 13.05
N ASN F 42 47.62 44.39 13.66
CA ASN F 42 46.99 45.56 14.28
C ASN F 42 46.33 46.44 13.23
N ASN F 43 46.97 46.58 12.08
CA ASN F 43 46.42 47.40 11.01
C ASN F 43 45.13 46.82 10.46
N PHE F 44 45.03 45.50 10.43
CA PHE F 44 43.80 44.83 10.03
C PHE F 44 42.71 44.92 11.13
N LEU F 45 43.08 44.62 12.36
CA LEU F 45 42.09 44.42 13.41
C LEU F 45 41.64 45.71 14.09
N GLU F 46 42.53 46.67 14.23
CA GLU F 46 42.21 47.81 15.08
C GLU F 46 40.99 48.60 14.55
N PRO F 47 40.90 48.81 13.22
CA PRO F 47 39.70 49.46 12.67
C PRO F 47 38.41 48.66 12.88
N LEU F 48 38.52 47.34 12.96
CA LEU F 48 37.35 46.48 13.17
C LEU F 48 36.95 46.58 14.63
N LEU F 49 37.92 46.51 15.54
CA LEU F 49 37.61 46.49 16.95
C LEU F 49 37.12 47.86 17.46
N ARG F 50 37.29 48.91 16.65
CA ARG F 50 36.67 50.22 16.93
C ARG F 50 35.16 50.21 16.75
N LYS F 51 34.64 49.28 15.97
CA LYS F 51 33.21 49.18 15.70
C LYS F 51 32.47 48.64 16.92
N GLU F 52 31.72 49.51 17.59
CA GLU F 52 31.05 49.09 18.83
C GLU F 52 30.05 47.95 18.63
N ASN F 53 29.46 47.84 17.43
CA ASN F 53 28.47 46.78 17.16
C ASN F 53 29.05 45.51 16.54
N LEU F 54 30.36 45.46 16.42
CA LEU F 54 31.06 44.29 15.89
C LEU F 54 30.72 43.05 16.70
N ARG F 55 30.35 41.99 16.00
CA ARG F 55 30.29 40.62 16.56
C ARG F 55 31.54 39.85 16.10
N ILE F 56 32.11 39.11 17.02
CA ILE F 56 33.25 38.26 16.73
C ILE F 56 32.85 36.83 17.06
N ILE F 57 32.92 35.96 16.07
CA ILE F 57 32.52 34.57 16.25
C ILE F 57 33.73 33.68 16.02
N LEU F 58 34.04 32.86 17.03
CA LEU F 58 35.08 31.85 16.91
C LEU F 58 34.40 30.58 16.43
N THR F 59 34.88 30.05 15.32
CA THR F 59 34.29 28.87 14.69
C THR F 59 35.29 27.77 14.28
N GLY F 60 34.91 26.54 14.60
CA GLY F 60 35.66 25.33 14.24
C GLY F 60 34.73 24.15 14.26
N ALA F 61 35.19 23.04 13.71
CA ALA F 61 34.47 21.76 13.78
C ALA F 61 35.21 20.78 14.69
N GLY F 62 34.46 19.93 15.40
CA GLY F 62 35.06 18.96 16.31
C GLY F 62 35.98 19.63 17.33
N THR F 63 37.19 19.10 17.46
CA THR F 63 38.20 19.65 18.36
C THR F 63 38.37 21.14 18.22
N SER F 64 38.39 21.64 16.98
CA SER F 64 38.55 23.07 16.70
C SER F 64 37.41 23.90 17.27
N ALA F 65 36.21 23.33 17.39
CA ALA F 65 35.08 24.02 18.04
C ALA F 65 35.36 24.29 19.52
N PHE F 66 36.19 23.47 20.15
CA PHE F 66 36.32 23.54 21.59
C PHE F 66 37.25 24.67 21.97
N ILE F 67 38.03 25.19 21.01
CA ILE F 67 38.84 26.38 21.25
C ILE F 67 37.95 27.55 21.73
N GLY F 68 36.94 27.90 20.96
CA GLY F 68 35.99 28.95 21.34
C GLY F 68 35.26 28.66 22.64
N ASP F 69 34.97 27.38 22.88
CA ASP F 69 34.31 26.98 24.12
C ASP F 69 35.18 27.28 25.34
N ILE F 70 36.49 27.16 25.17
CA ILE F 70 37.42 27.45 26.25
C ILE F 70 37.66 28.95 26.43
N ILE F 71 37.87 29.68 25.34
CA ILE F 71 38.38 31.08 25.45
C ILE F 71 37.42 32.22 25.12
N ALA F 72 36.29 31.95 24.46
CA ALA F 72 35.42 33.05 24.03
C ALA F 72 34.86 33.88 25.22
N PRO F 73 34.34 33.20 26.25
CA PRO F 73 33.86 33.96 27.41
C PRO F 73 34.95 34.81 28.03
N TRP F 74 36.13 34.21 28.25
CA TRP F 74 37.23 34.97 28.80
C TRP F 74 37.60 36.16 27.92
N LEU F 75 37.67 35.96 26.61
CA LEU F 75 37.96 37.08 25.69
C LEU F 75 36.89 38.19 25.72
N ALA F 76 35.62 37.79 25.78
CA ALA F 76 34.53 38.75 25.85
C ALA F 76 34.69 39.60 27.11
N SER F 77 34.89 38.92 28.24
CA SER F 77 35.03 39.56 29.52
C SER F 77 36.23 40.47 29.60
N HIS F 78 37.38 39.95 29.20
CA HIS F 78 38.65 40.64 29.24
C HIS F 78 38.70 41.88 28.38
N THR F 79 38.18 41.77 27.15
CA THR F 79 38.23 42.87 26.18
C THR F 79 37.03 43.80 26.22
N GLY F 80 35.92 43.32 26.78
CA GLY F 80 34.66 44.05 26.69
C GLY F 80 34.01 44.00 25.31
N LYS F 81 34.46 43.12 24.42
CA LYS F 81 33.92 43.02 23.07
C LYS F 81 33.02 41.78 22.97
N ASN F 82 32.28 41.72 21.86
CA ASN F 82 31.25 40.71 21.61
C ASN F 82 31.84 39.44 20.98
N PHE F 83 32.61 38.69 21.77
CA PHE F 83 33.16 37.43 21.37
C PHE F 83 32.18 36.32 21.74
N SER F 84 31.96 35.42 20.80
CA SER F 84 31.21 34.19 21.07
C SER F 84 31.78 33.04 20.24
N ALA F 85 31.34 31.83 20.57
CA ALA F 85 31.77 30.60 19.88
C ALA F 85 30.54 29.91 19.25
N VAL F 86 30.62 29.63 17.95
CA VAL F 86 29.61 28.84 17.28
C VAL F 86 30.34 27.83 16.41
N PRO F 87 30.11 26.51 16.63
CA PRO F 87 30.79 25.49 15.79
C PRO F 87 30.43 25.65 14.31
N THR F 88 31.38 25.34 13.41
CA THR F 88 31.14 25.40 11.97
C THR F 88 29.98 24.49 11.56
N THR F 89 29.85 23.37 12.27
CA THR F 89 28.79 22.39 12.06
C THR F 89 27.40 23.03 12.30
N ASP F 90 27.26 23.94 13.27
CA ASP F 90 26.01 24.70 13.48
C ASP F 90 25.81 25.82 12.44
N LEU F 91 26.89 26.52 12.08
CA LEU F 91 26.79 27.57 11.08
C LEU F 91 26.36 27.00 9.75
N VAL F 92 26.84 25.82 9.37
CA VAL F 92 26.54 25.22 8.08
C VAL F 92 25.10 24.70 8.01
N THR F 93 24.57 24.14 9.10
CA THR F 93 23.23 23.60 9.06
C THR F 93 22.14 24.61 9.36
N ASN F 94 22.47 25.61 10.20
CA ASN F 94 21.51 26.60 10.69
C ASN F 94 22.05 28.03 10.61
N PRO F 95 22.53 28.47 9.44
CA PRO F 95 23.19 29.77 9.36
C PRO F 95 22.29 30.93 9.83
N ASP F 97 20.20 31.03 12.18
CA ASP F 97 20.10 31.14 13.64
C ASP F 97 21.27 31.85 14.31
N TYR F 98 22.37 32.03 13.58
CA TYR F 98 23.64 32.55 14.16
C TYR F 98 24.26 33.76 13.45
N LEU F 99 23.98 33.92 12.16
CA LEU F 99 24.63 34.97 11.38
C LEU F 99 23.68 36.17 11.27
N ASN F 100 24.12 37.31 11.80
CA ASN F 100 23.24 38.47 11.92
C ASN F 100 23.53 39.51 10.86
N PRO F 101 22.64 39.66 9.88
CA PRO F 101 22.93 40.66 8.82
C PRO F 101 22.97 42.13 9.28
N ALA F 102 22.44 42.43 10.46
CA ALA F 102 22.32 43.77 10.97
C ALA F 102 23.58 44.35 11.59
N HIS F 103 24.61 43.52 11.83
CA HIS F 103 25.85 43.98 12.45
C HIS F 103 27.07 43.55 11.64
N PRO F 104 28.20 44.26 11.79
CA PRO F 104 29.43 43.76 11.24
C PRO F 104 29.83 42.45 11.93
N LEU F 105 30.50 41.59 11.21
CA LEU F 105 31.00 40.32 11.73
C LEU F 105 32.49 40.16 11.43
N LEU F 106 33.23 39.75 12.44
CA LEU F 106 34.57 39.18 12.30
C LEU F 106 34.50 37.70 12.67
N LEU F 107 34.78 36.87 11.66
CA LEU F 107 34.74 35.42 11.80
C LEU F 107 36.16 34.88 11.95
N ILE F 108 36.45 34.32 13.11
CA ILE F 108 37.69 33.63 13.36
C ILE F 108 37.52 32.14 13.11
N SER F 109 38.11 31.68 12.01
CA SER F 109 37.94 30.31 11.53
C SER F 109 39.18 29.47 11.84
N PHE F 110 38.96 28.43 12.67
CA PHE F 110 40.00 27.46 13.01
C PHE F 110 39.93 26.26 12.09
N GLY F 111 41.08 25.83 11.59
CA GLY F 111 41.16 24.64 10.79
C GLY F 111 42.57 24.15 10.59
N ARG F 112 42.83 22.90 10.95
CA ARG F 112 44.13 22.33 10.73
C ARG F 112 44.45 22.30 9.21
N SER F 113 43.64 21.60 8.42
CA SER F 113 43.88 21.50 6.98
C SER F 113 43.43 22.74 6.23
N GLY F 114 42.45 23.47 6.80
CA GLY F 114 41.82 24.57 6.10
C GLY F 114 40.99 24.20 4.88
N ASN F 115 40.77 22.89 4.71
CA ASN F 115 40.04 22.35 3.57
C ASN F 115 38.80 21.59 3.99
N SER F 116 38.48 21.55 5.29
CA SER F 116 37.23 20.93 5.72
C SER F 116 36.07 21.59 4.97
N PRO F 117 35.16 20.77 4.38
CA PRO F 117 34.02 21.34 3.66
C PRO F 117 33.24 22.32 4.53
N GLU F 118 33.04 21.97 5.79
CA GLU F 118 32.29 22.87 6.67
C GLU F 118 33.03 24.17 6.95
N SER F 119 34.37 24.15 7.00
CA SER F 119 35.15 25.39 7.20
C SER F 119 34.92 26.36 6.06
N VAL F 120 35.05 25.86 4.84
CA VAL F 120 34.87 26.69 3.65
C VAL F 120 33.43 27.15 3.52
N ALA F 121 32.50 26.23 3.75
CA ALA F 121 31.06 26.56 3.70
C ALA F 121 30.67 27.63 4.73
N ALA F 122 31.24 27.56 5.93
CA ALA F 122 30.94 28.56 6.98
C ALA F 122 31.40 29.98 6.54
N VAL F 123 32.58 30.07 5.94
CA VAL F 123 33.09 31.34 5.44
C VAL F 123 32.17 31.91 4.36
N GLU F 124 31.76 31.06 3.44
CA GLU F 124 30.87 31.46 2.34
C GLU F 124 29.51 31.91 2.86
N LEU F 125 28.95 31.17 3.80
CA LEU F 125 27.66 31.54 4.39
C LEU F 125 27.75 32.88 5.16
N ALA F 126 28.82 33.09 5.91
CA ALA F 126 29.04 34.37 6.60
C ALA F 126 29.04 35.54 5.58
N ASN F 127 29.78 35.37 4.50
CA ASN F 127 29.84 36.37 3.44
C ASN F 127 28.49 36.61 2.80
N GLN F 128 27.74 35.54 2.57
CA GLN F 128 26.39 35.62 1.99
C GLN F 128 25.39 36.31 2.90
N PHE F 129 25.42 35.96 4.19
CA PHE F 129 24.47 36.47 5.16
C PHE F 129 24.78 37.87 5.67
N VAL F 130 26.07 38.17 5.84
CA VAL F 130 26.49 39.37 6.58
C VAL F 130 27.17 40.37 5.66
N PRO F 131 26.46 41.47 5.35
CA PRO F 131 27.02 42.43 4.39
C PRO F 131 28.40 42.96 4.71
N GLU F 132 28.64 43.29 5.98
CA GLU F 132 29.96 43.77 6.43
C GLU F 132 30.66 42.66 7.24
N CYS F 133 31.41 41.84 6.53
CA CYS F 133 31.96 40.60 7.05
C CYS F 133 33.45 40.57 6.81
N TYR F 134 34.20 40.19 7.84
CA TYR F 134 35.65 40.12 7.84
C TYR F 134 36.07 38.75 8.37
N HIS F 135 37.27 38.34 8.03
CA HIS F 135 37.75 37.01 8.36
C HIS F 135 39.17 37.06 8.90
N LEU F 136 39.41 36.25 9.93
CA LEU F 136 40.75 35.96 10.45
C LEU F 136 40.85 34.45 10.62
N PRO F 137 41.13 33.72 9.53
CA PRO F 137 41.42 32.31 9.68
C PRO F 137 42.72 32.07 10.45
N ILE F 138 42.70 31.09 11.35
CA ILE F 138 43.88 30.63 12.07
C ILE F 138 44.03 29.14 11.73
N THR F 139 45.10 28.82 10.98
CA THR F 139 45.15 27.59 10.22
C THR F 139 46.59 27.06 10.10
N CYS F 140 46.70 25.75 9.93
CA CYS F 140 47.99 25.04 9.94
C CYS F 140 48.48 24.63 8.54
N ASN F 141 47.75 25.02 7.49
CA ASN F 141 48.08 24.63 6.11
C ASN F 141 48.09 25.83 5.16
N GLU F 142 49.28 26.15 4.68
CA GLU F 142 49.47 27.31 3.81
C GLU F 142 48.72 27.18 2.47
N ALA F 143 48.48 25.96 2.04
CA ALA F 143 47.83 25.75 0.74
C ALA F 143 46.34 25.45 0.88
N GLY F 144 45.82 25.53 2.11
CA GLY F 144 44.40 25.25 2.38
C GLY F 144 43.54 26.39 1.93
N ALA F 145 42.25 26.08 1.69
CA ALA F 145 41.28 27.09 1.26
C ALA F 145 41.20 28.23 2.24
N LEU F 146 41.15 27.90 3.53
CA LEU F 146 40.97 28.93 4.54
C LEU F 146 42.06 29.97 4.35
N TYR F 147 43.32 29.52 4.27
CA TYR F 147 44.46 30.43 4.11
C TYR F 147 44.42 31.18 2.77
N GLN F 148 44.21 30.44 1.70
CA GLN F 148 44.33 31.01 0.36
C GLN F 148 43.20 31.98 0.01
N ASN F 149 41.99 31.68 0.47
CA ASN F 149 40.85 32.54 0.19
C ASN F 149 41.02 33.85 0.93
N ALA F 150 41.63 33.77 2.12
CA ALA F 150 41.81 34.94 2.98
C ALA F 150 42.87 35.88 2.43
N ILE F 151 44.01 35.33 2.02
CA ILE F 151 45.09 36.17 1.50
C ILE F 151 44.63 36.85 0.19
N ASN F 152 43.76 36.17 -0.55
CA ASN F 152 43.13 36.68 -1.78
C ASN F 152 42.03 37.73 -1.60
N SER F 153 41.52 37.90 -0.38
CA SER F 153 40.40 38.79 -0.11
C SER F 153 40.80 40.00 0.67
N ASP F 154 40.21 41.13 0.34
CA ASP F 154 40.53 42.37 1.03
C ASP F 154 39.90 42.42 2.44
N ASN F 155 38.86 41.62 2.67
CA ASN F 155 38.18 41.57 3.99
C ASN F 155 38.77 40.54 4.97
N ALA F 156 39.96 40.05 4.68
CA ALA F 156 40.51 38.90 5.42
C ALA F 156 41.99 39.07 5.73
N PHE F 157 42.42 38.50 6.85
CA PHE F 157 43.83 38.38 7.21
C PHE F 157 44.01 36.98 7.77
N ALA F 158 44.86 36.16 7.18
CA ALA F 158 45.04 34.81 7.67
C ALA F 158 46.34 34.67 8.45
N LEU F 159 46.27 33.84 9.48
CA LEU F 159 47.42 33.57 10.32
C LEU F 159 47.78 32.09 10.23
N LEU F 160 49.03 31.82 9.86
CA LEU F 160 49.50 30.50 9.58
C LEU F 160 50.23 29.98 10.80
N PRO F 162 52.80 27.28 12.96
CA PRO F 162 54.07 26.61 12.61
C PRO F 162 53.84 25.27 11.90
N ALA F 163 54.70 24.99 10.93
CA ALA F 163 54.55 23.86 10.03
C ALA F 163 54.38 22.53 10.74
N GLU F 164 55.06 22.36 11.86
CA GLU F 164 54.97 21.12 12.60
C GLU F 164 53.59 20.94 13.22
N THR F 165 52.78 21.98 13.26
CA THR F 165 51.46 21.81 13.89
C THR F 165 50.38 21.32 12.92
N HIS F 166 50.74 21.05 11.66
CA HIS F 166 49.83 20.38 10.73
C HIS F 166 49.84 18.91 11.09
N ASP F 167 49.13 18.58 12.19
CA ASP F 167 49.18 17.26 12.80
C ASP F 167 48.86 16.14 11.79
N ARG F 168 49.74 15.14 11.74
CA ARG F 168 49.56 13.96 10.90
C ARG F 168 48.68 12.95 11.61
N GLY F 169 48.80 12.89 12.93
CA GLY F 169 47.90 12.03 13.71
C GLY F 169 46.44 12.41 13.46
N PHE F 170 45.56 11.40 13.43
CA PHE F 170 44.11 11.58 13.37
C PHE F 170 43.59 12.60 14.41
N ALA F 171 44.00 12.37 15.65
CA ALA F 171 43.57 13.18 16.77
C ALA F 171 44.44 14.46 16.82
N THR F 173 46.36 17.54 18.29
CA THR F 173 47.02 17.88 19.53
C THR F 173 47.71 19.23 19.38
N SER F 174 48.89 19.26 18.75
CA SER F 174 49.62 20.52 18.63
C SER F 174 48.86 21.56 17.75
N SER F 175 48.02 21.11 16.83
CA SER F 175 47.19 22.05 16.05
C SER F 175 46.22 22.83 16.96
N ILE F 176 45.44 22.14 17.80
CA ILE F 176 44.48 22.84 18.66
C ILE F 176 45.16 23.78 19.66
N THR F 177 46.18 23.31 20.36
CA THR F 177 46.80 24.12 21.39
C THR F 177 47.48 25.34 20.77
N THR F 178 48.11 25.15 19.63
CA THR F 178 48.87 26.22 19.05
C THR F 178 47.89 27.24 18.50
N ALA F 181 46.48 29.23 21.67
CA ALA F 181 47.49 30.16 22.18
C ALA F 181 47.60 31.39 21.26
N SER F 182 47.58 31.13 19.95
CA SER F 182 47.68 32.14 18.93
C SER F 182 46.47 33.09 18.97
N CYS F 183 45.26 32.56 19.05
CA CYS F 183 44.05 33.40 19.16
C CYS F 183 44.09 34.27 20.43
N LEU F 184 44.47 33.66 21.56
CA LEU F 184 44.64 34.41 22.80
C LEU F 184 45.64 35.57 22.61
N ALA F 185 46.78 35.28 21.97
CA ALA F 185 47.86 36.26 21.80
C ALA F 185 47.46 37.39 20.85
N VAL F 186 46.60 37.07 19.87
CA VAL F 186 46.13 38.07 18.91
C VAL F 186 45.26 39.11 19.59
N PHE F 187 44.35 38.65 20.45
CA PHE F 187 43.35 39.54 21.03
C PHE F 187 43.63 40.02 22.45
N ALA F 188 44.53 39.37 23.18
CA ALA F 188 44.94 39.81 24.53
C ALA F 188 46.46 39.80 24.70
N PRO F 189 47.18 40.52 23.80
CA PRO F 189 48.65 40.52 23.82
C PRO F 189 49.26 41.09 25.08
N GLU F 190 48.52 41.92 25.78
CA GLU F 190 48.96 42.45 27.07
C GLU F 190 49.03 41.38 28.16
N THR F 191 48.32 40.28 27.97
CA THR F 191 48.23 39.21 28.95
C THR F 191 48.92 37.92 28.47
N ILE F 192 48.61 37.56 27.23
CA ILE F 192 49.13 36.36 26.61
C ILE F 192 50.04 36.78 25.46
N ASN F 193 51.34 36.63 25.66
CA ASN F 193 52.31 37.05 24.64
C ASN F 193 53.53 36.17 24.67
N SER F 194 54.49 36.43 23.79
CA SER F 194 55.66 35.55 23.62
C SER F 194 56.60 35.54 24.84
N GLN F 195 56.42 36.49 25.76
CA GLN F 195 57.08 36.45 27.04
C GLN F 195 56.31 35.71 28.13
N THR F 196 55.10 36.17 28.44
CA THR F 196 54.30 35.53 29.52
C THR F 196 53.96 34.05 29.24
N PHE F 197 53.75 33.72 27.98
CA PHE F 197 53.40 32.35 27.62
C PHE F 197 54.59 31.38 27.74
N ARG F 198 55.81 31.92 27.83
CA ARG F 198 56.96 31.07 28.09
C ARG F 198 56.77 30.31 29.40
N ASP F 199 56.11 30.93 30.36
CA ASP F 199 55.82 30.25 31.63
C ASP F 199 54.88 29.06 31.44
N VAL F 200 53.92 29.21 30.52
CA VAL F 200 52.98 28.10 30.22
C VAL F 200 53.75 26.99 29.48
N ALA F 201 54.49 27.38 28.45
CA ALA F 201 55.35 26.45 27.72
C ALA F 201 56.31 25.73 28.67
N ASP F 202 56.98 26.46 29.56
CA ASP F 202 57.88 25.85 30.55
C ASP F 202 57.16 24.82 31.46
N ARG F 203 55.98 25.17 31.93
CA ARG F 203 55.23 24.31 32.84
C ARG F 203 54.76 23.04 32.12
N CYS F 204 54.30 23.19 30.88
CA CYS F 204 53.84 22.04 30.09
C CYS F 204 55.01 21.12 29.70
N GLN F 205 56.16 21.69 29.35
CA GLN F 205 57.40 20.94 29.16
C GLN F 205 57.73 20.13 30.42
N ALA F 206 57.59 20.77 31.58
CA ALA F 206 57.81 20.11 32.90
C ALA F 206 56.83 18.98 33.15
N ILE F 207 55.57 19.17 32.74
CA ILE F 207 54.55 18.13 32.85
C ILE F 207 54.93 16.93 31.98
N LEU F 208 55.27 17.19 30.72
CA LEU F 208 55.64 16.10 29.84
C LEU F 208 56.86 15.34 30.34
N THR F 209 57.84 16.08 30.83
CA THR F 209 59.05 15.49 31.42
C THR F 209 58.71 14.64 32.65
N SER F 210 57.80 15.14 33.50
CA SER F 210 57.35 14.40 34.68
C SER F 210 56.67 13.08 34.32
N LEU F 211 56.16 12.96 33.09
CA LEU F 211 55.52 11.73 32.66
C LEU F 211 56.51 10.74 32.01
N GLY F 212 57.78 11.11 31.93
CA GLY F 212 58.81 10.21 31.40
C GLY F 212 58.50 9.77 29.98
N ASP F 213 58.64 8.47 29.71
CA ASP F 213 58.39 7.91 28.39
C ASP F 213 56.92 7.53 28.16
N PHE F 214 56.07 7.95 29.12
CA PHE F 214 54.62 7.79 29.08
C PHE F 214 54.15 6.37 29.40
N SER F 215 55.07 5.42 29.51
CA SER F 215 54.71 3.99 29.66
C SER F 215 53.79 3.70 30.85
N GLU F 216 53.82 4.54 31.89
CA GLU F 216 52.99 4.32 33.07
C GLU F 216 51.52 4.74 32.88
N GLY F 217 51.22 5.31 31.71
CA GLY F 217 49.83 5.59 31.28
C GLY F 217 49.11 6.79 31.92
N VAL F 218 49.85 7.61 32.66
CA VAL F 218 49.39 8.93 33.15
C VAL F 218 48.41 8.85 34.33
N PHE F 219 47.21 8.33 34.11
CA PHE F 219 46.27 8.11 35.21
C PHE F 219 46.33 6.66 35.65
N GLY F 220 46.99 5.82 34.86
CA GLY F 220 47.14 4.41 35.16
C GLY F 220 46.51 3.62 34.06
N TYR F 221 46.66 2.31 34.16
CA TYR F 221 45.83 1.38 33.45
C TYR F 221 44.95 0.77 34.53
N ALA F 222 43.71 0.56 34.20
CA ALA F 222 42.73 0.01 35.12
C ALA F 222 41.56 -0.26 34.22
N PRO F 223 40.74 -1.25 34.56
CA PRO F 223 39.68 -1.66 33.67
C PRO F 223 38.46 -0.71 33.67
N TRP F 224 38.70 0.59 33.58
CA TRP F 224 37.58 1.53 33.49
C TRP F 224 36.84 1.35 32.18
N LYS F 225 35.53 1.60 32.20
CA LYS F 225 34.70 1.54 31.00
C LYS F 225 34.09 2.91 30.63
N ARG F 226 34.13 3.83 31.59
CA ARG F 226 33.63 5.18 31.42
C ARG F 226 34.68 6.15 31.96
N ILE F 227 34.86 7.25 31.26
CA ILE F 227 35.66 8.35 31.76
C ILE F 227 34.85 9.63 31.70
N VAL F 228 34.84 10.38 32.79
CA VAL F 228 34.26 11.70 32.81
C VAL F 228 35.30 12.76 33.20
N TYR F 229 35.41 13.80 32.37
CA TYR F 229 36.21 14.97 32.68
C TYR F 229 35.30 16.12 33.12
N LEU F 230 35.71 16.81 34.18
CA LEU F 230 34.93 17.92 34.72
C LEU F 230 35.74 19.20 34.85
N GLY F 231 35.18 20.32 34.38
CA GLY F 231 35.83 21.61 34.52
C GLY F 231 34.81 22.73 34.50
N SER F 232 35.04 23.73 35.34
CA SER F 232 34.16 24.89 35.48
C SER F 232 34.41 25.91 34.38
N GLY F 233 33.35 26.64 34.02
CA GLY F 233 33.41 27.70 33.02
C GLY F 233 34.06 27.18 31.75
N GLY F 234 35.04 27.92 31.27
CA GLY F 234 35.79 27.54 30.06
C GLY F 234 36.51 26.21 30.11
N LEU F 235 36.88 25.78 31.31
CA LEU F 235 37.53 24.49 31.49
C LEU F 235 36.64 23.33 31.09
N GLN F 236 35.32 23.54 31.04
CA GLN F 236 34.41 22.53 30.51
C GLN F 236 34.76 22.23 29.06
N GLY F 237 35.21 23.26 28.34
CA GLY F 237 35.69 23.07 26.99
C GLY F 237 36.93 22.17 26.92
N ALA F 238 37.85 22.35 27.88
CA ALA F 238 39.01 21.47 28.03
C ALA F 238 38.60 20.03 28.37
N ALA F 239 37.65 19.88 29.31
CA ALA F 239 37.02 18.59 29.61
C ALA F 239 36.43 17.90 28.36
N ARG F 240 35.74 18.68 27.53
CA ARG F 240 35.11 18.17 26.32
C ARG F 240 36.13 17.69 25.30
N GLU F 241 37.20 18.48 25.11
CA GLU F 241 38.32 18.04 24.25
C GLU F 241 38.96 16.76 24.84
N SER F 242 39.13 16.71 26.15
CA SER F 242 39.78 15.58 26.82
C SER F 242 38.97 14.29 26.57
N ALA F 243 37.66 14.40 26.74
CA ALA F 243 36.72 13.31 26.50
C ALA F 243 36.76 12.83 25.04
N LEU F 244 36.76 13.76 24.11
CA LEU F 244 36.77 13.39 22.70
C LEU F 244 38.06 12.66 22.34
N LYS F 245 39.20 13.11 22.88
CA LYS F 245 40.50 12.43 22.63
C LYS F 245 40.43 10.96 23.03
N VAL F 246 39.90 10.65 24.21
CA VAL F 246 39.93 9.26 24.61
C VAL F 246 38.90 8.44 23.84
N LEU F 247 37.77 9.06 23.51
CA LEU F 247 36.80 8.45 22.62
C LEU F 247 37.41 8.08 21.24
N GLU F 248 38.03 9.05 20.59
CA GLU F 248 38.67 8.87 19.29
C GLU F 248 39.76 7.79 19.33
N LEU F 249 40.67 7.91 20.29
CA LEU F 249 41.90 7.09 20.23
C LEU F 249 41.65 5.66 20.71
N THR F 250 40.60 5.45 21.50
CA THR F 250 40.19 4.10 21.87
C THR F 250 39.11 3.54 20.93
N ALA F 251 38.85 4.23 19.81
CA ALA F 251 37.83 3.83 18.83
C ALA F 251 36.50 3.54 19.53
N GLY F 252 36.16 4.40 20.50
CA GLY F 252 34.93 4.31 21.24
C GLY F 252 34.85 3.24 22.32
N LYS F 253 35.93 2.52 22.59
CA LYS F 253 35.81 1.44 23.55
C LYS F 253 35.67 1.97 24.98
N LEU F 254 36.31 3.10 25.29
CA LEU F 254 36.11 3.76 26.56
C LEU F 254 35.07 4.85 26.26
N ALA F 255 33.89 4.73 26.87
CA ALA F 255 32.87 5.77 26.82
C ALA F 255 33.40 6.99 27.57
N ALA F 256 33.22 8.18 27.00
CA ALA F 256 33.73 9.42 27.59
C ALA F 256 32.67 10.52 27.64
N PHE F 257 32.67 11.26 28.75
CA PHE F 257 31.68 12.27 29.08
C PHE F 257 32.38 13.52 29.62
N TYR F 258 31.68 14.65 29.57
CA TYR F 258 32.23 15.90 30.09
C TYR F 258 31.09 16.67 30.74
N ASP F 259 31.44 17.54 31.66
CA ASP F 259 30.49 18.45 32.26
C ASP F 259 31.27 19.46 33.09
N SER F 260 30.54 20.40 33.69
CA SER F 260 31.10 21.23 34.74
C SER F 260 30.84 20.53 36.07
N PRO F 261 31.66 20.79 37.09
CA PRO F 261 31.35 20.21 38.41
C PRO F 261 29.93 20.48 38.93
N THR F 262 29.49 21.73 38.86
CA THR F 262 28.17 22.11 39.36
C THR F 262 27.02 21.59 38.44
N GLY F 263 27.22 21.59 37.12
CA GLY F 263 26.26 20.97 36.20
C GLY F 263 26.10 19.47 36.43
N PHE F 264 27.19 18.82 36.79
CA PHE F 264 27.22 17.36 36.98
C PHE F 264 26.23 16.85 38.04
N ARG F 265 25.98 17.65 39.06
CA ARG F 265 25.03 17.26 40.12
C ARG F 265 23.60 17.13 39.65
N HIS F 266 23.24 17.84 38.57
CA HIS F 266 21.86 17.95 38.14
C HIS F 266 21.43 16.83 37.19
N GLY F 267 21.79 15.59 37.53
CA GLY F 267 21.41 14.42 36.74
C GLY F 267 22.57 13.63 36.19
N PRO F 268 23.54 14.29 35.53
CA PRO F 268 24.62 13.55 34.91
C PRO F 268 25.46 12.65 35.82
N LYS F 269 25.47 12.96 37.10
CA LYS F 269 26.27 12.20 38.08
C LYS F 269 25.82 10.75 38.16
N SER F 270 24.60 10.47 37.70
CA SER F 270 24.06 9.14 37.61
C SER F 270 24.92 8.20 36.75
N LEU F 271 25.72 8.76 35.84
CA LEU F 271 26.61 7.92 35.03
C LEU F 271 27.72 7.28 35.82
N VAL F 272 28.06 7.84 36.98
CA VAL F 272 29.20 7.34 37.73
C VAL F 272 28.87 5.95 38.26
N ASP F 273 29.71 4.98 37.91
CA ASP F 273 29.58 3.63 38.43
C ASP F 273 30.98 3.13 38.81
N ASP F 274 31.07 1.88 39.28
CA ASP F 274 32.34 1.38 39.79
C ASP F 274 33.34 1.00 38.68
N GLU F 275 33.02 1.32 37.43
CA GLU F 275 33.98 1.19 36.35
C GLU F 275 34.23 2.56 35.72
N THR F 276 33.90 3.63 36.44
CA THR F 276 34.11 5.00 35.95
C THR F 276 35.33 5.67 36.59
N LEU F 277 36.16 6.26 35.73
CA LEU F 277 37.16 7.23 36.11
C LEU F 277 36.61 8.65 35.97
N VAL F 278 36.72 9.43 37.05
CA VAL F 278 36.41 10.85 37.03
C VAL F 278 37.70 11.65 37.23
N VAL F 279 37.92 12.63 36.34
CA VAL F 279 39.05 13.52 36.45
C VAL F 279 38.52 14.94 36.55
N VAL F 280 38.94 15.66 37.58
CA VAL F 280 38.49 17.02 37.84
C VAL F 280 39.66 17.99 37.62
N PHE F 281 39.43 18.93 36.67
CA PHE F 281 40.34 20.02 36.38
C PHE F 281 40.00 21.16 37.32
N VAL F 282 40.79 21.33 38.38
CA VAL F 282 40.47 22.29 39.44
C VAL F 282 40.86 23.71 39.03
N SER F 283 39.91 24.64 39.10
CA SER F 283 40.17 26.02 38.76
C SER F 283 41.26 26.66 39.66
N SER F 284 42.03 27.57 39.05
CA SER F 284 43.00 28.40 39.78
C SER F 284 42.39 29.67 40.39
N HIS F 285 41.13 29.96 40.03
CA HIS F 285 40.40 31.13 40.51
C HIS F 285 39.77 30.76 41.85
N PRO F 286 40.25 31.33 42.96
CA PRO F 286 39.77 30.82 44.25
C PRO F 286 38.27 30.76 44.42
N TYR F 287 37.54 31.75 43.93
CA TYR F 287 36.08 31.73 44.04
C TYR F 287 35.46 30.48 43.36
N THR F 288 35.83 30.25 42.11
CA THR F 288 35.44 29.09 41.32
C THR F 288 35.91 27.77 41.92
N ARG F 289 37.17 27.73 42.34
CA ARG F 289 37.80 26.55 42.92
C ARG F 289 37.00 25.98 44.08
N GLN F 290 36.35 26.85 44.87
CA GLN F 290 35.50 26.41 46.01
C GLN F 290 34.44 25.42 45.52
N TYR F 291 33.83 25.75 44.38
CA TYR F 291 32.78 24.93 43.83
C TYR F 291 33.34 23.60 43.32
N ASP F 292 34.51 23.66 42.68
CA ASP F 292 35.19 22.45 42.21
C ASP F 292 35.53 21.49 43.39
N LEU F 293 36.02 22.07 44.49
CA LEU F 293 36.42 21.29 45.67
C LEU F 293 35.25 20.69 46.38
N ASP F 294 34.15 21.45 46.46
CA ASP F 294 32.91 20.93 47.04
C ASP F 294 32.43 19.70 46.26
N LEU F 295 32.43 19.81 44.94
CA LEU F 295 32.03 18.69 44.13
C LEU F 295 32.99 17.50 44.28
N LEU F 296 34.29 17.78 44.27
CA LEU F 296 35.32 16.75 44.48
C LEU F 296 35.09 15.99 45.79
N ALA F 297 34.85 16.74 46.87
CA ALA F 297 34.55 16.18 48.21
C ALA F 297 33.32 15.27 48.16
N GLU F 298 32.27 15.72 47.48
CA GLU F 298 31.10 14.89 47.29
C GLU F 298 31.43 13.58 46.55
N LEU F 299 32.15 13.65 45.43
CA LEU F 299 32.52 12.44 44.69
C LEU F 299 33.42 11.48 45.50
N ARG F 300 34.35 12.04 46.25
CA ARG F 300 35.26 11.23 47.07
C ARG F 300 34.47 10.50 48.16
N ARG F 301 33.55 11.23 48.77
CA ARG F 301 32.74 10.69 49.85
C ARG F 301 31.74 9.65 49.35
N ASP F 302 31.14 9.90 48.19
CA ASP F 302 30.26 8.93 47.52
C ASP F 302 30.93 7.59 47.38
N ASN F 303 32.20 7.59 47.04
CA ASN F 303 32.93 6.34 46.85
C ASN F 303 32.26 5.37 45.85
N GLN F 304 31.68 5.93 44.80
CA GLN F 304 31.02 5.13 43.75
C GLN F 304 31.93 4.87 42.53
N ALA F 305 32.78 5.84 42.19
CA ALA F 305 33.63 5.71 41.03
C ALA F 305 34.72 4.66 41.28
N ARG F 307 37.68 5.38 40.26
CA ARG F 307 38.70 6.30 40.69
C ARG F 307 38.29 7.74 40.42
N VAL F 308 38.62 8.63 41.35
CA VAL F 308 38.44 10.09 41.19
C VAL F 308 39.80 10.77 41.35
N ILE F 309 40.25 11.42 40.28
CA ILE F 309 41.54 12.12 40.21
C ILE F 309 41.31 13.63 40.11
N ALA F 310 41.91 14.36 41.04
CA ALA F 310 41.95 15.82 40.99
C ALA F 310 43.28 16.30 40.41
N ILE F 311 43.23 17.21 39.44
CA ILE F 311 44.45 17.87 38.93
C ILE F 311 44.35 19.33 39.34
N ALA F 312 45.35 19.81 40.07
CA ALA F 312 45.29 21.15 40.67
C ALA F 312 46.65 21.79 40.81
N ALA F 313 46.67 23.13 40.84
CA ALA F 313 47.93 23.86 41.07
C ALA F 313 48.34 23.75 42.56
N GLU F 314 47.37 23.72 43.46
CA GLU F 314 47.62 23.75 44.90
C GLU F 314 46.99 22.52 45.53
N SER F 315 47.71 21.85 46.41
CA SER F 315 47.10 20.78 47.17
C SER F 315 46.12 21.36 48.19
N SER F 316 45.24 20.53 48.68
CA SER F 316 44.38 20.90 49.79
C SER F 316 43.98 19.61 50.43
N ASP F 317 43.32 19.68 51.57
CA ASP F 317 42.84 18.47 52.24
C ASP F 317 41.96 17.64 51.30
N ILE F 318 41.03 18.29 50.60
CA ILE F 318 40.14 17.58 49.71
C ILE F 318 40.91 17.00 48.52
N VAL F 319 41.78 17.80 47.92
CA VAL F 319 42.57 17.32 46.78
C VAL F 319 43.43 16.14 47.22
N ALA F 320 44.03 16.24 48.40
CA ALA F 320 44.95 15.21 48.89
C ALA F 320 44.27 13.95 49.45
N ALA F 321 42.95 13.98 49.63
CA ALA F 321 42.22 12.88 50.27
C ALA F 321 41.80 11.80 49.27
N GLY F 322 42.58 11.67 48.21
CA GLY F 322 42.43 10.59 47.24
C GLY F 322 43.37 10.88 46.07
N PRO F 323 43.26 10.12 44.99
CA PRO F 323 44.19 10.29 43.87
C PRO F 323 44.21 11.72 43.33
N HIS F 324 45.41 12.22 43.07
CA HIS F 324 45.60 13.58 42.64
C HIS F 324 46.93 13.79 41.93
N ILE F 325 46.98 14.86 41.13
CA ILE F 325 48.18 15.30 40.45
C ILE F 325 48.31 16.78 40.74
N ILE F 326 49.42 17.19 41.34
CA ILE F 326 49.68 18.60 41.58
C ILE F 326 50.59 19.11 40.46
N LEU F 327 50.22 20.22 39.85
CA LEU F 327 50.94 20.75 38.71
C LEU F 327 52.37 21.20 39.10
N PRO F 328 53.33 21.16 38.15
CA PRO F 328 54.64 21.70 38.47
C PRO F 328 54.55 23.13 38.99
N PRO F 329 55.42 23.51 39.92
CA PRO F 329 55.39 24.84 40.51
C PRO F 329 55.50 25.90 39.44
N SER F 330 54.74 26.98 39.56
CA SER F 330 54.85 28.08 38.63
C SER F 330 54.22 29.30 39.25
N ARG F 331 54.30 30.41 38.52
CA ARG F 331 53.49 31.56 38.89
C ARG F 331 52.00 31.20 38.83
N HIS F 332 51.16 32.12 39.32
CA HIS F 332 49.73 31.97 39.20
C HIS F 332 49.33 31.98 37.71
N PHE F 333 48.53 30.99 37.31
CA PHE F 333 47.98 30.90 35.95
C PHE F 333 46.48 31.19 36.02
N ILE F 334 45.97 31.95 35.05
CA ILE F 334 44.53 32.04 34.88
C ILE F 334 43.99 30.75 34.20
N ASP F 335 42.68 30.56 34.20
CA ASP F 335 42.12 29.27 33.77
C ASP F 335 42.39 28.96 32.26
N VAL F 336 42.43 30.00 31.41
CA VAL F 336 42.77 29.82 29.99
C VAL F 336 44.22 29.35 29.80
N GLU F 337 45.12 29.71 30.73
CA GLU F 337 46.49 29.21 30.74
C GLU F 337 46.54 27.79 31.27
N GLN F 338 45.83 27.52 32.38
CA GLN F 338 45.74 26.17 32.93
C GLN F 338 45.20 25.15 31.94
N ALA F 339 44.32 25.59 31.05
CA ALA F 339 43.75 24.70 30.04
C ALA F 339 44.84 23.89 29.31
N PHE F 340 45.92 24.56 28.94
CA PHE F 340 47.07 23.91 28.30
C PHE F 340 47.67 22.81 29.19
N CYS F 341 47.84 23.10 30.47
CA CYS F 341 48.38 22.10 31.41
C CYS F 341 47.49 20.86 31.50
N PHE F 342 46.19 21.06 31.71
CA PHE F 342 45.25 19.95 31.78
C PHE F 342 45.27 19.13 30.51
N LEU F 343 45.36 19.81 29.36
CA LEU F 343 45.38 19.07 28.10
C LEU F 343 46.58 18.13 27.94
N TYR F 345 47.93 16.24 30.12
CA TYR F 345 47.58 14.99 30.79
C TYR F 345 46.52 14.23 29.99
N ALA F 346 45.48 14.94 29.55
CA ALA F 346 44.42 14.33 28.79
C ALA F 346 44.89 13.74 27.47
N GLN F 347 45.79 14.42 26.76
CA GLN F 347 46.31 13.92 25.46
C GLN F 347 47.14 12.66 25.63
N THR F 348 48.04 12.71 26.59
CA THR F 348 48.95 11.60 26.85
C THR F 348 48.19 10.41 27.41
N PHE F 349 47.20 10.66 28.28
CA PHE F 349 46.34 9.56 28.77
C PHE F 349 45.65 8.84 27.60
N ALA F 350 45.04 9.61 26.70
CA ALA F 350 44.32 9.02 25.57
C ALA F 350 45.27 8.23 24.64
N LEU F 351 46.43 8.81 24.34
CA LEU F 351 47.46 8.11 23.54
C LEU F 351 47.78 6.75 24.14
N GLN F 353 46.17 4.93 26.51
CA GLN F 353 45.04 4.01 26.58
C GLN F 353 44.87 3.33 25.21
N SER F 354 45.10 4.09 24.15
CA SER F 354 45.01 3.58 22.79
C SER F 354 46.05 2.49 22.53
N LEU F 355 47.30 2.78 22.84
CA LEU F 355 48.38 1.81 22.68
C LEU F 355 48.16 0.58 23.55
N HIS F 356 47.73 0.79 24.79
CA HIS F 356 47.55 -0.30 25.74
C HIS F 356 46.55 -1.34 25.28
N GLY F 358 46.01 -2.09 22.28
CA GLY F 358 46.48 -2.65 21.02
C GLY F 358 46.03 -1.86 19.82
N ASN F 359 45.56 -0.64 20.01
CA ASN F 359 45.12 0.18 18.88
C ASN F 359 46.29 0.91 18.20
N THR F 360 46.04 1.43 17.01
CA THR F 360 47.00 2.28 16.29
C THR F 360 46.49 3.74 16.36
N PRO F 361 46.97 4.53 17.34
CA PRO F 361 46.40 5.85 17.61
C PRO F 361 46.50 6.85 16.47
N ASP F 362 47.48 6.72 15.58
CA ASP F 362 47.60 7.67 14.47
C ASP F 362 46.45 7.49 13.48
N THR F 363 45.97 6.24 13.42
CA THR F 363 44.79 5.81 12.66
C THR F 363 43.94 4.82 13.53
N PRO F 364 43.17 5.34 14.50
CA PRO F 364 42.45 4.44 15.43
C PRO F 364 41.08 3.98 14.92
N GLY F 376 31.36 11.14 4.14
CA GLY F 376 31.31 12.31 5.02
C GLY F 376 30.29 13.37 4.61
N VAL F 377 30.49 14.58 5.09
CA VAL F 377 29.54 15.67 4.87
C VAL F 377 29.41 16.05 3.37
N ILE F 378 28.17 16.27 2.95
CA ILE F 378 27.88 16.92 1.68
C ILE F 378 27.41 18.34 2.02
N ILE F 379 28.04 19.34 1.42
CA ILE F 379 27.60 20.72 1.56
C ILE F 379 26.49 21.01 0.55
N HIS F 380 25.39 21.55 1.05
CA HIS F 380 24.26 21.96 0.21
C HIS F 380 24.25 23.47 0.17
N PRO F 381 24.03 24.06 -1.02
CA PRO F 381 24.02 25.51 -1.13
C PRO F 381 22.76 26.11 -0.52
N TRP F 382 22.92 27.27 0.10
CA TRP F 382 21.79 27.99 0.65
C TRP F 382 20.88 28.46 -0.50
N GLN F 383 21.48 28.92 -1.59
CA GLN F 383 20.76 29.27 -2.80
C GLN F 383 20.69 28.01 -3.66
N ALA F 384 19.51 27.40 -3.65
CA ALA F 384 19.29 26.10 -4.24
C ALA F 384 19.39 26.15 -5.76
#